data_5LDN
#
_entry.id   5LDN
#
_cell.length_a   156.999
_cell.length_b   156.999
_cell.length_c   144.891
_cell.angle_alpha   90.000
_cell.angle_beta   90.000
_cell.angle_gamma   120.000
#
_symmetry.space_group_name_H-M   'P 63'
#
loop_
_entity.id
_entity.type
_entity.pdbx_description
1 polymer 'Hexon protein,hexon capsid'
2 polymer antibody
3 polymer antibody
4 water water
#
loop_
_entity_poly.entity_id
_entity_poly.type
_entity_poly.pdbx_seq_one_letter_code
_entity_poly.pdbx_strand_id
1 'polypeptide(L)'
;PQWSYMHISGQDASEYLSPGLVQFARATETYFSLNNKFRNPTVAPTHDVTTDRSQRLTLRFIPVDREDTAYSYKARFTLA
VGDNRVLDMASTYFDIRGVLDRGPTFKPYSGTAYNALAPKGAPNPCEWDEAATALEINLAQAEQKTHVFGQAPYSGINIT
KEGIQIGVEGQTPKYADKTFQPEPQIGESQWYETEINHAAGRVLKKTTPMKPCYGSYAKPTNENGGQGILVKQQNGKLES
QVEMQFFSTTEATAGNGDNLTPKVVLYSEDVDIETPDTHISYMPTIKEGNSRELMGQQSMPNRPNYIAFRDNFIGLMYYN
STGNMGVLAGQASQLNAVVDLQDRNTELSYQLLLDSIGDRTRYFSMWNQAVDSYDPDVRIIENHGTEDELPNYCFPLGGV
INTETLTKVKPKTGQENGWEKDATEFSDKNEIRVGNNFAMEINLNANLWRNFLYSNIALYLPDKLKYSPSNVKISDNPNT
YDYMNKRVVAPGLVDCYINLGARWSLDYMDNVNPFNHHRNAGLRYRSMLLGNGRYVPFHIQVPQKFFAIKNLLLLPGSYT
YEWNFRKDVNMVLQSSLGNDLRVDGASIKFDSICLYATFFPMAHNTASTLEAMLRNDTNDQSFNDYLSAANMLYPIPANA
TNVPISIPSRNWAAFRGWAFTRLKTKETPSLGSGYDPYYTYSGSIPYLDGTFYLNHTFKKVAITFDSSVSWPGNDRLLTP
NEFEIKRSVDGEGYNVAQCNMTKDWFLVQMLANYNIGYQGFYIPESYKDRMYSFFRNFQPMSRQVVDDTKYKDYQQVGIL
HQHNNSGFVGYLAPTMREGQAYPANFPYPLIGKTAVDSITQKKFLCDRTLWRIPFSSNFMSMGALTDLGQNLLYANSAHA
LDMTFEVDPMDEPTLLYVLFEVFDVVRVHRPHRGVIETVYLRTPFSA
;
A
2 'polypeptide(L)'
;NIVMTQTPKFLLVSIGDSITITCKASQSVTNDAAWYQKKPGQSPQLLIYQASTRYTGVPDRFSGSGYGTDFTFTISAVQA
EDLAVYFCHQDYSSPLTFGAGTKLELKRADAAPTVSIFPPSSEQLTSGGASVVCFLNNFYPKDINVKWKIDGSERQNGVL
NSWTDQDSKDSTYSMSSTLTLTKDEYERHNSYTCEATHKTSTSPIVKSFNRNE
;
L
3 'polypeptide(L)'
;VQLKQSGPGLLQPSQRLSITCTVSGFSLGRYGVHWIRQSPGKGLEWLGVIWRGGTTDYNAVFMSRLSINKDDSKSQVFFT
MNSLRPDDTAIYYCARQGSNFPLAYWGQGTLVTVSAAKTTPPSVYPLAPGSAAQTNSMVTLGCLVKGYFPEPVTVTWNSG
SLSSGVHTFPAVLQSDLYTLSSSVTVPSSTWPSQTVTCNVAHPASSTKVDKKIVPRDC
;
H
#
# COMPACT_ATOMS: atom_id res chain seq x y z
N PRO A 1 -4.89 41.89 -62.35
CA PRO A 1 -6.03 42.33 -63.18
C PRO A 1 -6.76 43.59 -62.66
N GLN A 2 -7.41 43.44 -61.50
CA GLN A 2 -8.17 44.50 -60.80
C GLN A 2 -7.44 44.95 -59.54
N TRP A 3 -6.26 44.33 -59.32
CA TRP A 3 -5.51 44.44 -58.08
C TRP A 3 -5.06 45.84 -57.78
N SER A 4 -4.51 46.51 -58.78
CA SER A 4 -4.07 47.91 -58.68
C SER A 4 -5.19 48.88 -58.25
N TYR A 5 -6.42 48.62 -58.65
CA TYR A 5 -7.57 49.48 -58.27
C TYR A 5 -7.99 49.31 -56.81
N MET A 6 -7.98 48.05 -56.32
CA MET A 6 -8.24 47.73 -54.91
C MET A 6 -7.03 47.82 -53.98
N HIS A 7 -5.87 48.15 -54.54
CA HIS A 7 -4.63 48.39 -53.79
C HIS A 7 -4.05 47.11 -53.19
N ILE A 8 -4.39 45.99 -53.81
CA ILE A 8 -3.75 44.70 -53.60
C ILE A 8 -2.33 44.70 -54.20
N SER A 9 -2.14 45.47 -55.27
CA SER A 9 -0.80 45.74 -55.83
C SER A 9 -0.64 47.22 -56.16
N GLY A 10 0.49 47.56 -56.75
CA GLY A 10 0.68 48.88 -57.28
C GLY A 10 1.46 49.73 -56.31
N GLN A 11 1.03 50.97 -56.15
CA GLN A 11 1.81 51.95 -55.44
C GLN A 11 1.27 52.08 -54.03
N ASP A 12 2.13 52.67 -53.18
CA ASP A 12 1.72 53.18 -51.88
C ASP A 12 0.81 54.38 -52.02
N ALA A 13 0.21 54.77 -50.91
CA ALA A 13 -0.66 55.89 -50.90
C ALA A 13 0.11 57.15 -51.17
N SER A 14 1.38 57.19 -50.75
CA SER A 14 2.17 58.41 -50.93
C SER A 14 2.41 58.77 -52.41
N GLU A 15 2.08 57.85 -53.32
CA GLU A 15 2.17 58.07 -54.76
C GLU A 15 0.80 58.11 -55.49
N TYR A 16 -0.16 57.25 -55.12
CA TYR A 16 -1.43 57.22 -55.84
C TYR A 16 -2.40 58.33 -55.44
N LEU A 17 -2.28 58.86 -54.23
CA LEU A 17 -3.06 60.02 -53.83
C LEU A 17 -2.47 61.29 -54.46
N SER A 18 -3.26 62.35 -54.45
CA SER A 18 -2.85 63.64 -54.99
C SER A 18 -1.81 64.25 -54.04
N PRO A 19 -0.83 65.02 -54.57
CA PRO A 19 0.22 65.61 -53.76
C PRO A 19 -0.32 66.58 -52.74
N GLY A 20 -1.39 67.29 -53.07
CA GLY A 20 -2.04 68.20 -52.14
C GLY A 20 -2.53 67.44 -50.92
N LEU A 21 -3.12 66.25 -51.18
CA LEU A 21 -3.63 65.44 -50.07
C LEU A 21 -2.47 64.89 -49.24
N VAL A 22 -1.42 64.42 -49.92
CA VAL A 22 -0.32 63.77 -49.27
C VAL A 22 0.38 64.73 -48.31
N GLN A 23 0.65 65.93 -48.84
CA GLN A 23 1.32 66.96 -48.02
C GLN A 23 0.49 67.31 -46.83
N PHE A 24 -0.83 67.44 -47.06
CA PHE A 24 -1.78 67.76 -45.99
C PHE A 24 -1.68 66.71 -44.87
N ALA A 25 -1.67 65.45 -45.29
CA ALA A 25 -1.60 64.32 -44.39
C ALA A 25 -0.31 64.37 -43.55
N ARG A 26 0.77 64.65 -44.26
CA ARG A 26 2.09 64.76 -43.62
C ARG A 26 2.06 65.84 -42.55
N ALA A 27 1.46 67.00 -42.88
CA ALA A 27 1.32 68.10 -41.98
C ALA A 27 0.47 67.84 -40.74
N THR A 28 -0.65 67.14 -40.87
CA THR A 28 -1.60 66.99 -39.75
C THR A 28 -1.41 65.68 -38.95
N GLU A 29 -0.30 64.97 -39.22
CA GLU A 29 -0.13 63.57 -38.79
C GLU A 29 -0.25 63.34 -37.30
N THR A 30 0.19 64.32 -36.51
CA THR A 30 0.34 64.21 -35.09
C THR A 30 -0.88 64.68 -34.33
N TYR A 31 -1.82 65.31 -35.03
CA TYR A 31 -3.07 65.68 -34.40
C TYR A 31 -4.37 65.28 -35.09
N PHE A 32 -4.31 64.88 -36.34
CA PHE A 32 -5.48 64.33 -37.02
C PHE A 32 -5.00 63.41 -38.15
N SER A 33 -4.89 62.12 -37.86
CA SER A 33 -4.19 61.18 -38.74
C SER A 33 -5.13 60.69 -39.82
N LEU A 34 -4.63 60.60 -41.05
CA LEU A 34 -5.41 60.10 -42.18
C LEU A 34 -4.88 58.83 -42.73
N ASN A 35 -3.70 58.39 -42.31
CA ASN A 35 -3.04 57.32 -43.07
C ASN A 35 -3.64 55.91 -42.93
N ASN A 36 -4.41 55.63 -41.89
CA ASN A 36 -5.18 54.37 -41.83
C ASN A 36 -6.40 54.31 -42.76
N LYS A 37 -6.72 55.40 -43.47
CA LYS A 37 -7.79 55.40 -44.48
C LYS A 37 -7.38 54.98 -45.90
N PHE A 38 -6.09 54.90 -46.17
CA PHE A 38 -5.65 54.52 -47.51
C PHE A 38 -4.71 53.30 -47.51
N ARG A 39 -5.13 52.23 -48.18
CA ARG A 39 -4.33 51.02 -48.29
C ARG A 39 -2.95 51.21 -48.90
N ASN A 40 -2.01 50.36 -48.49
CA ASN A 40 -0.69 50.23 -49.11
C ASN A 40 -0.52 48.74 -49.43
N PRO A 41 -0.05 48.42 -50.63
CA PRO A 41 0.11 46.99 -50.92
C PRO A 41 1.44 46.48 -50.39
N THR A 42 1.53 45.18 -50.18
CA THR A 42 2.80 44.55 -49.89
C THR A 42 2.82 43.35 -50.80
N VAL A 43 3.87 43.26 -51.63
CA VAL A 43 3.90 42.27 -52.69
C VAL A 43 5.17 41.49 -52.63
N ALA A 44 5.05 40.17 -52.62
CA ALA A 44 6.22 39.32 -52.46
C ALA A 44 6.94 39.16 -53.80
N PRO A 45 8.28 39.02 -53.76
CA PRO A 45 9.07 38.84 -54.98
C PRO A 45 8.73 37.53 -55.65
N THR A 46 8.87 37.46 -56.98
CA THR A 46 8.39 36.26 -57.74
C THR A 46 9.47 35.43 -58.42
N HIS A 47 10.72 35.85 -58.33
CA HIS A 47 11.82 35.15 -58.94
C HIS A 47 13.13 35.46 -58.20
N ASP A 48 14.12 34.60 -58.39
CA ASP A 48 15.45 34.71 -57.78
C ASP A 48 15.51 34.47 -56.26
N VAL A 49 14.39 34.07 -55.63
CA VAL A 49 14.32 33.90 -54.18
C VAL A 49 14.29 32.42 -53.87
N THR A 50 13.25 31.73 -54.30
CA THR A 50 13.15 30.27 -54.05
C THR A 50 13.19 29.41 -55.31
N THR A 51 13.66 28.17 -55.19
CA THR A 51 13.54 27.17 -56.27
C THR A 51 12.16 26.58 -56.42
N ASP A 52 11.82 26.12 -57.63
CA ASP A 52 10.59 25.32 -57.84
C ASP A 52 10.95 23.85 -58.19
N ARG A 53 12.23 23.53 -58.06
CA ARG A 53 12.71 22.19 -58.35
C ARG A 53 12.52 21.40 -57.05
N SER A 54 12.35 20.08 -57.20
CA SER A 54 12.13 19.14 -56.10
C SER A 54 13.33 19.20 -55.16
N GLN A 55 13.09 19.38 -53.86
CA GLN A 55 14.14 19.65 -52.88
C GLN A 55 13.65 19.56 -51.42
N ARG A 56 14.22 18.63 -50.66
CA ARG A 56 13.98 18.53 -49.20
C ARG A 56 14.29 19.84 -48.48
N LEU A 57 13.40 20.26 -47.58
CA LEU A 57 13.67 21.34 -46.64
C LEU A 57 14.61 20.88 -45.55
N THR A 58 14.47 19.63 -45.12
CA THR A 58 15.25 19.10 -43.99
C THR A 58 15.91 17.74 -44.31
N LEU A 59 17.17 17.61 -43.94
CA LEU A 59 17.89 16.34 -44.08
C LEU A 59 18.31 15.65 -42.74
N ARG A 60 18.04 14.36 -42.64
CA ARG A 60 18.44 13.56 -41.50
C ARG A 60 19.69 12.73 -41.89
N PHE A 61 20.80 12.96 -41.19
CA PHE A 61 22.01 12.15 -41.33
C PHE A 61 22.23 11.20 -40.15
N ILE A 62 22.17 9.91 -40.47
CA ILE A 62 22.56 8.81 -39.58
C ILE A 62 24.09 8.79 -39.50
N PRO A 63 24.65 8.36 -38.37
CA PRO A 63 26.13 8.36 -38.36
C PRO A 63 26.74 7.26 -39.25
N VAL A 64 27.98 7.48 -39.63
CA VAL A 64 28.79 6.53 -40.41
C VAL A 64 29.77 5.78 -39.53
N ASP A 65 30.21 6.41 -38.44
CA ASP A 65 31.06 5.79 -37.43
C ASP A 65 30.63 6.20 -35.99
N ARG A 66 30.68 5.26 -35.05
CA ARG A 66 30.33 5.53 -33.65
C ARG A 66 31.14 4.71 -32.64
N GLU A 67 31.88 5.37 -31.74
CA GLU A 67 32.61 4.68 -30.65
C GLU A 67 32.05 5.02 -29.28
N ASP A 68 31.75 4.00 -28.47
CA ASP A 68 31.35 4.17 -27.07
C ASP A 68 32.49 3.93 -26.11
N THR A 69 32.47 4.63 -24.98
CA THR A 69 33.23 4.25 -23.78
C THR A 69 32.23 4.18 -22.61
N ALA A 70 32.71 3.80 -21.42
CA ALA A 70 31.86 3.84 -20.21
C ALA A 70 31.30 5.26 -19.92
N TYR A 71 32.09 6.31 -20.19
CA TYR A 71 31.76 7.67 -19.82
C TYR A 71 31.54 8.66 -20.97
N SER A 72 31.53 8.16 -22.21
CA SER A 72 31.51 9.03 -23.41
C SER A 72 31.17 8.31 -24.69
N TYR A 73 30.73 9.07 -25.71
CA TYR A 73 30.55 8.51 -27.04
C TYR A 73 30.76 9.53 -28.12
N LYS A 74 31.25 9.04 -29.25
CA LYS A 74 31.79 9.87 -30.33
C LYS A 74 30.93 9.48 -31.53
N ALA A 75 30.33 10.45 -32.19
CA ALA A 75 29.43 10.16 -33.30
C ALA A 75 29.92 11.00 -34.46
N ARG A 76 30.14 10.34 -35.60
CA ARG A 76 30.72 10.96 -36.81
C ARG A 76 29.69 10.92 -37.92
N PHE A 77 29.55 12.04 -38.62
CA PHE A 77 28.53 12.23 -39.66
C PHE A 77 29.18 12.78 -40.89
N THR A 78 28.55 12.49 -42.02
CA THR A 78 28.96 13.05 -43.30
C THR A 78 27.90 14.08 -43.69
N LEU A 79 28.18 15.31 -43.31
CA LEU A 79 27.28 16.42 -43.57
C LEU A 79 27.42 16.82 -45.01
N ALA A 80 26.32 16.69 -45.75
CA ALA A 80 26.35 16.81 -47.21
C ALA A 80 25.56 18.03 -47.69
N VAL A 81 26.28 19.04 -48.13
CA VAL A 81 25.65 20.18 -48.76
C VAL A 81 25.76 19.98 -50.28
N GLY A 82 24.63 19.74 -50.92
CA GLY A 82 24.62 19.50 -52.34
C GLY A 82 24.95 20.74 -53.17
N ASP A 83 25.00 20.53 -54.48
CA ASP A 83 25.10 21.64 -55.39
C ASP A 83 23.83 22.48 -55.20
N ASN A 84 23.98 23.78 -55.36
CA ASN A 84 22.88 24.75 -55.35
C ASN A 84 22.14 24.84 -54.01
N ARG A 85 22.82 24.49 -52.91
CA ARG A 85 22.26 24.65 -51.59
C ARG A 85 23.28 25.43 -50.80
N VAL A 86 22.79 26.20 -49.84
CA VAL A 86 23.63 26.76 -48.80
C VAL A 86 23.08 26.28 -47.45
N LEU A 87 23.99 26.09 -46.50
CA LEU A 87 23.60 25.65 -45.16
C LEU A 87 24.10 26.57 -44.05
N ASP A 88 23.16 27.25 -43.37
CA ASP A 88 23.46 27.89 -42.09
C ASP A 88 23.58 26.84 -40.98
N MET A 89 24.72 26.82 -40.30
CA MET A 89 25.00 25.85 -39.23
C MET A 89 24.08 25.97 -37.99
N ALA A 90 23.51 27.15 -37.77
CA ALA A 90 22.51 27.40 -36.72
C ALA A 90 21.28 26.54 -36.85
N SER A 91 20.98 26.12 -38.09
CA SER A 91 19.85 25.23 -38.33
C SER A 91 20.14 23.77 -38.03
N THR A 92 21.37 23.45 -37.67
CA THR A 92 21.75 22.07 -37.43
C THR A 92 21.64 21.82 -35.93
N TYR A 93 21.43 20.55 -35.60
CA TYR A 93 21.48 20.06 -34.23
C TYR A 93 21.59 18.54 -34.18
N PHE A 94 22.04 18.04 -33.04
CA PHE A 94 22.04 16.62 -32.76
C PHE A 94 20.76 16.18 -32.06
N ASP A 95 20.19 15.09 -32.55
CA ASP A 95 18.89 14.61 -32.17
C ASP A 95 19.17 13.30 -31.48
N ILE A 96 18.99 13.30 -30.15
CA ILE A 96 19.39 12.18 -29.30
C ILE A 96 18.18 11.50 -28.63
N ARG A 97 18.11 10.18 -28.77
CA ARG A 97 17.12 9.36 -28.08
C ARG A 97 17.82 8.38 -27.21
N GLY A 98 17.27 8.18 -26.01
CA GLY A 98 17.87 7.33 -24.99
C GLY A 98 16.94 6.94 -23.86
N VAL A 99 17.52 6.37 -22.81
CA VAL A 99 16.81 5.97 -21.65
C VAL A 99 17.59 6.49 -20.46
N LEU A 100 16.92 7.31 -19.68
CA LEU A 100 17.43 7.86 -18.41
C LEU A 100 16.76 7.15 -17.28
N ASP A 101 17.51 6.94 -16.21
CA ASP A 101 16.98 6.51 -14.92
C ASP A 101 17.48 7.56 -13.92
N ARG A 102 16.57 8.32 -13.31
CA ARG A 102 17.01 9.40 -12.41
C ARG A 102 17.39 8.85 -11.02
N GLY A 103 17.13 7.57 -10.82
CA GLY A 103 17.56 6.92 -9.61
C GLY A 103 16.57 7.08 -8.49
N PRO A 104 16.85 6.43 -7.39
CA PRO A 104 15.89 6.44 -6.30
C PRO A 104 15.86 7.76 -5.50
N THR A 105 16.83 8.66 -5.65
CA THR A 105 16.80 9.93 -4.90
C THR A 105 15.97 11.07 -5.57
N PHE A 106 15.41 10.80 -6.74
CA PHE A 106 14.59 11.76 -7.43
C PHE A 106 13.17 11.85 -6.82
N LYS A 107 12.76 13.06 -6.49
CA LYS A 107 11.48 13.29 -5.84
C LYS A 107 10.98 14.70 -6.22
N PRO A 108 10.17 14.80 -7.28
CA PRO A 108 9.80 16.09 -7.81
C PRO A 108 8.55 16.73 -7.11
N TYR A 109 8.53 16.68 -5.80
CA TYR A 109 7.44 17.29 -5.07
C TYR A 109 7.78 17.35 -3.60
N SER A 110 7.11 18.21 -2.87
CA SER A 110 7.29 18.18 -1.44
C SER A 110 6.12 17.38 -0.87
N GLY A 111 6.35 16.75 0.25
CA GLY A 111 5.28 16.07 0.95
C GLY A 111 5.26 14.64 0.52
N THR A 112 4.12 14.00 0.77
CA THR A 112 3.93 12.58 0.52
C THR A 112 2.73 12.40 -0.38
N ALA A 113 2.73 11.29 -1.11
CA ALA A 113 1.56 10.89 -1.88
C ALA A 113 0.53 10.12 -1.07
N TYR A 114 0.86 9.74 0.16
CA TYR A 114 0.09 8.76 0.88
C TYR A 114 -0.32 9.25 2.25
N ASN A 115 -1.62 9.34 2.44
CA ASN A 115 -2.19 9.73 3.69
C ASN A 115 -1.68 11.08 4.24
N ALA A 116 -1.63 12.07 3.35
CA ALA A 116 -1.08 13.39 3.68
C ALA A 116 -1.83 14.06 4.81
N LEU A 117 -3.09 13.71 4.98
CA LEU A 117 -3.90 14.36 6.01
C LEU A 117 -3.78 13.73 7.39
N ALA A 118 -3.11 12.60 7.47
CA ALA A 118 -3.07 11.89 8.73
C ALA A 118 -2.10 12.61 9.63
N PRO A 119 -2.49 12.80 10.90
CA PRO A 119 -1.50 13.37 11.84
C PRO A 119 -0.22 12.53 11.83
N LYS A 120 0.90 13.22 11.81
CA LYS A 120 2.19 12.65 11.47
C LYS A 120 2.71 11.61 12.41
N GLY A 121 2.09 11.50 13.58
CA GLY A 121 2.43 10.46 14.55
C GLY A 121 1.34 9.44 14.74
N ALA A 122 0.33 9.48 13.91
CA ALA A 122 -0.80 8.60 14.12
C ALA A 122 -0.41 7.28 13.54
N PRO A 123 -0.51 6.20 14.31
CA PRO A 123 -0.22 4.86 13.79
C PRO A 123 -1.33 4.31 12.94
N ASN A 124 -0.99 3.41 12.03
CA ASN A 124 -1.98 2.53 11.43
C ASN A 124 -2.51 1.53 12.46
N PRO A 125 -3.71 0.95 12.25
CA PRO A 125 -4.25 -0.07 13.13
C PRO A 125 -3.38 -1.31 13.11
N CYS A 126 -2.96 -1.77 14.28
CA CYS A 126 -1.81 -2.63 14.34
C CYS A 126 -1.85 -3.52 15.54
N GLU A 127 -1.05 -4.58 15.50
CA GLU A 127 -0.92 -5.53 16.61
C GLU A 127 0.55 -5.77 16.92
N TRP A 128 0.84 -6.10 18.17
CA TRP A 128 2.18 -6.36 18.65
C TRP A 128 2.14 -7.27 19.89
N ASP A 129 3.20 -8.04 20.11
CA ASP A 129 3.31 -8.89 21.30
C ASP A 129 4.05 -8.16 22.40
N GLU A 130 3.59 -8.25 23.64
CA GLU A 130 4.43 -7.92 24.79
C GLU A 130 4.24 -8.88 25.93
N ALA A 131 5.22 -8.94 26.83
CA ALA A 131 5.07 -9.54 28.18
C ALA A 131 3.97 -8.78 28.92
N ALA A 132 3.49 -9.15 30.13
CA ALA A 132 4.03 -10.10 31.13
C ALA A 132 2.93 -10.38 32.18
N THR A 133 2.89 -9.62 33.29
CA THR A 133 2.27 -10.06 34.59
C THR A 133 0.72 -10.02 34.64
N ALA A 134 0.16 -10.40 35.80
CA ALA A 134 -1.28 -10.69 35.96
C ALA A 134 -1.75 -11.70 34.90
N LEU A 135 -0.94 -12.75 34.75
CA LEU A 135 -1.13 -13.79 33.73
C LEU A 135 -1.86 -14.99 34.33
N GLU A 136 -1.45 -15.40 35.54
CA GLU A 136 -2.08 -16.50 36.31
C GLU A 136 -1.88 -17.89 35.65
N ILE A 137 -0.83 -18.62 36.07
CA ILE A 137 -0.61 -20.03 35.63
C ILE A 137 -1.81 -20.98 35.94
N ASN A 138 -2.35 -21.12 37.17
CA ASN A 138 -1.82 -20.73 38.51
C ASN A 138 -2.59 -21.55 39.60
N LEU A 139 -3.88 -21.27 39.77
CA LEU A 139 -4.72 -21.88 40.82
C LEU A 139 -6.17 -22.07 40.36
N ALA A 140 8.86 -21.63 27.20
CA ALA A 140 8.52 -20.22 27.06
C ALA A 140 9.53 -19.33 27.80
N GLN A 141 10.19 -18.40 27.07
CA GLN A 141 11.13 -17.45 27.70
C GLN A 141 10.34 -16.49 28.58
N ALA A 142 9.69 -15.50 27.97
CA ALA A 142 8.68 -14.69 28.64
C ALA A 142 7.35 -14.97 27.94
N GLU A 143 6.30 -15.36 28.68
CA GLU A 143 4.91 -15.35 28.18
C GLU A 143 4.58 -13.98 27.52
N GLN A 144 4.46 -13.98 26.18
CA GLN A 144 3.97 -12.84 25.41
C GLN A 144 2.43 -12.82 25.42
N LYS A 145 1.84 -11.63 25.37
CA LYS A 145 0.45 -11.45 24.96
C LYS A 145 0.33 -10.43 23.80
N THR A 146 -0.60 -10.67 22.88
CA THR A 146 -0.77 -9.82 21.68
C THR A 146 -1.75 -8.69 22.00
N HIS A 147 -1.36 -7.46 21.71
CA HIS A 147 -2.24 -6.28 21.84
C HIS A 147 -2.74 -5.73 20.49
N VAL A 148 -3.93 -5.16 20.54
CA VAL A 148 -4.52 -4.55 19.34
C VAL A 148 -4.86 -3.12 19.61
N PHE A 149 -4.51 -2.29 18.68
CA PHE A 149 -4.95 -0.90 18.65
C PHE A 149 -5.56 -0.74 17.29
N GLY A 150 -6.82 -0.33 17.26
CA GLY A 150 -7.55 -0.26 16.01
C GLY A 150 -8.88 0.44 15.99
N GLN A 151 -9.50 0.33 14.83
CA GLN A 151 -10.67 1.06 14.49
C GLN A 151 -11.66 0.21 13.67
N ALA A 152 -12.94 0.36 13.95
CA ALA A 152 -13.99 -0.35 13.25
C ALA A 152 -15.08 0.62 12.82
N PRO A 153 -14.88 1.26 11.65
CA PRO A 153 -15.82 2.26 11.19
C PRO A 153 -17.06 1.70 10.54
N TYR A 154 -17.03 0.46 10.06
CA TYR A 154 -18.18 -0.09 9.36
C TYR A 154 -19.22 -0.62 10.32
N SER A 155 -20.46 -0.25 10.08
CA SER A 155 -21.57 -0.63 10.92
C SER A 155 -22.38 -1.60 10.08
N GLY A 156 -22.51 -2.83 10.58
CA GLY A 156 -23.22 -3.90 9.88
C GLY A 156 -24.51 -4.31 10.57
N ILE A 157 -25.18 -5.28 9.97
CA ILE A 157 -26.46 -5.81 10.42
C ILE A 157 -26.28 -6.78 11.60
N ASN A 158 -25.31 -7.67 11.50
CA ASN A 158 -25.08 -8.65 12.55
C ASN A 158 -23.61 -9.12 12.47
N ILE A 159 -23.15 -9.84 13.51
CA ILE A 159 -21.85 -10.53 13.45
C ILE A 159 -22.00 -11.98 13.86
N THR A 160 -21.53 -12.88 13.00
CA THR A 160 -21.55 -14.33 13.24
C THR A 160 -20.16 -14.88 13.06
N LYS A 161 -20.01 -16.18 13.34
CA LYS A 161 -18.78 -16.88 13.00
C LYS A 161 -18.45 -16.71 11.50
N GLU A 162 -19.44 -16.38 10.68
CA GLU A 162 -19.19 -16.08 9.26
C GLU A 162 -18.71 -14.69 8.92
N GLY A 163 -18.65 -13.80 9.88
CA GLY A 163 -18.11 -12.44 9.70
C GLY A 163 -19.18 -11.39 9.95
N ILE A 164 -18.92 -10.18 9.53
CA ILE A 164 -19.94 -9.11 9.61
C ILE A 164 -20.95 -9.31 8.45
N GLN A 165 -22.23 -9.24 8.76
CA GLN A 165 -23.24 -9.26 7.72
C GLN A 165 -23.38 -7.85 7.10
N ILE A 166 -23.35 -7.76 5.78
CA ILE A 166 -23.40 -6.49 5.08
C ILE A 166 -24.68 -6.27 4.28
N GLY A 167 -25.57 -7.26 4.22
CA GLY A 167 -26.85 -7.11 3.52
C GLY A 167 -27.63 -8.39 3.36
N VAL A 168 -28.52 -8.45 2.37
CA VAL A 168 -29.39 -9.64 2.21
C VAL A 168 -29.45 -10.28 0.81
N GLU A 169 -30.21 -9.75 -0.13
CA GLU A 169 -30.61 -10.54 -1.33
C GLU A 169 -31.57 -11.72 -0.98
N GLY A 170 -32.84 -11.39 -0.92
CA GLY A 170 -33.86 -12.36 -0.62
C GLY A 170 -33.72 -12.83 0.81
N GLN A 171 -33.69 -14.15 0.96
CA GLN A 171 -33.55 -14.73 2.28
C GLN A 171 -32.11 -14.90 2.71
N THR A 172 -31.16 -14.83 1.77
CA THR A 172 -29.77 -15.23 2.09
C THR A 172 -29.04 -14.04 2.78
N PRO A 173 -28.34 -14.28 3.90
CA PRO A 173 -27.57 -13.17 4.44
C PRO A 173 -26.25 -13.11 3.73
N LYS A 174 -25.82 -11.90 3.41
CA LYS A 174 -24.59 -11.65 2.68
C LYS A 174 -23.51 -11.21 3.69
N TYR A 175 -22.35 -11.83 3.62
CA TYR A 175 -21.25 -11.49 4.50
C TYR A 175 -20.10 -10.78 3.78
N ALA A 176 -19.23 -10.16 4.56
CA ALA A 176 -18.09 -9.47 4.00
C ALA A 176 -17.13 -10.39 3.28
N ASP A 177 -16.78 -10.06 2.04
CA ASP A 177 -15.70 -10.75 1.35
C ASP A 177 -14.40 -10.27 1.95
N LYS A 178 -13.76 -11.12 2.74
CA LYS A 178 -12.62 -10.73 3.54
C LYS A 178 -11.45 -10.07 2.77
N THR A 179 -11.37 -10.30 1.47
CA THR A 179 -10.24 -9.83 0.69
C THR A 179 -10.25 -8.32 0.46
N PHE A 180 -11.41 -7.68 0.59
CA PHE A 180 -11.48 -6.22 0.49
C PHE A 180 -12.55 -5.54 1.33
N GLN A 181 -13.48 -6.27 1.92
CA GLN A 181 -14.49 -5.68 2.78
C GLN A 181 -14.17 -6.12 4.20
N PRO A 182 -14.41 -5.28 5.21
CA PRO A 182 -14.82 -3.88 5.01
C PRO A 182 -13.71 -3.06 4.34
N GLU A 183 -14.13 -2.06 3.57
CA GLU A 183 -13.24 -1.09 2.97
C GLU A 183 -12.89 -0.01 3.99
N PRO A 184 -11.62 0.35 4.09
CA PRO A 184 -11.29 1.36 5.09
C PRO A 184 -11.79 2.78 4.78
N GLN A 185 -12.10 3.09 3.51
CA GLN A 185 -12.59 4.43 3.14
C GLN A 185 -13.98 4.71 3.65
N ILE A 186 -14.73 3.66 4.05
CA ILE A 186 -16.15 3.76 4.28
C ILE A 186 -16.48 3.76 5.79
N GLY A 187 -17.36 4.67 6.19
CA GLY A 187 -17.76 4.84 7.58
C GLY A 187 -19.16 5.39 7.68
N GLU A 188 -19.51 5.90 8.85
CA GLU A 188 -20.81 6.48 9.12
C GLU A 188 -21.00 7.84 8.43
N SER A 189 -22.25 8.21 8.20
CA SER A 189 -22.48 9.30 7.27
C SER A 189 -22.83 10.60 7.95
N GLN A 190 -23.05 10.56 9.26
CA GLN A 190 -23.46 11.76 9.95
C GLN A 190 -22.52 12.04 11.10
N TRP A 191 -22.46 13.33 11.48
CA TRP A 191 -21.64 13.82 12.61
C TRP A 191 -21.96 13.25 13.97
N TYR A 192 -23.23 13.04 14.24
CA TYR A 192 -23.62 12.56 15.58
C TYR A 192 -23.39 11.03 15.72
N GLU A 193 -23.06 10.62 16.94
CA GLU A 193 -22.86 9.23 17.36
C GLU A 193 -24.19 8.54 17.54
N THR A 194 -24.25 7.29 17.13
CA THR A 194 -25.51 6.61 16.99
C THR A 194 -25.67 5.27 17.74
N GLU A 195 -24.62 4.71 18.33
CA GLU A 195 -24.70 3.32 18.92
C GLU A 195 -24.76 2.26 17.81
N ILE A 196 -23.59 1.70 17.54
CA ILE A 196 -23.33 0.71 16.51
C ILE A 196 -23.13 -0.60 17.26
N ASN A 197 -24.03 -1.56 17.05
CA ASN A 197 -23.96 -2.83 17.80
C ASN A 197 -23.06 -3.87 17.18
N HIS A 198 -22.85 -3.76 15.86
CA HIS A 198 -22.04 -4.68 15.10
C HIS A 198 -21.14 -3.89 14.19
N ALA A 199 -19.85 -3.95 14.47
CA ALA A 199 -18.93 -3.11 13.77
C ALA A 199 -17.81 -3.92 13.25
N ALA A 200 -17.18 -3.42 12.19
CA ALA A 200 -16.03 -4.03 11.64
C ALA A 200 -15.02 -3.04 11.07
N GLY A 201 -13.77 -3.48 10.99
CA GLY A 201 -12.76 -2.75 10.28
C GLY A 201 -11.59 -3.64 9.93
N ARG A 202 -10.54 -3.10 9.30
CA ARG A 202 -9.34 -3.84 8.99
C ARG A 202 -8.20 -3.47 9.95
N VAL A 203 -7.31 -4.42 10.20
CA VAL A 203 -6.20 -4.24 11.12
C VAL A 203 -4.99 -4.99 10.59
N LEU A 204 -3.79 -4.51 10.87
CA LEU A 204 -2.61 -5.18 10.37
C LEU A 204 -2.05 -6.15 11.42
N LYS A 205 -1.69 -7.35 10.98
CA LYS A 205 -1.19 -8.37 11.89
C LYS A 205 0.15 -7.95 12.40
N LYS A 206 0.52 -8.53 13.55
CA LYS A 206 1.84 -8.29 14.19
C LYS A 206 3.07 -8.54 13.32
N THR A 207 2.87 -9.26 12.24
CA THR A 207 3.95 -9.67 11.41
C THR A 207 4.20 -8.66 10.34
N THR A 208 3.30 -7.67 10.20
CA THR A 208 3.56 -6.52 9.34
C THR A 208 4.20 -5.44 10.15
N PRO A 209 5.31 -4.86 9.66
CA PRO A 209 5.94 -3.84 10.50
C PRO A 209 5.10 -2.56 10.69
N MET A 210 5.14 -2.04 11.91
CA MET A 210 4.45 -0.82 12.27
C MET A 210 5.11 0.38 11.61
N LYS A 211 4.32 1.15 10.84
CA LYS A 211 4.73 2.45 10.34
C LYS A 211 3.67 3.45 10.69
N PRO A 212 4.02 4.74 10.72
CA PRO A 212 2.97 5.74 10.83
C PRO A 212 2.03 5.83 9.58
N CYS A 213 0.78 6.25 9.79
CA CYS A 213 -0.20 6.34 8.73
C CYS A 213 0.25 7.29 7.62
N TYR A 214 0.74 8.46 8.04
CA TYR A 214 1.31 9.46 7.15
C TYR A 214 2.44 8.85 6.41
N GLY A 215 2.26 8.65 5.09
CA GLY A 215 3.27 8.10 4.20
C GLY A 215 3.18 6.62 3.89
N SER A 216 2.39 5.85 4.65
N SER A 216 2.39 5.85 4.65
CA SER A 216 2.28 4.40 4.47
CA SER A 216 2.34 4.39 4.46
C SER A 216 1.54 4.05 3.18
C SER A 216 1.55 4.02 3.21
N TYR A 217 2.15 3.18 2.37
CA TYR A 217 1.50 2.62 1.18
C TYR A 217 1.66 1.14 1.16
N ALA A 218 0.70 0.44 0.61
CA ALA A 218 0.88 -0.96 0.36
C ALA A 218 0.12 -1.30 -0.92
N LYS A 219 0.83 -1.86 -1.90
CA LYS A 219 0.24 -2.25 -3.20
C LYS A 219 -1.03 -3.15 -3.06
N PRO A 220 -2.03 -2.90 -3.91
CA PRO A 220 -3.20 -3.75 -3.87
C PRO A 220 -2.90 -5.13 -4.52
N THR A 221 -3.47 -6.17 -3.93
CA THR A 221 -3.29 -7.54 -4.37
C THR A 221 -4.56 -8.12 -5.02
N ASN A 222 -5.56 -7.26 -5.24
CA ASN A 222 -6.77 -7.62 -6.01
C ASN A 222 -7.40 -6.37 -6.66
N GLU A 223 -8.30 -6.58 -7.60
CA GLU A 223 -8.93 -5.49 -8.32
C GLU A 223 -9.92 -4.71 -7.45
N ASN A 224 -10.29 -5.26 -6.28
CA ASN A 224 -11.12 -4.52 -5.34
C ASN A 224 -10.37 -3.69 -4.27
N GLY A 225 -9.07 -3.54 -4.47
CA GLY A 225 -8.28 -2.60 -3.71
C GLY A 225 -7.74 -3.15 -2.43
N GLY A 226 -8.03 -4.43 -2.14
CA GLY A 226 -7.48 -5.10 -0.96
C GLY A 226 -5.98 -5.33 -1.07
N GLN A 227 -5.28 -5.26 0.06
CA GLN A 227 -3.81 -5.27 0.06
C GLN A 227 -3.20 -6.48 0.71
N GLY A 228 -4.03 -7.48 1.05
CA GLY A 228 -3.56 -8.67 1.76
C GLY A 228 -2.51 -9.40 0.94
N ILE A 229 -1.40 -9.76 1.59
CA ILE A 229 -0.36 -10.50 0.92
C ILE A 229 -0.84 -11.90 0.58
N LEU A 230 -0.66 -12.27 -0.71
CA LEU A 230 -1.10 -13.52 -1.28
C LEU A 230 0.01 -14.54 -1.10
N VAL A 231 -0.38 -15.73 -0.65
CA VAL A 231 0.59 -16.75 -0.28
C VAL A 231 0.30 -18.08 -1.02
N LYS A 232 1.38 -18.75 -1.44
CA LYS A 232 1.38 -19.97 -2.29
C LYS A 232 0.19 -20.92 -2.17
N GLN A 233 0.06 -21.62 -1.04
CA GLN A 233 -1.00 -22.66 -0.84
C GLN A 233 -0.71 -24.04 -1.46
N GLN A 234 -1.28 -25.09 -0.85
CA GLN A 234 -0.96 -26.49 -1.24
C GLN A 234 -1.44 -26.84 -2.67
N ASN A 235 -2.64 -26.36 -3.03
CA ASN A 235 -3.17 -26.48 -4.40
C ASN A 235 -2.57 -25.54 -5.48
N GLY A 236 -1.53 -24.76 -5.13
CA GLY A 236 -1.03 -23.63 -5.96
C GLY A 236 -1.96 -22.44 -6.17
N LYS A 237 -1.96 -21.48 -5.25
CA LYS A 237 -2.65 -20.18 -5.40
C LYS A 237 -4.20 -20.28 -5.38
N LEU A 238 -4.90 -19.21 -4.94
CA LEU A 238 -4.44 -17.78 -4.93
C LEU A 238 -3.31 -17.44 -3.92
N GLU A 239 -3.52 -17.36 -2.60
CA GLU A 239 -4.80 -17.25 -1.86
C GLU A 239 -4.56 -16.29 -0.64
N SER A 240 -5.63 -15.71 -0.10
CA SER A 240 -5.49 -14.69 0.97
C SER A 240 -5.37 -15.37 2.34
N GLN A 241 -4.56 -14.77 3.23
CA GLN A 241 -4.41 -15.18 4.62
C GLN A 241 -5.22 -14.32 5.63
N VAL A 242 -6.26 -13.64 5.19
CA VAL A 242 -7.00 -12.75 6.06
C VAL A 242 -7.76 -13.56 7.11
N GLU A 243 -7.63 -13.19 8.40
CA GLU A 243 -8.28 -13.86 9.52
C GLU A 243 -9.12 -12.92 10.41
N MET A 244 -10.40 -13.23 10.56
CA MET A 244 -11.32 -12.51 11.42
C MET A 244 -10.85 -12.60 12.84
N GLN A 245 -11.02 -11.51 13.60
CA GLN A 245 -10.70 -11.44 15.03
C GLN A 245 -11.88 -10.78 15.73
N PHE A 246 -12.56 -11.53 16.56
CA PHE A 246 -13.78 -11.02 17.17
C PHE A 246 -13.54 -10.37 18.55
N PHE A 247 -14.29 -9.30 18.88
CA PHE A 247 -14.12 -8.62 20.18
C PHE A 247 -15.43 -8.29 20.84
N SER A 248 -15.44 -8.32 22.17
CA SER A 248 -16.58 -7.99 23.02
C SER A 248 -16.16 -6.96 24.03
N THR A 249 -17.14 -6.44 24.76
CA THR A 249 -16.85 -5.51 25.82
C THR A 249 -16.16 -6.27 26.96
N THR A 250 -15.28 -5.58 27.66
CA THR A 250 -14.76 -6.04 28.94
C THR A 250 -15.90 -6.48 29.91
N GLU A 251 -16.99 -5.74 29.95
CA GLU A 251 -18.21 -6.17 30.70
C GLU A 251 -18.51 -7.67 30.53
N ALA A 252 -18.79 -8.11 29.31
CA ALA A 252 -19.03 -9.53 29.06
C ALA A 252 -17.69 -10.33 28.95
N THR A 253 -16.80 -10.09 29.92
CA THR A 253 -15.52 -10.81 30.06
C THR A 253 -15.85 -12.21 30.56
N ALA A 254 -15.59 -12.51 31.84
CA ALA A 254 -16.37 -13.49 32.61
C ALA A 254 -17.67 -12.83 33.08
N GLY A 255 -18.64 -13.65 33.47
CA GLY A 255 -19.95 -13.18 33.92
C GLY A 255 -20.71 -12.50 32.79
N ASN A 256 -21.48 -13.22 31.98
CA ASN A 256 -21.93 -14.62 32.17
C ASN A 256 -21.23 -15.62 31.24
N GLY A 257 -21.30 -15.34 29.94
CA GLY A 257 -20.87 -16.28 28.91
C GLY A 257 -22.07 -16.82 28.14
N ASP A 258 -23.20 -16.95 28.84
CA ASP A 258 -24.46 -17.45 28.26
C ASP A 258 -24.86 -16.62 27.05
N ASN A 259 -24.68 -15.31 27.20
CA ASN A 259 -25.17 -14.34 26.23
C ASN A 259 -24.07 -13.66 25.45
N LEU A 260 -22.81 -14.08 25.65
CA LEU A 260 -21.64 -13.39 25.11
C LEU A 260 -21.76 -13.25 23.60
N THR A 261 -21.43 -12.07 23.10
CA THR A 261 -21.60 -11.77 21.69
C THR A 261 -20.58 -10.72 21.24
N PRO A 262 -20.04 -10.91 20.05
CA PRO A 262 -19.09 -9.90 19.62
C PRO A 262 -19.79 -8.67 19.13
N LYS A 263 -19.20 -7.55 19.44
CA LYS A 263 -19.61 -6.29 18.92
C LYS A 263 -18.69 -5.74 17.86
N VAL A 264 -17.47 -6.28 17.73
CA VAL A 264 -16.52 -5.88 16.70
C VAL A 264 -15.88 -7.11 16.08
N VAL A 265 -15.72 -7.06 14.75
CA VAL A 265 -14.89 -7.97 13.95
C VAL A 265 -13.78 -7.18 13.25
N LEU A 266 -12.52 -7.45 13.58
CA LEU A 266 -11.43 -6.97 12.77
C LEU A 266 -10.95 -8.06 11.80
N TYR A 267 -10.83 -7.66 10.53
CA TYR A 267 -10.27 -8.51 9.48
C TYR A 267 -8.77 -8.22 9.50
N SER A 268 -7.99 -9.16 10.08
CA SER A 268 -6.51 -9.04 10.17
C SER A 268 -5.77 -9.59 8.94
N GLU A 269 -4.68 -8.93 8.56
CA GLU A 269 -3.95 -9.27 7.36
C GLU A 269 -2.55 -8.69 7.39
N ASP A 270 -1.65 -9.31 6.61
CA ASP A 270 -0.35 -8.71 6.28
C ASP A 270 -0.47 -7.97 4.98
N VAL A 271 0.20 -6.84 4.89
CA VAL A 271 0.25 -6.09 3.64
C VAL A 271 1.68 -5.78 3.38
N ASP A 272 2.04 -5.50 2.15
CA ASP A 272 3.41 -5.20 1.82
C ASP A 272 3.69 -3.72 2.07
N ILE A 273 3.85 -3.41 3.35
CA ILE A 273 3.96 -2.01 3.76
C ILE A 273 5.30 -1.32 3.37
N GLU A 274 5.20 -0.18 2.69
CA GLU A 274 6.34 0.64 2.29
C GLU A 274 6.15 2.05 2.80
N THR A 275 7.19 2.85 2.78
CA THR A 275 7.09 4.27 2.97
C THR A 275 7.98 4.91 1.89
N PRO A 276 7.50 4.90 0.65
CA PRO A 276 8.31 5.34 -0.47
C PRO A 276 8.92 6.75 -0.32
N ASP A 277 8.15 7.70 0.18
CA ASP A 277 8.57 9.06 0.13
C ASP A 277 8.60 9.72 1.51
N THR A 278 8.71 8.91 2.56
CA THR A 278 8.84 9.48 3.86
C THR A 278 9.89 8.75 4.69
N HIS A 279 10.33 9.38 5.78
CA HIS A 279 11.24 8.82 6.73
C HIS A 279 10.77 9.21 8.13
N ILE A 280 11.46 8.66 9.13
CA ILE A 280 11.11 8.77 10.51
C ILE A 280 11.83 9.92 11.21
N SER A 281 11.05 10.84 11.77
CA SER A 281 11.60 12.02 12.44
C SER A 281 11.73 11.87 13.94
N TYR A 282 11.03 10.89 14.52
CA TYR A 282 11.16 10.47 15.90
C TYR A 282 11.05 8.91 16.00
N MET A 283 12.16 8.28 16.36
CA MET A 283 12.24 6.84 16.43
C MET A 283 12.51 6.58 17.90
N PRO A 284 11.52 6.04 18.63
CA PRO A 284 11.69 5.98 20.09
C PRO A 284 12.63 4.89 20.60
N THR A 285 12.82 3.79 19.85
CA THR A 285 13.68 2.66 20.27
C THR A 285 14.63 2.31 19.21
N ILE A 286 15.74 1.70 19.59
CA ILE A 286 16.63 1.05 18.64
C ILE A 286 16.18 -0.40 18.46
N LYS A 287 15.49 -0.98 19.45
CA LYS A 287 14.97 -2.36 19.41
C LYS A 287 14.15 -2.59 18.15
N GLU A 288 14.48 -3.67 17.43
CA GLU A 288 13.78 -4.06 16.20
C GLU A 288 12.55 -4.90 16.58
N GLY A 289 11.47 -4.77 15.80
CA GLY A 289 10.24 -5.50 16.05
C GLY A 289 9.17 -4.60 16.63
N ASN A 290 7.92 -4.97 16.40
CA ASN A 290 6.81 -4.17 16.85
C ASN A 290 6.74 -4.13 18.37
N SER A 291 6.40 -2.95 18.89
CA SER A 291 6.16 -2.73 20.32
C SER A 291 5.21 -1.55 20.54
N ARG A 292 4.64 -1.47 21.74
CA ARG A 292 3.85 -0.33 22.13
C ARG A 292 4.59 0.95 21.83
N GLU A 293 5.89 1.04 22.09
CA GLU A 293 6.63 2.29 21.88
C GLU A 293 6.62 2.73 20.44
N LEU A 294 6.79 1.78 19.52
CA LEU A 294 6.76 2.08 18.11
C LEU A 294 5.48 2.72 17.61
N MET A 295 4.42 2.66 18.40
CA MET A 295 3.24 3.45 18.12
C MET A 295 3.41 4.94 18.23
N GLY A 296 4.47 5.40 18.90
CA GLY A 296 4.75 6.80 19.10
C GLY A 296 5.68 7.40 18.09
N GLN A 297 5.96 6.61 17.05
CA GLN A 297 6.86 7.04 15.99
C GLN A 297 6.20 8.02 15.03
N GLN A 298 6.97 8.99 14.58
CA GLN A 298 6.51 10.08 13.75
C GLN A 298 7.21 10.08 12.38
N SER A 299 6.42 10.28 11.32
N SER A 299 6.44 10.33 11.32
CA SER A 299 6.92 10.34 9.96
CA SER A 299 7.00 10.32 10.00
C SER A 299 7.09 11.78 9.46
C SER A 299 7.02 11.73 9.37
N MET A 300 8.04 11.96 8.54
CA MET A 300 8.31 13.25 7.93
C MET A 300 8.57 13.02 6.45
N PRO A 301 8.09 13.92 5.59
CA PRO A 301 8.32 13.72 4.17
C PRO A 301 9.75 13.94 3.78
N ASN A 302 10.18 13.13 2.81
CA ASN A 302 11.51 13.26 2.26
C ASN A 302 11.65 14.58 1.52
N ARG A 303 12.88 15.07 1.47
CA ARG A 303 13.16 16.28 0.79
C ARG A 303 12.92 16.18 -0.72
N PRO A 304 12.30 17.19 -1.32
CA PRO A 304 12.23 17.20 -2.75
C PRO A 304 13.62 17.23 -3.33
N ASN A 305 13.74 16.67 -4.52
CA ASN A 305 14.98 16.66 -5.24
C ASN A 305 14.61 16.52 -6.73
N TYR A 306 14.56 17.67 -7.42
CA TYR A 306 14.21 17.68 -8.85
C TYR A 306 15.51 17.32 -9.61
N ILE A 307 15.39 16.45 -10.62
CA ILE A 307 16.51 15.98 -11.43
C ILE A 307 16.21 16.12 -12.95
N ALA A 308 17.17 16.67 -13.68
CA ALA A 308 16.94 17.09 -15.01
C ALA A 308 18.22 17.14 -15.80
N PHE A 309 18.08 17.36 -17.10
CA PHE A 309 19.22 17.85 -17.88
C PHE A 309 19.36 19.33 -17.57
N ARG A 310 20.55 19.85 -17.79
CA ARG A 310 20.88 21.24 -17.54
C ARG A 310 20.21 22.20 -18.47
N ASP A 311 20.21 23.47 -18.06
CA ASP A 311 19.85 24.60 -18.90
C ASP A 311 20.69 24.49 -20.16
N ASN A 312 20.03 24.53 -21.32
CA ASN A 312 20.72 24.59 -22.63
C ASN A 312 21.55 23.34 -22.96
N PHE A 313 21.20 22.25 -22.29
CA PHE A 313 21.94 21.02 -22.36
C PHE A 313 23.44 21.16 -22.06
N ILE A 314 23.78 22.09 -21.19
CA ILE A 314 25.15 22.23 -20.71
C ILE A 314 25.61 20.87 -20.27
N GLY A 315 26.82 20.52 -20.66
CA GLY A 315 27.45 19.26 -20.27
C GLY A 315 27.30 18.12 -21.24
N LEU A 316 26.22 18.12 -22.05
CA LEU A 316 25.99 17.01 -22.96
C LEU A 316 27.09 16.91 -24.02
N MET A 317 27.50 18.03 -24.58
CA MET A 317 28.59 18.08 -25.51
C MET A 317 29.86 18.58 -24.85
N TYR A 318 30.96 17.87 -25.16
CA TYR A 318 32.32 18.30 -24.79
C TYR A 318 32.68 19.54 -25.57
N TYR A 319 33.07 20.57 -24.85
CA TYR A 319 33.71 21.74 -25.40
C TYR A 319 34.95 21.97 -24.57
N ASN A 320 35.96 22.60 -25.17
CA ASN A 320 37.21 23.02 -24.47
C ASN A 320 37.92 21.88 -23.75
N SER A 321 37.80 20.66 -24.28
CA SER A 321 38.44 19.47 -23.70
C SER A 321 39.34 18.84 -24.77
N THR A 322 40.64 18.81 -24.49
CA THR A 322 41.68 18.57 -25.51
C THR A 322 41.67 17.17 -26.13
N GLY A 323 41.39 16.16 -25.30
CA GLY A 323 41.23 14.79 -25.78
C GLY A 323 39.86 14.43 -26.34
N ASN A 324 38.92 15.38 -26.41
CA ASN A 324 37.58 15.13 -27.00
C ASN A 324 37.13 16.26 -27.93
N MET A 325 38.05 16.82 -28.69
CA MET A 325 37.76 17.97 -29.55
C MET A 325 36.81 17.66 -30.71
N GLY A 326 35.96 18.63 -31.02
CA GLY A 326 35.04 18.52 -32.13
C GLY A 326 35.76 18.57 -33.48
N VAL A 327 35.07 18.08 -34.50
CA VAL A 327 35.59 17.99 -35.84
C VAL A 327 34.52 18.48 -36.82
N LEU A 328 34.77 19.60 -37.47
CA LEU A 328 34.11 19.92 -38.70
C LEU A 328 35.20 20.13 -39.71
N ALA A 329 35.23 19.29 -40.74
CA ALA A 329 36.24 19.36 -41.81
C ALA A 329 35.66 18.92 -43.11
N GLY A 330 36.28 19.36 -44.20
CA GLY A 330 36.00 18.83 -45.53
C GLY A 330 36.60 17.44 -45.68
N GLN A 331 35.86 16.51 -46.30
CA GLN A 331 36.38 15.16 -46.55
C GLN A 331 37.53 15.21 -47.54
N ALA A 332 37.44 16.07 -48.55
CA ALA A 332 38.63 16.46 -49.37
C ALA A 332 39.95 16.48 -48.57
N SER A 333 40.05 17.39 -47.59
CA SER A 333 41.19 17.46 -46.66
C SER A 333 41.11 16.37 -45.58
N GLN A 334 40.67 16.74 -44.39
CA GLN A 334 41.00 16.13 -43.08
C GLN A 334 41.23 17.31 -42.10
N LEU A 335 41.91 18.35 -42.60
CA LEU A 335 42.06 19.68 -41.95
C LEU A 335 40.79 20.24 -41.21
N ASN A 336 40.92 20.38 -39.88
CA ASN A 336 39.83 20.69 -38.94
C ASN A 336 39.54 22.18 -38.79
N ALA A 337 38.30 22.59 -39.07
CA ALA A 337 37.85 23.97 -38.86
C ALA A 337 37.66 24.38 -37.39
N VAL A 338 37.49 23.39 -36.51
CA VAL A 338 37.45 23.59 -35.08
C VAL A 338 38.83 23.43 -34.48
N VAL A 339 39.29 24.48 -33.81
CA VAL A 339 40.48 24.44 -32.96
C VAL A 339 40.06 25.03 -31.62
N ASP A 340 40.22 24.26 -30.55
CA ASP A 340 39.70 24.65 -29.22
C ASP A 340 40.85 24.75 -28.22
N LEU A 341 40.61 25.39 -27.08
CA LEU A 341 41.65 25.63 -26.07
C LEU A 341 41.16 25.17 -24.71
N GLN A 342 42.07 24.86 -23.82
CA GLN A 342 41.69 24.50 -22.48
C GLN A 342 41.21 25.68 -21.68
N ASP A 343 41.56 26.89 -22.11
CA ASP A 343 41.24 28.10 -21.35
C ASP A 343 40.23 29.02 -22.05
N ARG A 344 39.44 28.43 -22.92
CA ARG A 344 38.24 29.05 -23.43
C ARG A 344 37.04 28.45 -22.61
N ASN A 345 35.92 29.18 -22.53
CA ASN A 345 34.69 28.74 -21.84
C ASN A 345 33.48 28.92 -22.75
N THR A 346 33.16 27.87 -23.47
CA THR A 346 32.20 27.94 -24.54
C THR A 346 30.77 27.97 -23.98
N GLU A 347 30.53 27.12 -22.97
CA GLU A 347 29.22 27.01 -22.38
C GLU A 347 28.80 28.36 -21.73
N LEU A 348 29.74 28.86 -20.92
CA LEU A 348 29.53 30.13 -20.24
C LEU A 348 29.30 31.24 -21.23
N SER A 349 30.02 31.22 -22.34
CA SER A 349 29.89 32.23 -23.38
C SER A 349 28.44 32.25 -23.86
N TYR A 350 27.89 31.06 -24.13
CA TYR A 350 26.62 30.89 -24.75
C TYR A 350 25.47 31.41 -23.91
N GLN A 351 25.60 31.25 -22.59
CA GLN A 351 24.61 31.78 -21.64
C GLN A 351 24.55 33.31 -21.76
N LEU A 352 25.77 33.89 -21.73
CA LEU A 352 25.93 35.34 -21.81
C LEU A 352 25.32 35.88 -23.11
N LEU A 353 25.60 35.14 -24.20
CA LEU A 353 25.10 35.52 -25.52
C LEU A 353 23.58 35.51 -25.53
N LEU A 354 23.03 34.46 -24.95
CA LEU A 354 21.55 34.33 -24.86
C LEU A 354 20.95 35.47 -24.08
N ASP A 355 21.60 35.86 -22.98
CA ASP A 355 21.14 36.98 -22.18
C ASP A 355 21.18 38.34 -22.97
N SER A 356 22.24 38.48 -23.72
CA SER A 356 22.44 39.66 -24.53
C SER A 356 21.39 39.88 -25.61
N ILE A 357 21.00 38.84 -26.32
CA ILE A 357 20.12 38.94 -27.45
C ILE A 357 18.65 38.70 -27.17
N GLY A 358 18.26 38.16 -26.01
CA GLY A 358 16.84 37.87 -25.73
C GLY A 358 16.52 37.83 -24.24
N ASP A 359 15.31 37.34 -23.91
CA ASP A 359 14.83 37.29 -22.55
C ASP A 359 14.91 35.89 -21.91
N ARG A 360 15.90 35.71 -21.02
CA ARG A 360 16.10 34.44 -20.29
C ARG A 360 14.95 33.96 -19.38
N THR A 361 14.02 34.83 -19.01
CA THR A 361 12.87 34.44 -18.20
C THR A 361 11.87 33.57 -18.95
N ARG A 362 11.85 33.62 -20.28
CA ARG A 362 10.93 32.82 -21.08
C ARG A 362 11.60 31.52 -21.40
N TYR A 363 10.83 30.44 -21.41
CA TYR A 363 11.34 29.08 -21.59
C TYR A 363 11.11 28.55 -23.01
N PHE A 364 12.08 27.78 -23.51
CA PHE A 364 11.99 27.12 -24.83
C PHE A 364 12.44 25.63 -24.72
N SER A 365 11.47 24.74 -24.81
CA SER A 365 11.74 23.37 -24.49
C SER A 365 12.70 22.69 -25.42
N MET A 366 12.74 23.12 -26.67
CA MET A 366 13.57 22.47 -27.66
C MET A 366 15.02 22.39 -27.24
N TRP A 367 15.54 23.43 -26.58
CA TRP A 367 16.94 23.45 -26.19
C TRP A 367 17.12 23.30 -24.68
N ASN A 368 16.12 22.76 -24.01
CA ASN A 368 16.07 22.90 -22.55
C ASN A 368 16.41 24.34 -22.10
N GLN A 369 15.98 25.36 -22.84
CA GLN A 369 16.28 26.73 -22.49
C GLN A 369 15.37 27.20 -21.38
N ALA A 370 15.90 27.11 -20.17
CA ALA A 370 15.11 27.36 -18.98
C ALA A 370 16.09 27.67 -17.83
N VAL A 371 16.39 28.97 -17.68
CA VAL A 371 17.49 29.45 -16.86
C VAL A 371 17.34 29.07 -15.39
N ASP A 372 18.47 28.76 -14.76
CA ASP A 372 18.51 28.53 -13.35
C ASP A 372 18.08 29.80 -12.64
N SER A 373 17.37 29.66 -11.53
CA SER A 373 16.90 30.80 -10.74
C SER A 373 16.61 30.39 -9.30
N TYR A 374 16.39 31.40 -8.47
CA TYR A 374 15.91 31.21 -7.08
C TYR A 374 14.72 32.12 -6.81
N ASP A 375 13.90 31.75 -5.84
CA ASP A 375 12.83 32.60 -5.35
C ASP A 375 13.47 33.73 -4.57
N PRO A 376 13.21 34.99 -4.94
CA PRO A 376 13.89 36.09 -4.26
C PRO A 376 13.56 36.23 -2.78
N ASP A 377 12.34 35.82 -2.41
CA ASP A 377 11.93 35.79 -0.97
C ASP A 377 12.48 34.63 -0.19
N VAL A 378 13.15 33.68 -0.84
CA VAL A 378 13.96 32.68 -0.16
C VAL A 378 15.38 33.19 0.08
N ARG A 379 15.96 33.78 -0.95
CA ARG A 379 17.37 34.25 -0.89
C ARG A 379 17.53 35.36 0.19
N ILE A 380 16.69 36.39 0.07
CA ILE A 380 16.61 37.47 1.06
C ILE A 380 15.24 37.45 1.76
N ILE A 381 15.25 37.25 3.07
CA ILE A 381 14.04 37.13 3.83
C ILE A 381 13.55 38.52 4.14
N GLU A 382 12.31 38.84 3.75
CA GLU A 382 11.60 40.00 4.25
C GLU A 382 10.58 39.57 5.32
N ASN A 383 11.01 39.52 6.57
CA ASN A 383 10.12 39.10 7.64
C ASN A 383 9.18 40.20 8.08
N HIS A 384 8.04 40.29 7.39
CA HIS A 384 6.96 41.21 7.77
C HIS A 384 6.05 40.64 8.83
N GLY A 385 6.40 39.53 9.47
CA GLY A 385 5.52 38.87 10.46
C GLY A 385 4.24 38.37 9.85
N THR A 386 3.20 38.26 10.64
CA THR A 386 1.94 37.61 10.21
C THR A 386 0.71 38.46 10.52
N GLU A 387 -0.29 38.42 9.65
CA GLU A 387 -1.55 39.16 9.85
C GLU A 387 -2.54 38.27 10.59
N ASP A 388 -2.27 38.09 11.88
CA ASP A 388 -2.96 37.16 12.72
C ASP A 388 -3.81 37.87 13.78
N GLU A 389 -4.35 39.05 13.49
CA GLU A 389 -5.14 39.84 14.45
C GLU A 389 -6.43 39.13 14.92
N LEU A 390 -7.24 38.64 14.02
CA LEU A 390 -8.41 37.80 14.43
C LEU A 390 -7.96 36.40 14.74
N PRO A 391 -8.52 35.78 15.81
CA PRO A 391 -8.24 34.37 16.11
C PRO A 391 -8.96 33.44 15.16
N ASN A 392 -8.37 32.28 14.86
CA ASN A 392 -8.97 31.26 13.95
C ASN A 392 -9.34 30.05 14.81
N TYR A 393 -10.54 29.52 14.68
CA TYR A 393 -10.99 28.43 15.53
C TYR A 393 -11.44 27.23 14.73
N CYS A 394 -11.29 26.06 15.32
N CYS A 394 -11.25 26.05 15.31
CA CYS A 394 -11.94 24.86 14.82
CA CYS A 394 -11.84 24.79 14.86
C CYS A 394 -13.10 24.47 15.76
C CYS A 394 -13.08 24.46 15.75
N PHE A 395 -14.15 23.93 15.15
CA PHE A 395 -15.43 23.71 15.86
C PHE A 395 -15.85 22.25 15.74
N PRO A 396 -16.64 21.77 16.70
CA PRO A 396 -17.22 20.44 16.61
C PRO A 396 -18.07 20.28 15.36
N LEU A 397 -18.12 19.07 14.82
CA LEU A 397 -18.88 18.88 13.57
C LEU A 397 -20.34 19.25 13.73
N GLY A 398 -20.92 19.00 14.91
CA GLY A 398 -22.29 19.40 15.22
C GLY A 398 -22.50 20.81 15.73
N GLY A 399 -21.45 21.63 15.69
CA GLY A 399 -21.52 22.98 16.29
C GLY A 399 -21.39 22.99 17.81
N VAL A 400 -21.91 21.97 18.45
CA VAL A 400 -21.99 21.90 19.89
C VAL A 400 -21.72 20.43 20.25
N ILE A 401 -21.17 20.21 21.44
CA ILE A 401 -20.75 18.87 21.89
C ILE A 401 -20.96 18.55 23.39
N ASN A 402 -20.69 19.51 24.28
CA ASN A 402 -20.91 19.36 25.72
C ASN A 402 -22.31 19.82 26.18
N THR A 403 -23.30 19.08 25.72
CA THR A 403 -24.66 19.42 26.00
C THR A 403 -25.06 18.80 27.31
N GLU A 404 -25.94 19.47 28.06
CA GLU A 404 -26.59 18.91 29.22
C GLU A 404 -27.90 18.33 28.76
N THR A 405 -28.31 17.25 29.40
CA THR A 405 -29.63 16.64 29.21
C THR A 405 -30.66 17.30 30.15
N LEU A 406 -31.58 18.07 29.56
CA LEU A 406 -32.55 18.83 30.32
C LEU A 406 -34.01 18.41 30.09
N THR A 407 -34.82 18.64 31.12
CA THR A 407 -36.29 18.41 31.09
C THR A 407 -37.14 19.69 30.95
N LYS A 408 -38.14 19.67 30.09
CA LYS A 408 -39.07 20.81 29.92
C LYS A 408 -39.88 21.04 31.19
N VAL A 409 -40.00 22.28 31.61
CA VAL A 409 -40.79 22.61 32.80
C VAL A 409 -41.66 23.78 32.47
N LYS A 410 -42.77 23.90 33.19
CA LYS A 410 -43.69 25.02 32.97
C LYS A 410 -44.03 25.72 34.26
N PRO A 411 -44.24 27.04 34.19
CA PRO A 411 -44.61 27.76 35.39
C PRO A 411 -46.03 27.46 35.84
N LYS A 412 -46.21 27.49 37.15
CA LYS A 412 -47.49 27.48 37.80
C LYS A 412 -47.92 28.93 37.82
N THR A 413 -48.96 29.27 37.06
CA THR A 413 -49.35 30.67 36.84
C THR A 413 -49.96 31.36 38.05
N GLY A 414 -50.30 30.62 39.09
CA GLY A 414 -50.87 31.20 40.30
C GLY A 414 -49.89 31.72 41.33
N GLN A 415 -48.61 31.42 41.16
CA GLN A 415 -47.55 31.68 42.15
C GLN A 415 -46.41 32.54 41.61
N GLU A 416 -45.70 33.22 42.52
CA GLU A 416 -44.35 33.70 42.24
C GLU A 416 -43.46 32.49 42.17
N ASN A 417 -42.65 32.40 41.15
CA ASN A 417 -41.66 31.27 41.02
C ASN A 417 -41.97 29.76 41.42
N GLY A 418 -43.09 29.18 40.99
CA GLY A 418 -43.35 27.72 41.04
C GLY A 418 -43.36 27.06 39.65
N TRP A 419 -43.06 25.77 39.59
CA TRP A 419 -42.70 25.10 38.33
C TRP A 419 -43.07 23.63 38.40
N GLU A 420 -43.43 23.02 37.28
CA GLU A 420 -43.63 21.55 37.23
C GLU A 420 -43.13 20.95 35.94
N LYS A 421 -42.95 19.63 35.99
CA LYS A 421 -42.51 18.83 34.86
C LYS A 421 -43.52 18.87 33.72
N ASP A 422 -43.03 18.76 32.48
CA ASP A 422 -43.82 18.51 31.23
C ASP A 422 -43.64 17.15 30.50
N ALA A 423 -44.71 16.73 29.83
CA ALA A 423 -44.71 15.54 28.97
C ALA A 423 -46.09 15.37 28.31
N THR A 424 -46.12 14.47 27.33
CA THR A 424 -47.19 14.38 26.33
C THR A 424 -47.27 15.73 25.63
N GLU A 425 -46.09 16.22 25.35
CA GLU A 425 -45.87 17.27 24.38
C GLU A 425 -44.41 17.10 23.98
N PHE A 426 -43.50 17.20 24.96
CA PHE A 426 -42.06 17.28 24.76
C PHE A 426 -41.37 16.15 25.47
N SER A 427 -40.29 15.65 24.86
CA SER A 427 -39.39 14.70 25.52
C SER A 427 -38.82 15.28 26.82
N ASP A 428 -38.65 14.44 27.81
CA ASP A 428 -37.93 14.77 29.03
C ASP A 428 -36.40 14.67 28.96
N LYS A 429 -35.85 14.20 27.83
CA LYS A 429 -34.40 14.14 27.65
C LYS A 429 -34.07 15.01 26.39
N ASN A 430 -33.77 16.29 26.59
CA ASN A 430 -33.36 17.19 25.51
C ASN A 430 -31.91 17.69 25.71
N GLU A 431 -31.15 17.78 24.62
CA GLU A 431 -29.73 18.10 24.69
C GLU A 431 -29.53 19.58 24.41
N ILE A 432 -29.07 20.33 25.40
CA ILE A 432 -28.87 21.75 25.29
C ILE A 432 -27.49 22.12 25.82
N ARG A 433 -26.77 22.88 25.04
CA ARG A 433 -25.48 23.43 25.46
C ARG A 433 -25.71 24.77 26.14
N VAL A 434 -25.18 24.91 27.34
CA VAL A 434 -25.29 26.13 28.07
C VAL A 434 -23.91 26.74 28.09
N GLY A 435 -23.82 28.01 27.73
CA GLY A 435 -22.55 28.69 27.47
C GLY A 435 -22.19 28.55 26.00
N ASN A 436 -21.00 29.01 25.64
CA ASN A 436 -20.51 28.94 24.27
C ASN A 436 -20.14 27.54 23.85
N ASN A 437 -19.89 27.36 22.57
CA ASN A 437 -19.51 26.03 22.09
C ASN A 437 -18.03 25.73 22.33
N PHE A 438 -17.69 24.45 22.34
CA PHE A 438 -16.28 24.01 22.44
C PHE A 438 -15.48 24.38 21.21
N ALA A 439 -14.30 24.95 21.44
CA ALA A 439 -13.48 25.38 20.37
C ALA A 439 -12.04 25.12 20.70
N MET A 440 -11.24 24.97 19.66
CA MET A 440 -9.81 25.04 19.76
C MET A 440 -9.31 26.15 18.83
N GLU A 441 -8.13 26.68 19.10
CA GLU A 441 -7.57 27.84 18.42
C GLU A 441 -6.30 27.42 17.68
N ILE A 442 -6.04 28.06 16.55
CA ILE A 442 -4.80 27.84 15.76
C ILE A 442 -4.49 29.15 15.05
N ASN A 443 -3.22 29.50 14.99
CA ASN A 443 -2.78 30.72 14.31
C ASN A 443 -2.37 30.33 12.92
N LEU A 444 -3.23 30.63 11.96
CA LEU A 444 -3.07 29.99 10.66
C LEU A 444 -1.85 30.62 9.96
N ASN A 445 -1.87 31.95 9.92
CA ASN A 445 -0.88 32.69 9.17
C ASN A 445 0.54 32.40 9.68
N ALA A 446 0.66 32.37 11.02
CA ALA A 446 1.91 32.08 11.69
C ALA A 446 2.43 30.70 11.29
N ASN A 447 1.52 29.74 11.29
CA ASN A 447 1.85 28.36 10.90
C ASN A 447 2.34 28.31 9.44
N LEU A 448 1.62 29.01 8.57
CA LEU A 448 1.98 29.06 7.19
C LEU A 448 3.44 29.58 7.03
N TRP A 449 3.69 30.66 7.77
CA TRP A 449 4.99 31.32 7.73
C TRP A 449 6.09 30.38 8.19
N ARG A 450 5.82 29.68 9.28
N ARG A 450 5.83 29.66 9.27
CA ARG A 450 6.74 28.72 9.86
CA ARG A 450 6.79 28.75 9.86
C ARG A 450 7.07 27.68 8.81
C ARG A 450 7.08 27.63 8.85
N ASN A 451 6.03 27.16 8.16
CA ASN A 451 6.22 26.13 7.16
C ASN A 451 7.10 26.59 6.01
N PHE A 452 6.84 27.83 5.57
CA PHE A 452 7.59 28.45 4.49
C PHE A 452 9.09 28.53 4.90
N LEU A 453 9.33 28.96 6.14
CA LEU A 453 10.66 29.19 6.57
C LEU A 453 11.37 27.84 6.77
N TYR A 454 10.66 26.79 7.16
CA TYR A 454 11.42 25.58 7.46
C TYR A 454 11.78 24.86 6.16
N SER A 455 10.76 24.72 5.32
CA SER A 455 10.93 24.05 4.03
C SER A 455 11.98 24.71 3.16
N ASN A 456 12.01 26.05 3.12
CA ASN A 456 12.82 26.79 2.13
C ASN A 456 14.12 27.33 2.59
N ILE A 457 14.32 27.40 3.90
CA ILE A 457 15.59 27.90 4.47
C ILE A 457 16.21 26.99 5.55
N ALA A 458 15.49 26.69 6.58
CA ALA A 458 16.06 25.85 7.61
C ALA A 458 16.69 24.58 7.02
N LEU A 459 15.97 23.84 6.16
CA LEU A 459 16.51 22.58 5.59
C LEU A 459 17.75 22.73 4.64
N TYR A 460 17.94 23.94 4.10
CA TYR A 460 19.09 24.30 3.33
C TYR A 460 20.23 24.90 4.09
N LEU A 461 20.12 25.00 5.42
CA LEU A 461 21.24 25.46 6.23
C LEU A 461 22.48 24.54 6.03
N PRO A 462 23.68 25.08 6.30
CA PRO A 462 24.87 24.27 6.07
C PRO A 462 24.93 23.09 7.02
N ASP A 463 25.63 22.04 6.63
CA ASP A 463 25.53 20.79 7.38
C ASP A 463 26.05 20.86 8.84
N LYS A 464 26.92 21.83 9.13
CA LYS A 464 27.48 22.02 10.44
C LYS A 464 26.44 22.50 11.51
N LEU A 465 25.34 23.09 11.05
CA LEU A 465 24.22 23.49 11.92
C LEU A 465 23.26 22.36 12.20
N LYS A 466 23.50 21.18 11.67
CA LYS A 466 22.57 20.06 11.78
C LYS A 466 23.12 19.01 12.72
N TYR A 467 22.35 17.96 12.97
CA TYR A 467 22.78 16.83 13.79
C TYR A 467 22.15 15.53 13.31
N SER A 468 22.70 14.42 13.77
CA SER A 468 22.34 13.13 13.19
C SER A 468 21.22 12.52 14.00
N PRO A 469 20.27 11.87 13.29
CA PRO A 469 19.03 11.42 13.94
C PRO A 469 19.29 10.41 15.04
N SER A 470 18.48 10.42 16.06
CA SER A 470 18.61 9.43 17.11
C SER A 470 17.96 8.10 16.67
N ASN A 471 18.65 6.98 16.88
CA ASN A 471 18.14 5.62 16.58
C ASN A 471 17.82 5.31 15.12
N VAL A 472 18.51 5.96 14.20
CA VAL A 472 18.25 5.78 12.77
C VAL A 472 19.56 5.70 12.00
N LYS A 473 19.63 4.74 11.09
CA LYS A 473 20.81 4.58 10.27
C LYS A 473 20.93 5.69 9.25
N ILE A 474 22.11 6.28 9.24
CA ILE A 474 22.43 7.31 8.31
C ILE A 474 23.74 6.96 7.63
N SER A 475 23.82 7.33 6.35
CA SER A 475 25.00 7.13 5.52
C SER A 475 26.19 7.85 6.10
N ASP A 476 27.40 7.36 5.80
CA ASP A 476 28.71 8.00 6.20
C ASP A 476 29.10 9.10 5.23
N ASN A 477 28.52 9.04 4.04
CA ASN A 477 28.90 9.86 2.92
C ASN A 477 28.01 11.12 2.86
N PRO A 478 28.58 12.28 3.16
CA PRO A 478 27.83 13.56 3.17
C PRO A 478 27.17 13.96 1.87
N ASN A 479 27.58 13.35 0.77
CA ASN A 479 27.07 13.65 -0.55
C ASN A 479 25.87 12.82 -0.92
N THR A 480 25.46 11.88 -0.09
CA THR A 480 24.33 11.08 -0.43
C THR A 480 23.01 11.82 -0.10
N TYR A 481 21.97 11.49 -0.86
CA TYR A 481 20.62 11.93 -0.51
C TYR A 481 20.27 11.46 0.90
N ASP A 482 20.66 10.24 1.25
CA ASP A 482 20.29 9.68 2.52
C ASP A 482 20.81 10.52 3.66
N TYR A 483 22.02 11.06 3.49
CA TYR A 483 22.58 12.00 4.50
C TYR A 483 21.82 13.38 4.49
N MET A 484 21.60 13.98 3.30
CA MET A 484 20.97 15.28 3.18
CA MET A 484 20.99 15.29 3.22
C MET A 484 19.54 15.26 3.68
N ASN A 485 18.84 14.16 3.44
CA ASN A 485 17.48 13.95 3.85
C ASN A 485 17.34 13.75 5.38
N LYS A 486 18.29 13.03 6.00
CA LYS A 486 18.15 12.55 7.41
C LYS A 486 18.81 13.41 8.47
N ARG A 487 19.75 14.24 8.09
CA ARG A 487 20.33 15.20 9.00
C ARG A 487 19.25 16.18 9.52
N VAL A 488 19.13 16.30 10.85
CA VAL A 488 18.05 16.99 11.47
C VAL A 488 18.43 18.44 11.71
N VAL A 489 17.52 19.36 11.37
CA VAL A 489 17.72 20.77 11.62
C VAL A 489 16.61 21.27 12.54
N ALA A 490 17.03 21.94 13.62
CA ALA A 490 16.11 22.45 14.63
C ALA A 490 15.34 23.65 14.06
N PRO A 491 14.00 23.64 14.14
CA PRO A 491 13.23 24.72 13.50
C PRO A 491 13.49 26.09 14.09
N GLY A 492 13.84 26.10 15.40
CA GLY A 492 14.29 27.30 16.12
C GLY A 492 15.39 28.16 15.48
N LEU A 493 16.25 27.54 14.68
CA LEU A 493 17.26 28.29 13.95
C LEU A 493 16.68 29.33 12.99
N VAL A 494 15.52 29.01 12.36
CA VAL A 494 14.88 29.87 11.36
C VAL A 494 13.37 29.90 11.57
N ASP A 495 12.96 30.41 12.73
CA ASP A 495 11.55 30.40 13.16
C ASP A 495 10.86 31.71 12.75
N CYS A 496 9.58 31.83 13.08
N CYS A 496 9.58 31.84 13.07
CA CYS A 496 8.73 32.96 12.69
CA CYS A 496 8.77 32.99 12.61
C CYS A 496 9.33 34.32 13.00
C CYS A 496 9.31 34.34 13.01
N TYR A 497 10.12 34.37 14.06
CA TYR A 497 10.69 35.58 14.61
C TYR A 497 12.12 35.89 14.18
N ILE A 498 12.69 35.13 13.29
CA ILE A 498 14.03 35.44 12.76
C ILE A 498 14.08 36.87 12.16
N ASN A 499 15.01 37.71 12.61
CA ASN A 499 15.21 39.08 12.09
C ASN A 499 13.90 39.76 11.70
N LEU A 500 13.01 39.82 12.68
CA LEU A 500 11.68 40.35 12.51
C LEU A 500 11.72 41.81 12.15
N GLY A 501 11.04 42.20 11.08
CA GLY A 501 11.05 43.56 10.59
C GLY A 501 12.11 43.87 9.56
N ALA A 502 12.87 42.87 9.14
CA ALA A 502 14.08 43.17 8.37
C ALA A 502 14.07 42.54 6.99
N ARG A 503 14.76 43.20 6.07
CA ARG A 503 15.15 42.62 4.79
C ARG A 503 16.58 42.18 4.90
N TRP A 504 16.78 40.88 4.96
CA TRP A 504 18.05 40.36 5.37
C TRP A 504 18.21 38.94 4.98
N SER A 505 19.22 38.61 4.21
CA SER A 505 19.61 37.20 4.03
C SER A 505 20.44 36.73 5.21
N LEU A 506 20.27 35.47 5.57
CA LEU A 506 21.03 34.90 6.66
C LEU A 506 22.50 34.90 6.30
N ASP A 507 23.35 35.37 7.19
CA ASP A 507 24.81 35.25 7.00
C ASP A 507 25.28 33.84 6.63
N TYR A 508 24.69 32.79 7.21
CA TYR A 508 25.01 31.40 6.86
C TYR A 508 24.56 30.90 5.49
N MET A 509 23.67 31.63 4.83
CA MET A 509 23.12 31.20 3.52
C MET A 509 23.69 32.04 2.38
N ASP A 510 24.27 33.19 2.70
CA ASP A 510 24.96 34.01 1.69
C ASP A 510 25.96 33.23 0.88
N ASN A 511 26.73 32.36 1.51
CA ASN A 511 27.70 31.53 0.79
C ASN A 511 27.24 30.14 0.33
N VAL A 512 25.95 29.84 0.46
CA VAL A 512 25.38 28.57 0.02
C VAL A 512 24.69 28.85 -1.27
N ASN A 513 24.88 27.94 -2.20
CA ASN A 513 24.43 28.10 -3.60
C ASN A 513 22.89 28.18 -3.67
N PRO A 514 22.38 29.37 -4.00
CA PRO A 514 20.94 29.57 -3.97
C PRO A 514 20.20 28.88 -5.10
N PHE A 515 20.91 28.43 -6.11
CA PHE A 515 20.25 27.76 -7.25
C PHE A 515 19.94 26.28 -7.02
N ASN A 516 20.65 25.69 -6.07
CA ASN A 516 20.42 24.33 -5.67
C ASN A 516 19.28 24.34 -4.71
N HIS A 517 18.09 24.47 -5.24
CA HIS A 517 16.92 24.67 -4.40
C HIS A 517 15.71 24.15 -5.10
N HIS A 518 14.74 23.65 -4.31
CA HIS A 518 13.56 23.05 -4.87
C HIS A 518 12.66 24.04 -5.54
N ARG A 519 12.87 25.32 -5.29
CA ARG A 519 12.14 26.39 -5.97
C ARG A 519 12.86 27.04 -7.12
N ASN A 520 13.95 26.46 -7.62
CA ASN A 520 14.56 26.87 -8.89
C ASN A 520 13.56 26.52 -10.03
N ALA A 521 12.96 27.56 -10.55
CA ALA A 521 11.86 27.45 -11.52
C ALA A 521 12.33 26.72 -12.77
N GLY A 522 13.51 27.14 -13.25
CA GLY A 522 14.11 26.59 -14.46
C GLY A 522 14.32 25.08 -14.29
N LEU A 523 14.85 24.72 -13.14
CA LEU A 523 15.13 23.32 -12.83
C LEU A 523 13.82 22.52 -12.73
N ARG A 524 12.85 23.07 -11.96
CA ARG A 524 11.53 22.49 -11.94
C ARG A 524 11.05 22.15 -13.40
N TYR A 525 11.14 23.13 -14.26
CA TYR A 525 10.62 22.99 -15.59
C TYR A 525 11.34 21.90 -16.37
N ARG A 526 12.66 21.90 -16.23
CA ARG A 526 13.51 20.87 -16.84
C ARG A 526 13.17 19.45 -16.30
N SER A 527 12.92 19.38 -15.03
CA SER A 527 12.55 18.15 -14.39
C SER A 527 11.24 17.64 -15.00
N MET A 528 10.25 18.56 -15.16
CA MET A 528 8.94 18.19 -15.55
C MET A 528 8.73 17.95 -17.01
N LEU A 529 9.59 18.53 -17.87
CA LEU A 529 9.62 18.21 -19.29
C LEU A 529 9.83 16.73 -19.53
N LEU A 530 10.74 16.15 -18.77
CA LEU A 530 10.99 14.71 -18.75
C LEU A 530 9.82 13.87 -18.18
N GLY A 531 9.12 14.43 -17.20
CA GLY A 531 7.97 13.77 -16.56
C GLY A 531 8.17 13.65 -15.08
N ASN A 532 7.27 12.89 -14.44
CA ASN A 532 7.27 12.75 -12.99
C ASN A 532 7.83 11.44 -12.47
N GLY A 533 8.30 10.56 -13.35
CA GLY A 533 8.90 9.29 -12.94
C GLY A 533 10.42 9.29 -13.02
N ARG A 534 11.02 8.35 -12.31
CA ARG A 534 12.46 8.15 -12.39
C ARG A 534 12.90 7.50 -13.71
N TYR A 535 12.03 6.69 -14.31
CA TYR A 535 12.34 6.00 -15.58
C TYR A 535 11.88 6.74 -16.81
N VAL A 536 12.79 7.45 -17.46
CA VAL A 536 12.45 8.31 -18.61
C VAL A 536 13.08 7.85 -19.95
N PRO A 537 12.27 7.38 -20.89
CA PRO A 537 12.67 7.38 -22.27
C PRO A 537 12.65 8.82 -22.79
N PHE A 538 13.82 9.38 -23.13
CA PHE A 538 13.91 10.76 -23.60
C PHE A 538 14.24 10.97 -25.09
N HIS A 539 14.08 12.22 -25.56
CA HIS A 539 14.27 12.58 -26.96
C HIS A 539 14.47 14.07 -27.12
N ILE A 540 15.73 14.46 -27.22
CA ILE A 540 16.12 15.84 -27.23
C ILE A 540 16.86 16.28 -28.50
N GLN A 541 16.97 17.60 -28.65
CA GLN A 541 17.69 18.25 -29.71
C GLN A 541 18.73 19.11 -28.98
N VAL A 542 20.01 19.00 -29.37
CA VAL A 542 21.09 19.68 -28.68
C VAL A 542 21.77 20.65 -29.64
N PRO A 543 21.98 21.91 -29.24
CA PRO A 543 22.53 22.86 -30.19
C PRO A 543 24.06 22.96 -30.13
N GLN A 544 24.64 23.46 -31.21
CA GLN A 544 26.08 23.66 -31.30
C GLN A 544 26.44 25.04 -30.75
N LYS A 545 27.36 25.09 -29.78
CA LYS A 545 27.67 26.32 -29.07
C LYS A 545 28.99 26.92 -29.44
N PHE A 546 29.85 26.18 -30.17
CA PHE A 546 31.21 26.65 -30.47
C PHE A 546 31.17 27.82 -31.42
N PHE A 547 31.79 28.93 -31.01
CA PHE A 547 31.61 30.20 -31.70
C PHE A 547 31.99 30.19 -33.20
N ALA A 548 33.02 29.40 -33.52
CA ALA A 548 33.63 29.35 -34.83
C ALA A 548 32.78 28.72 -35.89
N ILE A 549 31.89 27.82 -35.51
CA ILE A 549 31.08 27.12 -36.50
C ILE A 549 29.56 27.27 -36.40
N LYS A 550 29.03 27.70 -35.26
CA LYS A 550 27.58 27.70 -35.02
C LYS A 550 26.72 28.60 -35.92
N ASN A 551 27.32 29.68 -36.42
CA ASN A 551 26.70 30.60 -37.38
C ASN A 551 27.24 30.50 -38.83
N LEU A 552 28.32 29.76 -39.03
CA LEU A 552 28.94 29.62 -40.36
C LEU A 552 27.95 29.30 -41.49
N LEU A 553 28.01 30.06 -42.57
CA LEU A 553 27.33 29.68 -43.80
C LEU A 553 28.24 28.71 -44.50
N LEU A 554 27.82 27.45 -44.54
CA LEU A 554 28.58 26.33 -45.13
C LEU A 554 28.11 26.13 -46.58
N LEU A 555 29.08 26.07 -47.50
CA LEU A 555 28.84 26.02 -48.94
C LEU A 555 28.96 24.57 -49.43
N PRO A 556 28.61 24.33 -50.70
CA PRO A 556 28.56 22.93 -51.13
C PRO A 556 29.86 22.16 -50.96
N GLY A 557 29.74 20.84 -50.84
CA GLY A 557 30.85 19.99 -50.46
C GLY A 557 30.35 18.85 -49.59
N SER A 558 31.24 17.95 -49.21
CA SER A 558 30.96 16.97 -48.19
C SER A 558 31.87 17.23 -47.07
N TYR A 559 31.32 17.17 -45.85
CA TYR A 559 32.02 17.55 -44.64
C TYR A 559 31.89 16.50 -43.56
N THR A 560 33.00 16.18 -42.93
CA THR A 560 32.98 15.34 -41.76
C THR A 560 32.63 16.19 -40.57
N TYR A 561 31.53 15.82 -39.90
CA TYR A 561 31.06 16.48 -38.66
C TYR A 561 30.96 15.44 -37.55
N GLU A 562 31.84 15.56 -36.56
CA GLU A 562 31.98 14.55 -35.52
C GLU A 562 32.09 15.18 -34.13
N TRP A 563 31.40 14.65 -33.13
CA TRP A 563 31.39 15.30 -31.81
C TRP A 563 31.31 14.31 -30.69
N ASN A 564 31.90 14.66 -29.57
CA ASN A 564 31.89 13.78 -28.42
C ASN A 564 30.87 14.26 -27.41
N PHE A 565 30.21 13.32 -26.77
CA PHE A 565 29.09 13.56 -25.87
C PHE A 565 29.32 12.84 -24.53
N ARG A 566 29.02 13.46 -23.39
CA ARG A 566 29.24 12.84 -22.06
C ARG A 566 28.13 11.89 -21.66
N LYS A 567 28.48 10.90 -20.83
CA LYS A 567 27.52 10.03 -20.13
C LYS A 567 27.58 10.15 -18.60
N ASP A 568 28.52 10.91 -18.07
CA ASP A 568 28.67 11.08 -16.60
C ASP A 568 27.47 11.84 -15.97
N VAL A 569 26.70 11.13 -15.14
CA VAL A 569 25.50 11.68 -14.56
C VAL A 569 25.71 12.94 -13.71
N ASN A 570 26.88 13.14 -13.13
CA ASN A 570 27.12 14.39 -12.40
C ASN A 570 27.41 15.57 -13.35
N MET A 571 27.61 15.29 -14.62
CA MET A 571 27.79 16.35 -15.60
C MET A 571 26.56 16.57 -16.45
N VAL A 572 25.97 15.52 -16.97
CA VAL A 572 24.82 15.69 -17.84
C VAL A 572 23.50 15.95 -17.08
N LEU A 573 23.40 15.45 -15.84
CA LEU A 573 22.22 15.67 -14.99
C LEU A 573 22.49 16.68 -13.84
N GLN A 574 21.43 17.35 -13.40
CA GLN A 574 21.48 18.37 -12.36
C GLN A 574 20.45 17.95 -11.33
N SER A 575 20.79 18.02 -10.05
CA SER A 575 19.82 17.75 -8.99
C SER A 575 19.67 19.02 -8.19
N SER A 576 18.49 19.27 -7.59
CA SER A 576 18.28 20.50 -6.78
C SER A 576 19.00 20.42 -5.43
N LEU A 577 19.16 19.22 -4.87
CA LEU A 577 20.00 19.08 -3.68
C LEU A 577 21.48 19.04 -3.95
N GLY A 578 21.86 18.67 -5.16
CA GLY A 578 23.27 18.58 -5.52
C GLY A 578 24.01 17.33 -5.08
N ASN A 579 23.27 16.24 -4.77
CA ASN A 579 23.90 14.97 -4.36
C ASN A 579 24.66 14.27 -5.49
N ASP A 580 25.48 13.31 -5.08
CA ASP A 580 26.30 12.53 -6.02
C ASP A 580 25.47 11.43 -6.72
N LEU A 581 25.21 11.65 -7.99
CA LEU A 581 24.32 10.79 -8.73
C LEU A 581 24.96 9.49 -9.17
N ARG A 582 26.29 9.48 -9.16
CA ARG A 582 27.06 8.26 -9.42
C ARG A 582 26.74 7.28 -8.31
N VAL A 583 27.07 7.61 -7.05
CA VAL A 583 26.68 6.74 -5.94
C VAL A 583 25.18 6.68 -5.74
N ASP A 584 24.42 7.71 -6.14
CA ASP A 584 22.96 7.66 -5.90
C ASP A 584 22.15 7.15 -7.06
N GLY A 585 22.74 6.37 -7.95
CA GLY A 585 21.96 5.40 -8.74
C GLY A 585 21.38 5.94 -10.03
N ALA A 586 21.68 7.18 -10.40
CA ALA A 586 21.20 7.64 -11.72
C ALA A 586 22.05 7.00 -12.79
N SER A 587 21.47 6.81 -13.98
CA SER A 587 22.17 6.28 -15.15
C SER A 587 21.49 6.70 -16.45
N ILE A 588 22.26 6.69 -17.54
CA ILE A 588 21.78 7.12 -18.86
C ILE A 588 22.41 6.30 -20.00
N LYS A 589 21.58 5.80 -20.91
CA LYS A 589 22.01 5.08 -22.12
CA LYS A 589 22.08 5.14 -22.11
C LYS A 589 21.61 5.90 -23.33
N PHE A 590 22.53 6.21 -24.22
CA PHE A 590 22.18 6.92 -25.46
C PHE A 590 21.92 5.87 -26.54
N ASP A 591 20.68 5.72 -27.00
CA ASP A 591 20.32 4.68 -27.98
C ASP A 591 20.73 5.07 -29.42
N SER A 592 20.36 6.27 -29.83
CA SER A 592 20.71 6.74 -31.12
C SER A 592 20.84 8.26 -31.15
N ILE A 593 21.65 8.71 -32.11
CA ILE A 593 21.97 10.11 -32.35
C ILE A 593 21.91 10.39 -33.86
N CYS A 594 21.28 11.48 -34.24
CA CYS A 594 21.13 11.82 -35.64
C CYS A 594 21.41 13.27 -35.78
N LEU A 595 21.84 13.66 -36.96
CA LEU A 595 22.13 15.05 -37.26
C LEU A 595 21.03 15.57 -38.17
N TYR A 596 20.44 16.71 -37.84
CA TYR A 596 19.47 17.35 -38.73
C TYR A 596 20.05 18.65 -39.25
N ALA A 597 19.64 19.01 -40.46
CA ALA A 597 20.02 20.28 -41.05
C ALA A 597 18.89 20.78 -41.95
N THR A 598 18.67 22.08 -41.93
CA THR A 598 17.59 22.69 -42.67
C THR A 598 18.18 23.75 -43.61
N PHE A 599 17.67 23.69 -44.82
CA PHE A 599 18.19 24.44 -45.94
C PHE A 599 17.08 25.35 -46.40
N PHE A 600 17.37 26.65 -46.55
CA PHE A 600 16.42 27.56 -47.17
C PHE A 600 16.36 27.07 -48.59
N PRO A 601 15.15 26.93 -49.17
CA PRO A 601 15.01 26.31 -50.48
C PRO A 601 15.30 27.35 -51.56
N MET A 602 16.55 27.79 -51.58
CA MET A 602 16.99 28.89 -52.43
C MET A 602 16.92 28.52 -53.90
N ALA A 603 16.57 29.53 -54.71
CA ALA A 603 16.68 29.43 -56.16
C ALA A 603 18.14 29.07 -56.54
N HIS A 604 18.28 28.14 -57.48
N HIS A 604 18.27 28.16 -57.49
CA HIS A 604 19.56 27.57 -57.84
CA HIS A 604 19.56 27.57 -57.84
C HIS A 604 20.52 28.55 -58.51
C HIS A 604 20.53 28.56 -58.52
N ASN A 605 20.01 29.51 -59.28
CA ASN A 605 20.86 30.57 -59.86
C ASN A 605 21.48 31.41 -58.70
N THR A 606 20.56 31.79 -57.80
CA THR A 606 20.89 32.67 -56.69
C THR A 606 21.88 32.04 -55.72
N ALA A 607 21.57 30.80 -55.33
CA ALA A 607 22.49 29.94 -54.58
C ALA A 607 23.89 29.80 -55.19
N SER A 608 23.94 29.50 -56.49
N SER A 608 23.93 29.49 -56.49
CA SER A 608 25.21 29.32 -57.22
CA SER A 608 25.18 29.30 -57.23
C SER A 608 26.03 30.60 -57.23
C SER A 608 26.02 30.59 -57.27
N THR A 609 25.35 31.74 -57.41
CA THR A 609 26.00 33.05 -57.37
C THR A 609 26.54 33.34 -55.97
N LEU A 610 25.76 33.01 -54.97
CA LEU A 610 26.16 33.19 -53.57
C LEU A 610 27.40 32.39 -53.21
N GLU A 611 27.40 31.11 -53.60
CA GLU A 611 28.53 30.24 -53.44
C GLU A 611 29.80 30.91 -54.02
N ALA A 612 29.62 31.36 -55.27
CA ALA A 612 30.71 31.98 -56.01
C ALA A 612 31.29 33.18 -55.27
N MET A 613 30.37 34.01 -54.75
CA MET A 613 30.70 35.19 -54.00
C MET A 613 31.51 34.83 -52.73
N LEU A 614 31.03 33.79 -52.03
CA LEU A 614 31.59 33.48 -50.75
C LEU A 614 32.83 32.67 -50.80
N ARG A 615 33.14 32.10 -51.99
CA ARG A 615 34.47 31.45 -52.18
C ARG A 615 35.64 32.48 -52.35
N ASN A 616 35.36 33.77 -52.57
CA ASN A 616 36.42 34.83 -52.59
C ASN A 616 37.05 35.16 -51.22
N ASP A 617 38.36 35.44 -51.24
CA ASP A 617 39.13 35.77 -50.03
C ASP A 617 38.65 37.06 -49.37
N THR A 618 38.30 38.04 -50.17
CA THR A 618 37.79 39.30 -49.61
C THR A 618 36.46 39.13 -48.81
N ASN A 619 35.70 38.08 -49.16
CA ASN A 619 34.42 37.77 -48.52
C ASN A 619 34.48 36.61 -47.50
N ASP A 620 35.62 36.40 -46.86
CA ASP A 620 35.72 35.42 -45.79
C ASP A 620 34.80 35.76 -44.61
N GLN A 621 34.26 34.70 -44.00
CA GLN A 621 33.45 34.81 -42.80
C GLN A 621 34.36 34.97 -41.59
N SER A 622 33.89 35.68 -40.59
CA SER A 622 34.65 35.97 -39.36
C SER A 622 33.70 35.99 -38.15
N PHE A 623 34.18 35.47 -37.01
CA PHE A 623 33.38 35.39 -35.77
C PHE A 623 34.22 35.70 -34.50
N ASN A 624 33.68 36.53 -33.60
CA ASN A 624 34.20 36.69 -32.25
C ASN A 624 33.42 35.81 -31.27
N ASP A 625 34.10 35.27 -30.26
CA ASP A 625 33.40 34.57 -29.16
C ASP A 625 32.80 35.64 -28.22
N TYR A 626 31.55 35.42 -27.78
CA TYR A 626 30.81 36.47 -27.08
C TYR A 626 31.56 36.86 -25.82
N LEU A 627 32.02 35.87 -25.07
CA LEU A 627 32.78 36.13 -23.85
C LEU A 627 34.16 36.79 -24.13
N SER A 628 34.84 36.31 -25.18
CA SER A 628 36.18 36.81 -25.62
C SER A 628 37.11 36.98 -24.45
N ALA A 629 37.54 35.87 -23.90
CA ALA A 629 38.44 35.94 -22.77
C ALA A 629 39.21 34.66 -22.53
N ALA A 630 40.38 34.85 -21.92
CA ALA A 630 41.21 33.77 -21.44
C ALA A 630 40.92 33.53 -19.96
N ASN A 631 40.56 32.29 -19.65
CA ASN A 631 39.94 31.88 -18.40
C ASN A 631 41.00 31.20 -17.52
N MET A 632 41.34 31.78 -16.37
N MET A 632 41.27 31.75 -16.34
CA MET A 632 42.25 31.12 -15.42
CA MET A 632 42.28 31.20 -15.43
C MET A 632 41.59 31.03 -14.08
C MET A 632 41.67 31.08 -14.03
N LEU A 633 41.82 29.89 -13.42
CA LEU A 633 41.30 29.57 -12.10
C LEU A 633 42.46 29.41 -11.06
N TYR A 634 42.41 30.13 -9.95
CA TYR A 634 43.48 30.03 -8.96
C TYR A 634 42.87 29.57 -7.64
N PRO A 635 43.53 28.66 -6.92
CA PRO A 635 43.00 28.12 -5.69
C PRO A 635 43.14 29.08 -4.52
N ILE A 636 42.09 29.09 -3.69
CA ILE A 636 42.03 29.85 -2.45
C ILE A 636 41.78 28.75 -1.43
N PRO A 637 42.82 28.31 -0.68
CA PRO A 637 42.72 27.35 0.45
C PRO A 637 41.68 27.73 1.50
N ALA A 638 41.24 26.76 2.29
CA ALA A 638 40.26 27.03 3.34
C ALA A 638 40.79 28.12 4.27
N ASN A 639 40.00 29.17 4.45
CA ASN A 639 40.27 30.25 5.40
C ASN A 639 41.32 31.25 4.96
N ALA A 640 41.80 31.15 3.73
CA ALA A 640 42.78 32.11 3.22
C ALA A 640 42.04 33.37 2.88
N THR A 641 42.68 34.51 3.09
CA THR A 641 42.10 35.78 2.81
C THR A 641 42.86 36.58 1.81
N ASN A 642 44.10 36.18 1.52
CA ASN A 642 45.00 36.94 0.63
C ASN A 642 45.29 36.03 -0.55
N VAL A 643 45.05 36.56 -1.76
CA VAL A 643 45.17 35.75 -2.98
C VAL A 643 46.00 36.51 -4.03
N PRO A 644 47.32 36.29 -4.06
CA PRO A 644 48.18 36.93 -5.04
C PRO A 644 48.31 36.10 -6.29
N ILE A 645 48.18 36.75 -7.43
CA ILE A 645 48.45 36.08 -8.67
C ILE A 645 49.45 36.90 -9.49
N SER A 646 50.18 36.20 -10.36
CA SER A 646 51.24 36.75 -11.19
C SER A 646 51.12 36.22 -12.60
N ILE A 647 51.04 37.13 -13.57
CA ILE A 647 51.17 36.77 -14.96
C ILE A 647 52.59 37.22 -15.39
N PRO A 648 53.39 36.30 -15.94
CA PRO A 648 54.74 36.65 -16.33
C PRO A 648 54.74 37.54 -17.57
N SER A 649 55.81 38.32 -17.73
CA SER A 649 55.93 39.31 -18.79
C SER A 649 55.41 38.86 -20.14
N ARG A 650 54.58 39.72 -20.74
CA ARG A 650 53.95 39.42 -22.03
C ARG A 650 53.41 40.71 -22.67
N ASN A 651 52.91 40.58 -23.90
CA ASN A 651 52.29 41.67 -24.60
C ASN A 651 50.87 41.83 -24.05
N TRP A 652 50.42 43.07 -23.90
CA TRP A 652 49.07 43.39 -23.44
C TRP A 652 48.27 44.20 -24.44
N ALA A 653 48.82 44.46 -25.61
CA ALA A 653 48.09 45.20 -26.64
C ALA A 653 46.76 44.54 -26.96
N ALA A 654 45.72 45.36 -27.08
CA ALA A 654 44.33 44.93 -27.31
C ALA A 654 43.62 44.36 -26.06
N PHE A 655 44.29 44.35 -24.92
CA PHE A 655 43.68 43.89 -23.67
C PHE A 655 42.47 44.75 -23.33
N ARG A 656 41.30 44.12 -23.20
CA ARG A 656 40.05 44.82 -22.91
C ARG A 656 39.75 45.03 -21.43
N GLY A 657 40.24 44.16 -20.56
CA GLY A 657 40.12 44.36 -19.12
C GLY A 657 39.92 43.07 -18.36
N TRP A 658 39.58 43.21 -17.08
CA TRP A 658 39.37 42.06 -16.19
C TRP A 658 37.88 41.86 -15.86
N ALA A 659 37.54 40.59 -15.64
CA ALA A 659 36.30 40.22 -14.99
C ALA A 659 36.60 39.08 -14.06
N PHE A 660 35.98 39.08 -12.89
CA PHE A 660 36.21 38.01 -11.94
C PHE A 660 35.00 37.65 -11.04
N THR A 661 35.08 36.45 -10.46
CA THR A 661 34.19 36.03 -9.42
C THR A 661 34.86 34.90 -8.66
N ARG A 662 34.14 34.32 -7.70
CA ARG A 662 34.67 33.23 -6.90
C ARG A 662 33.81 31.95 -7.04
N LEU A 663 34.43 30.77 -7.02
CA LEU A 663 33.71 29.49 -7.14
C LEU A 663 34.09 28.57 -6.00
N LYS A 664 33.25 27.58 -5.72
CA LYS A 664 33.64 26.53 -4.80
C LYS A 664 34.33 25.42 -5.61
N THR A 665 35.44 24.87 -5.10
CA THR A 665 36.14 23.86 -5.91
C THR A 665 35.27 22.63 -6.00
N LYS A 666 34.53 22.34 -4.95
CA LYS A 666 33.58 21.23 -4.98
C LYS A 666 32.60 21.29 -6.18
N GLU A 667 32.24 22.50 -6.62
CA GLU A 667 31.20 22.72 -7.61
C GLU A 667 31.73 23.10 -8.99
N THR A 668 33.01 22.85 -9.23
CA THR A 668 33.69 23.24 -10.47
C THR A 668 34.39 21.98 -10.99
N PRO A 669 33.83 21.28 -11.97
CA PRO A 669 34.52 20.04 -12.37
C PRO A 669 35.82 20.35 -13.11
N SER A 670 36.72 19.38 -13.17
CA SER A 670 38.04 19.65 -13.75
C SER A 670 37.94 19.90 -15.26
N LEU A 671 38.69 20.94 -15.64
CA LEU A 671 38.73 21.51 -16.99
C LEU A 671 39.17 20.43 -17.99
N GLY A 672 38.23 19.50 -18.23
CA GLY A 672 38.39 18.34 -19.08
C GLY A 672 39.77 17.73 -19.25
N SER A 673 39.92 16.51 -18.77
CA SER A 673 40.69 15.54 -19.56
C SER A 673 39.58 14.78 -20.34
N GLY A 674 38.67 14.15 -19.60
CA GLY A 674 37.57 13.39 -20.20
C GLY A 674 36.53 12.87 -19.22
N TYR A 675 36.95 12.52 -18.01
CA TYR A 675 36.09 12.15 -16.91
C TYR A 675 36.83 12.50 -15.68
N ASP A 676 36.14 13.10 -14.69
CA ASP A 676 36.76 13.46 -13.41
C ASP A 676 36.27 12.56 -12.26
N PRO A 677 37.03 11.53 -11.92
CA PRO A 677 36.52 10.60 -10.90
C PRO A 677 36.46 11.15 -9.48
N TYR A 678 36.98 12.35 -9.20
CA TYR A 678 36.84 12.97 -7.87
C TYR A 678 35.63 13.94 -7.74
N TYR A 679 34.93 14.19 -8.83
CA TYR A 679 33.80 15.09 -8.89
C TYR A 679 32.50 14.45 -8.38
N THR A 680 32.11 14.81 -7.15
CA THR A 680 30.98 14.19 -6.46
C THR A 680 29.82 15.14 -6.10
N TYR A 681 29.29 15.81 -7.10
CA TYR A 681 28.38 16.93 -6.96
C TYR A 681 27.54 17.08 -8.22
N SER A 682 26.22 17.18 -8.04
CA SER A 682 25.31 17.32 -9.19
C SER A 682 24.53 18.64 -9.30
N GLY A 683 24.95 19.67 -8.55
CA GLY A 683 24.22 20.97 -8.48
C GLY A 683 24.46 21.86 -9.67
N SER A 684 24.23 23.15 -9.56
CA SER A 684 24.53 24.03 -10.68
C SER A 684 26.01 24.24 -10.70
N ILE A 685 26.54 24.57 -11.87
CA ILE A 685 27.98 24.69 -12.07
C ILE A 685 28.25 26.12 -12.52
N PRO A 686 28.39 27.02 -11.56
CA PRO A 686 28.52 28.39 -11.96
C PRO A 686 29.60 28.70 -13.04
N TYR A 687 30.70 27.95 -13.03
CA TYR A 687 31.73 28.10 -14.06
C TYR A 687 31.14 27.97 -15.44
N LEU A 688 30.31 26.95 -15.64
CA LEU A 688 29.61 26.73 -16.95
C LEU A 688 28.29 27.53 -17.13
N ASP A 689 27.45 27.62 -16.09
CA ASP A 689 26.05 28.09 -16.30
C ASP A 689 25.77 29.54 -15.93
N GLY A 690 26.69 30.17 -15.19
CA GLY A 690 26.57 31.58 -14.82
C GLY A 690 25.79 31.84 -13.55
N THR A 691 25.59 30.81 -12.76
CA THR A 691 24.89 30.96 -11.49
C THR A 691 25.84 31.47 -10.39
N PHE A 692 26.54 32.58 -10.61
CA PHE A 692 27.55 33.04 -9.62
C PHE A 692 26.86 33.53 -8.34
N TYR A 693 27.42 33.23 -7.17
CA TYR A 693 26.78 33.68 -5.92
C TYR A 693 27.70 34.16 -4.82
N LEU A 694 29.01 34.19 -5.08
CA LEU A 694 29.99 34.56 -4.06
C LEU A 694 30.66 35.96 -4.26
N ASN A 695 30.19 36.76 -5.22
CA ASN A 695 30.76 38.10 -5.46
C ASN A 695 30.83 38.97 -4.21
N HIS A 696 29.92 38.77 -3.28
CA HIS A 696 29.88 39.63 -2.10
C HIS A 696 31.05 39.39 -1.15
N THR A 697 31.80 38.30 -1.36
CA THR A 697 32.97 37.96 -0.50
C THR A 697 34.33 38.60 -0.91
N PHE A 698 34.35 39.42 -1.95
CA PHE A 698 35.53 40.20 -2.30
C PHE A 698 35.63 41.46 -1.45
N LYS A 699 36.80 41.71 -0.84
CA LYS A 699 37.11 42.96 -0.09
C LYS A 699 37.80 44.00 -0.93
N LYS A 700 38.83 43.60 -1.66
CA LYS A 700 39.59 44.52 -2.53
C LYS A 700 40.51 43.80 -3.50
N VAL A 701 40.98 44.55 -4.49
CA VAL A 701 41.91 44.02 -5.49
C VAL A 701 42.88 45.11 -5.95
N ALA A 702 44.16 44.74 -5.92
CA ALA A 702 45.29 45.60 -6.28
C ALA A 702 45.84 45.13 -7.60
N ILE A 703 46.07 46.07 -8.52
CA ILE A 703 46.66 45.75 -9.82
C ILE A 703 47.98 46.52 -10.05
N THR A 704 49.03 45.77 -10.40
CA THR A 704 50.38 46.32 -10.50
C THR A 704 51.12 45.73 -11.67
N PHE A 705 51.49 46.59 -12.62
CA PHE A 705 52.36 46.18 -13.73
C PHE A 705 53.85 46.43 -13.39
N ASP A 706 54.69 45.51 -13.87
CA ASP A 706 56.15 45.63 -13.75
C ASP A 706 56.61 45.86 -12.34
N SER A 707 55.99 45.13 -11.43
CA SER A 707 56.28 45.12 -9.98
C SER A 707 56.36 46.48 -9.24
N SER A 708 55.73 47.53 -9.77
CA SER A 708 55.68 48.84 -9.09
C SER A 708 54.81 49.95 -9.75
N VAL A 709 54.28 49.77 -10.97
CA VAL A 709 53.32 50.74 -11.54
C VAL A 709 51.89 50.31 -11.12
N SER A 710 51.35 51.01 -10.13
CA SER A 710 50.05 50.69 -9.58
C SER A 710 49.01 51.16 -10.57
N TRP A 711 48.08 50.27 -10.94
CA TRP A 711 47.07 50.56 -11.96
C TRP A 711 45.70 50.65 -11.29
N PRO A 712 44.90 51.68 -11.55
CA PRO A 712 45.12 52.76 -12.51
C PRO A 712 46.00 53.97 -12.04
N GLY A 713 46.40 54.00 -10.78
CA GLY A 713 47.16 55.11 -10.24
C GLY A 713 46.61 56.44 -10.68
N ASN A 714 47.51 57.31 -11.13
CA ASN A 714 47.20 58.68 -11.51
C ASN A 714 46.27 59.39 -10.52
N ASP A 715 46.31 58.98 -9.25
CA ASP A 715 45.45 59.54 -8.20
C ASP A 715 43.95 59.49 -8.54
N ARG A 716 43.52 58.42 -9.22
CA ARG A 716 42.14 58.40 -9.78
C ARG A 716 41.07 58.14 -8.72
N LEU A 717 41.33 57.23 -7.80
CA LEU A 717 40.35 56.74 -6.84
C LEU A 717 40.52 57.32 -5.42
N LEU A 718 39.48 57.29 -4.60
CA LEU A 718 39.55 57.82 -3.24
C LEU A 718 40.50 57.00 -2.37
N THR A 719 40.70 55.74 -2.73
CA THR A 719 41.83 54.96 -2.22
C THR A 719 42.65 54.63 -3.45
N PRO A 720 43.63 55.48 -3.75
CA PRO A 720 44.23 55.46 -5.08
C PRO A 720 45.08 54.25 -5.45
N ASN A 721 45.66 53.54 -4.50
N ASN A 721 45.62 53.58 -4.44
CA ASN A 721 46.56 52.45 -4.92
CA ASN A 721 46.53 52.46 -4.63
C ASN A 721 45.90 51.09 -5.03
C ASN A 721 45.86 51.19 -5.15
N GLU A 722 44.59 51.00 -4.81
CA GLU A 722 43.84 49.73 -4.99
C GLU A 722 42.35 49.92 -5.20
N PHE A 723 41.70 48.89 -5.74
CA PHE A 723 40.24 48.90 -5.88
C PHE A 723 39.64 48.26 -4.62
N GLU A 724 38.97 49.09 -3.84
CA GLU A 724 38.40 48.69 -2.57
C GLU A 724 36.91 48.41 -2.77
N ILE A 725 36.52 47.15 -2.58
CA ILE A 725 35.14 46.72 -2.90
C ILE A 725 34.10 46.99 -1.79
N LYS A 726 34.52 46.81 -0.54
CA LYS A 726 33.68 47.07 0.62
C LYS A 726 34.53 47.32 1.86
N ARG A 727 34.00 48.14 2.76
CA ARG A 727 34.65 48.52 4.01
C ARG A 727 33.79 48.01 5.15
N SER A 728 34.39 47.65 6.28
CA SER A 728 33.64 47.35 7.50
C SER A 728 33.89 48.38 8.62
N VAL A 729 32.81 49.05 9.05
CA VAL A 729 32.60 49.84 10.35
C VAL A 729 33.50 51.10 10.68
N ASP A 730 33.75 51.96 9.68
CA ASP A 730 34.89 52.95 9.72
C ASP A 730 35.00 53.76 8.39
N GLY A 731 34.88 52.95 7.35
CA GLY A 731 34.81 53.44 6.02
C GLY A 731 33.47 54.03 5.74
N GLU A 732 32.72 54.40 6.78
CA GLU A 732 31.38 54.92 6.58
C GLU A 732 31.46 56.39 6.12
N GLY A 733 32.65 56.89 5.73
CA GLY A 733 32.75 58.03 4.83
C GLY A 733 32.54 57.61 3.38
N TYR A 734 33.29 56.61 2.96
CA TYR A 734 33.35 56.22 1.58
C TYR A 734 32.30 55.19 1.12
N ASN A 735 31.52 54.62 2.04
CA ASN A 735 30.54 53.62 1.66
C ASN A 735 29.38 54.31 0.96
N VAL A 736 28.61 53.56 0.19
CA VAL A 736 27.56 54.14 -0.59
C VAL A 736 26.30 53.26 -0.61
N ALA A 737 25.18 53.86 -1.02
CA ALA A 737 23.95 53.14 -1.34
C ALA A 737 23.36 52.41 -0.14
N GLN A 738 23.60 52.93 1.06
CA GLN A 738 23.05 52.34 2.29
C GLN A 738 23.55 50.93 2.59
N CYS A 739 24.68 50.56 2.02
CA CYS A 739 25.36 49.31 2.39
C CYS A 739 26.87 49.54 2.56
N ASN A 740 27.65 48.47 2.63
CA ASN A 740 29.10 48.54 2.88
C ASN A 740 29.95 48.65 1.59
N MET A 741 29.31 48.74 0.43
CA MET A 741 29.99 48.91 -0.87
C MET A 741 30.54 50.31 -0.94
N THR A 742 31.73 50.45 -1.52
CA THR A 742 32.40 51.76 -1.53
C THR A 742 31.93 52.56 -2.70
N LYS A 743 32.10 53.87 -2.55
CA LYS A 743 31.70 54.82 -3.62
C LYS A 743 32.48 54.49 -4.89
N ASP A 744 33.77 54.20 -4.72
CA ASP A 744 34.66 54.04 -5.86
C ASP A 744 34.19 52.85 -6.72
N TRP A 745 34.01 51.75 -5.98
CA TRP A 745 33.63 50.47 -6.62
C TRP A 745 32.29 50.62 -7.29
N PHE A 746 31.35 51.30 -6.61
CA PHE A 746 30.02 51.51 -7.19
C PHE A 746 30.12 52.30 -8.48
N LEU A 747 30.96 53.32 -8.50
CA LEU A 747 31.20 54.12 -9.69
C LEU A 747 31.77 53.30 -10.83
N VAL A 748 32.86 52.58 -10.58
CA VAL A 748 33.49 51.75 -11.56
C VAL A 748 32.44 50.79 -12.14
N GLN A 749 31.69 50.07 -11.28
CA GLN A 749 30.79 49.08 -11.83
C GLN A 749 29.69 49.75 -12.67
N MET A 750 29.24 50.93 -12.22
CA MET A 750 28.19 51.58 -13.04
C MET A 750 28.75 52.02 -14.35
N LEU A 751 30.00 52.46 -14.41
CA LEU A 751 30.62 52.84 -15.67
C LEU A 751 30.83 51.62 -16.61
N ALA A 752 31.47 50.63 -16.00
CA ALA A 752 31.70 49.34 -16.60
C ALA A 752 30.46 48.80 -17.28
N ASN A 753 29.28 48.92 -16.66
CA ASN A 753 28.10 48.26 -17.20
C ASN A 753 27.20 49.18 -17.99
N TYR A 754 27.14 50.47 -17.72
CA TYR A 754 26.13 51.32 -18.33
C TYR A 754 26.64 52.70 -18.74
N ASN A 755 27.92 53.00 -18.56
CA ASN A 755 28.43 54.37 -18.81
C ASN A 755 27.77 55.45 -17.97
N ILE A 756 27.42 55.11 -16.73
CA ILE A 756 26.70 55.99 -15.82
C ILE A 756 27.66 56.25 -14.67
N GLY A 757 27.76 57.51 -14.21
CA GLY A 757 28.77 57.86 -13.19
C GLY A 757 29.17 59.31 -13.17
N TYR A 758 29.62 59.78 -14.32
CA TYR A 758 30.15 61.14 -14.42
C TYR A 758 29.05 62.19 -14.53
N GLN A 759 27.82 61.79 -14.83
CA GLN A 759 26.69 62.76 -14.90
C GLN A 759 25.50 62.34 -13.99
N GLY A 760 25.85 61.87 -12.78
CA GLY A 760 24.89 61.47 -11.75
C GLY A 760 24.48 60.01 -11.80
N PHE A 761 24.25 59.41 -10.64
CA PHE A 761 23.79 58.00 -10.59
C PHE A 761 22.28 57.92 -10.75
N TYR A 762 21.83 56.93 -11.52
CA TYR A 762 20.41 56.74 -11.82
C TYR A 762 20.21 55.32 -12.37
N ILE A 763 18.96 54.89 -12.50
CA ILE A 763 18.69 53.50 -12.88
C ILE A 763 18.84 53.38 -14.39
N PRO A 764 19.61 52.38 -14.86
CA PRO A 764 19.69 52.19 -16.30
C PRO A 764 18.38 51.75 -16.91
N GLU A 765 18.21 52.03 -18.19
CA GLU A 765 17.08 51.51 -18.97
C GLU A 765 17.05 49.99 -18.81
N SER A 766 15.85 49.41 -18.81
N SER A 766 15.85 49.40 -18.81
CA SER A 766 15.66 47.97 -18.61
CA SER A 766 15.68 47.96 -18.59
C SER A 766 16.41 47.14 -19.64
C SER A 766 16.42 47.13 -19.64
N TYR A 767 16.28 47.48 -20.92
CA TYR A 767 16.95 46.74 -22.00
C TYR A 767 18.50 46.73 -21.91
N LYS A 768 19.07 47.72 -21.22
CA LYS A 768 20.52 47.76 -21.00
C LYS A 768 20.99 47.05 -19.72
N ASP A 769 20.05 46.54 -18.91
CA ASP A 769 20.28 46.04 -17.53
C ASP A 769 19.67 44.65 -17.45
N ARG A 770 20.43 43.67 -17.93
CA ARG A 770 19.88 42.38 -18.25
C ARG A 770 20.11 41.41 -17.09
N MET A 771 19.82 40.13 -17.30
N MET A 771 19.81 40.13 -17.28
CA MET A 771 19.85 39.13 -16.22
CA MET A 771 19.84 39.17 -16.16
C MET A 771 21.15 39.07 -15.44
C MET A 771 21.16 39.05 -15.41
N TYR A 772 22.26 39.14 -16.16
CA TYR A 772 23.61 39.03 -15.56
C TYR A 772 24.28 40.39 -15.24
N SER A 773 23.55 41.49 -15.36
CA SER A 773 24.12 42.81 -15.18
C SER A 773 24.18 43.18 -13.72
N PHE A 774 24.81 44.31 -13.44
CA PHE A 774 25.22 44.63 -12.08
C PHE A 774 24.03 45.08 -11.22
N PHE A 775 23.40 46.15 -11.65
CA PHE A 775 22.31 46.78 -10.96
C PHE A 775 21.15 45.83 -10.73
N ARG A 776 20.73 45.15 -11.78
CA ARG A 776 19.65 44.14 -11.68
C ARG A 776 19.83 43.24 -10.48
N ASN A 777 21.07 42.93 -10.12
CA ASN A 777 21.31 41.98 -9.05
C ASN A 777 21.80 42.61 -7.73
N PHE A 778 21.96 43.92 -7.75
CA PHE A 778 22.51 44.59 -6.58
C PHE A 778 21.45 44.63 -5.48
N GLN A 779 21.76 44.01 -4.36
CA GLN A 779 20.83 43.81 -3.29
C GLN A 779 21.52 44.28 -2.02
N PRO A 780 21.45 45.57 -1.72
CA PRO A 780 21.99 46.06 -0.43
C PRO A 780 21.02 45.85 0.74
N MET A 781 21.54 45.46 1.90
CA MET A 781 20.77 45.12 3.11
C MET A 781 21.39 45.69 4.37
N SER A 782 20.59 45.79 5.43
CA SER A 782 21.03 46.22 6.76
C SER A 782 20.16 45.56 7.82
N ARG A 783 20.70 45.42 9.02
CA ARG A 783 19.85 45.05 10.13
C ARG A 783 20.42 45.49 11.47
N GLN A 784 19.62 45.36 12.52
CA GLN A 784 20.06 45.62 13.86
C GLN A 784 20.08 44.35 14.65
N VAL A 785 21.09 44.19 15.49
CA VAL A 785 21.19 43.05 16.44
C VAL A 785 21.47 43.63 17.82
N VAL A 786 21.36 42.83 18.86
CA VAL A 786 21.64 43.30 20.22
C VAL A 786 23.12 43.56 20.31
N ASP A 787 23.51 44.59 21.06
CA ASP A 787 24.92 44.89 21.25
C ASP A 787 25.38 44.19 22.50
N ASP A 788 26.08 43.07 22.35
CA ASP A 788 26.59 42.31 23.52
C ASP A 788 27.61 43.02 24.43
N THR A 789 28.23 44.11 23.95
CA THR A 789 29.20 44.86 24.76
C THR A 789 28.52 45.92 25.60
N LYS A 790 27.50 46.58 25.04
CA LYS A 790 26.85 47.73 25.68
C LYS A 790 25.47 47.50 26.29
N TYR A 791 24.84 46.33 26.10
CA TYR A 791 23.53 46.06 26.69
C TYR A 791 23.75 45.40 28.05
N LYS A 792 23.34 46.09 29.12
CA LYS A 792 23.79 45.73 30.51
C LYS A 792 23.39 44.30 30.88
N ASP A 793 22.22 43.89 30.40
CA ASP A 793 21.64 42.62 30.77
C ASP A 793 21.83 41.51 29.73
N TYR A 794 22.64 41.74 28.71
CA TYR A 794 22.95 40.72 27.73
C TYR A 794 23.31 39.41 28.35
N GLN A 795 22.69 38.32 27.89
CA GLN A 795 23.07 36.97 28.19
C GLN A 795 23.14 36.25 26.87
N GLN A 796 24.17 35.45 26.65
CA GLN A 796 24.26 34.65 25.42
C GLN A 796 23.57 33.32 25.61
N VAL A 797 22.33 33.24 25.13
CA VAL A 797 21.50 32.05 25.23
C VAL A 797 21.48 31.31 23.91
N GLY A 798 22.05 30.14 23.87
CA GLY A 798 22.08 29.36 22.63
C GLY A 798 20.81 28.59 22.32
N ILE A 799 20.79 27.99 21.14
CA ILE A 799 19.61 27.26 20.64
C ILE A 799 19.13 26.19 21.61
N LEU A 800 20.01 25.57 22.43
CA LEU A 800 19.56 24.60 23.45
C LEU A 800 18.59 25.13 24.49
N HIS A 801 18.70 26.41 24.80
CA HIS A 801 17.94 27.06 25.88
C HIS A 801 17.03 28.22 25.44
N GLN A 802 16.92 28.48 24.14
CA GLN A 802 15.88 29.36 23.66
C GLN A 802 14.52 28.75 23.87
N HIS A 803 13.57 29.56 24.27
CA HIS A 803 12.19 29.13 24.30
C HIS A 803 11.27 30.25 23.85
N ASN A 804 10.48 29.95 22.82
CA ASN A 804 9.49 30.82 22.20
C ASN A 804 8.49 29.86 21.59
N ASN A 805 7.22 29.99 21.94
CA ASN A 805 6.23 28.97 21.59
C ASN A 805 6.40 27.63 22.32
N SER A 806 7.05 27.67 23.49
CA SER A 806 7.16 26.45 24.28
C SER A 806 5.75 25.96 24.59
N GLY A 807 5.59 24.62 24.55
CA GLY A 807 4.31 23.96 24.72
C GLY A 807 3.56 23.77 23.41
N PHE A 808 3.92 24.53 22.38
CA PHE A 808 3.18 24.54 21.14
C PHE A 808 3.96 24.05 19.94
N VAL A 809 5.24 23.72 20.16
CA VAL A 809 6.17 23.26 19.08
C VAL A 809 7.07 22.23 19.70
N GLY A 810 7.84 21.54 18.88
CA GLY A 810 8.80 20.55 19.38
C GLY A 810 10.19 21.09 19.73
N TYR A 811 10.95 20.29 20.45
CA TYR A 811 12.22 20.70 20.99
C TYR A 811 13.32 20.27 20.03
N LEU A 812 13.92 21.24 19.35
CA LEU A 812 15.09 21.02 18.51
C LEU A 812 14.87 20.05 17.37
N ALA A 813 13.63 19.93 16.92
CA ALA A 813 13.25 18.98 15.87
C ALA A 813 11.87 19.34 15.33
N PRO A 814 11.59 18.95 14.09
CA PRO A 814 10.30 19.23 13.44
C PRO A 814 9.22 18.20 13.82
N THR A 815 8.95 18.07 15.12
CA THR A 815 8.25 16.95 15.66
C THR A 815 7.17 17.43 16.57
N MET A 816 6.45 16.49 17.18
CA MET A 816 5.30 16.79 18.04
C MET A 816 5.54 17.87 19.04
N ARG A 817 4.57 18.76 19.16
CA ARG A 817 4.60 19.77 20.23
C ARG A 817 4.90 19.19 21.60
N GLU A 818 5.61 19.98 22.41
CA GLU A 818 5.97 19.56 23.74
C GLU A 818 6.23 20.75 24.61
N GLY A 819 6.08 20.53 25.91
CA GLY A 819 6.41 21.54 26.88
C GLY A 819 5.20 22.19 27.47
N GLN A 820 5.39 23.42 27.95
CA GLN A 820 4.37 24.24 28.60
C GLN A 820 4.46 25.66 28.08
N ALA A 821 3.30 26.33 28.01
CA ALA A 821 3.21 27.77 27.82
C ALA A 821 4.09 28.49 28.81
N TYR A 822 4.83 29.48 28.37
CA TYR A 822 5.67 30.31 29.26
C TYR A 822 6.15 31.56 28.50
N PRO A 823 6.48 32.66 29.22
CA PRO A 823 7.09 33.86 28.59
C PRO A 823 8.36 33.51 27.84
N ALA A 824 8.50 34.07 26.64
CA ALA A 824 9.63 33.74 25.81
C ALA A 824 10.87 34.39 26.41
N ASN A 825 12.02 33.78 26.17
CA ASN A 825 13.30 34.35 26.61
C ASN A 825 14.14 34.87 25.48
N PHE A 826 13.56 34.84 24.27
CA PHE A 826 14.31 35.06 23.03
C PHE A 826 13.29 35.34 21.95
N PRO A 827 13.57 36.15 20.93
CA PRO A 827 14.75 37.01 20.76
C PRO A 827 14.67 38.33 21.54
N TYR A 828 15.79 39.06 21.64
CA TYR A 828 15.77 40.39 22.29
C TYR A 828 14.99 41.35 21.41
N PRO A 829 14.12 42.20 22.00
CA PRO A 829 13.37 43.17 21.17
C PRO A 829 14.28 44.37 20.75
N LEU A 830 14.23 44.67 19.48
CA LEU A 830 14.95 45.81 18.97
C LEU A 830 14.04 47.04 18.76
N ILE A 831 12.78 46.94 19.23
CA ILE A 831 11.79 47.99 19.07
C ILE A 831 10.99 48.18 20.33
N GLY A 832 10.17 49.22 20.36
CA GLY A 832 9.35 49.52 21.56
C GLY A 832 9.99 50.31 22.69
N LYS A 833 9.22 50.46 23.75
CA LYS A 833 9.63 51.16 24.97
C LYS A 833 10.87 50.55 25.66
N THR A 834 10.98 49.21 25.65
CA THR A 834 12.15 48.52 26.21
C THR A 834 13.13 47.85 25.20
N ALA A 835 13.32 48.50 24.04
CA ALA A 835 14.28 48.00 23.04
C ALA A 835 15.69 48.00 23.64
N VAL A 836 16.50 47.00 23.30
CA VAL A 836 17.89 46.88 23.72
C VAL A 836 18.88 47.75 22.95
N ASP A 837 20.05 47.93 23.52
CA ASP A 837 21.15 48.65 22.85
C ASP A 837 21.49 47.82 21.61
N SER A 838 21.63 48.46 20.47
N SER A 838 21.71 48.48 20.50
CA SER A 838 21.87 47.73 19.24
CA SER A 838 21.83 47.80 19.24
C SER A 838 23.09 48.21 18.48
C SER A 838 23.09 48.21 18.48
N ILE A 839 23.51 47.35 17.54
CA ILE A 839 24.51 47.70 16.52
C ILE A 839 23.94 47.31 15.19
N THR A 840 24.44 47.96 14.15
CA THR A 840 23.92 47.84 12.83
C THR A 840 24.94 47.10 12.03
N GLN A 841 24.51 46.06 11.32
CA GLN A 841 25.33 45.37 10.34
C GLN A 841 24.84 45.74 8.96
N LYS A 842 25.73 45.74 7.99
CA LYS A 842 25.40 46.08 6.62
C LYS A 842 26.16 45.19 5.68
N LYS A 843 25.48 44.79 4.61
CA LYS A 843 26.07 43.98 3.55
C LYS A 843 25.35 44.13 2.23
N PHE A 844 25.75 43.38 1.23
CA PHE A 844 25.03 43.30 -0.04
C PHE A 844 25.14 41.90 -0.64
N LEU A 845 24.21 41.53 -1.49
CA LEU A 845 24.38 40.36 -2.32
C LEU A 845 24.40 40.90 -3.74
N CYS A 846 25.15 40.23 -4.63
CA CYS A 846 25.20 40.58 -6.05
C CYS A 846 25.40 39.29 -6.88
N ASP A 847 24.33 38.50 -6.91
CA ASP A 847 24.34 37.19 -7.56
C ASP A 847 24.31 37.36 -9.09
N ARG A 848 24.74 36.34 -9.82
CA ARG A 848 24.61 36.23 -11.27
C ARG A 848 25.63 37.05 -12.07
N THR A 849 25.93 38.27 -11.65
CA THR A 849 26.93 39.07 -12.34
C THR A 849 28.40 38.57 -12.14
N LEU A 850 29.30 39.13 -12.92
CA LEU A 850 30.74 39.10 -12.69
C LEU A 850 31.22 40.53 -12.33
N TRP A 851 32.24 40.65 -11.48
CA TRP A 851 32.87 41.94 -11.21
C TRP A 851 33.67 42.38 -12.40
N ARG A 852 33.62 43.67 -12.73
CA ARG A 852 34.22 44.18 -13.98
C ARG A 852 35.17 45.38 -13.80
N ILE A 853 36.42 45.20 -14.24
CA ILE A 853 37.40 46.31 -14.27
C ILE A 853 37.87 46.45 -15.73
N PRO A 854 37.21 47.32 -16.53
CA PRO A 854 37.58 47.48 -17.95
C PRO A 854 38.83 48.35 -18.14
N PHE A 855 39.65 47.96 -19.12
CA PHE A 855 40.91 48.61 -19.48
C PHE A 855 40.64 49.82 -20.38
N SER A 856 40.13 50.86 -19.76
CA SER A 856 39.67 52.02 -20.48
C SER A 856 40.03 53.22 -19.59
N SER A 857 40.47 54.33 -20.19
CA SER A 857 41.06 55.41 -19.39
C SER A 857 40.10 56.01 -18.35
N ASN A 858 38.79 55.97 -18.66
CA ASN A 858 37.70 56.45 -17.80
C ASN A 858 36.71 55.33 -17.37
N PHE A 859 37.09 54.06 -17.55
CA PHE A 859 36.25 52.88 -17.28
C PHE A 859 35.02 52.71 -18.18
N MET A 860 34.81 53.63 -19.10
CA MET A 860 33.67 53.59 -19.99
C MET A 860 33.90 52.74 -21.25
N SER A 861 32.78 52.23 -21.76
CA SER A 861 32.70 51.50 -23.00
C SER A 861 32.55 52.52 -24.08
N MET A 862 33.68 52.81 -24.72
CA MET A 862 33.74 53.71 -25.86
C MET A 862 34.20 52.97 -27.11
N GLY A 863 34.20 51.63 -27.07
CA GLY A 863 34.67 50.82 -28.21
C GLY A 863 35.34 49.54 -27.71
N ALA A 864 35.09 48.44 -28.41
CA ALA A 864 35.58 47.12 -27.95
C ALA A 864 37.11 47.09 -27.78
N LEU A 865 37.80 47.59 -28.81
CA LEU A 865 39.22 47.90 -28.75
C LEU A 865 39.36 49.21 -27.95
N THR A 866 39.89 49.08 -26.75
CA THR A 866 39.86 50.19 -25.79
C THR A 866 40.98 51.16 -26.03
N ASP A 867 40.79 52.39 -25.58
CA ASP A 867 41.82 53.40 -25.74
C ASP A 867 43.17 52.91 -25.21
N LEU A 868 43.20 52.35 -24.01
CA LEU A 868 44.44 51.78 -23.42
C LEU A 868 44.96 50.53 -24.15
N GLY A 869 44.05 49.76 -24.75
CA GLY A 869 44.43 48.60 -25.57
C GLY A 869 45.35 49.02 -26.71
N GLN A 870 45.05 50.18 -27.30
CA GLN A 870 45.79 50.77 -28.40
C GLN A 870 46.94 51.71 -27.98
N ASN A 871 47.05 52.04 -26.69
CA ASN A 871 48.10 52.95 -26.17
C ASN A 871 49.45 52.38 -26.52
N LEU A 872 50.43 53.27 -26.67
CA LEU A 872 51.78 52.91 -27.20
C LEU A 872 52.71 52.29 -26.14
N LEU A 873 52.48 52.63 -24.86
CA LEU A 873 53.11 51.93 -23.73
C LEU A 873 52.93 50.42 -23.80
N TYR A 874 51.73 49.97 -24.23
CA TYR A 874 51.37 48.53 -24.33
C TYR A 874 51.69 47.97 -25.72
N ALA A 875 51.72 48.85 -26.73
CA ALA A 875 52.01 48.46 -28.11
C ALA A 875 53.28 47.65 -28.21
N ASN A 876 54.42 48.31 -28.03
CA ASN A 876 55.70 47.72 -28.42
C ASN A 876 56.65 47.61 -27.24
N SER A 877 56.21 46.86 -26.23
CA SER A 877 57.04 46.43 -25.10
C SER A 877 56.22 45.54 -24.19
N ALA A 878 56.74 44.39 -23.81
CA ALA A 878 56.10 43.52 -22.83
C ALA A 878 56.04 44.12 -21.38
N HIS A 879 55.07 43.64 -20.59
CA HIS A 879 54.99 43.92 -19.15
C HIS A 879 54.57 42.68 -18.37
N ALA A 880 55.05 42.57 -17.13
CA ALA A 880 54.54 41.56 -16.22
C ALA A 880 53.45 42.22 -15.39
N LEU A 881 52.59 41.39 -14.81
CA LEU A 881 51.43 41.86 -14.07
C LEU A 881 51.22 41.05 -12.82
N ASP A 882 50.95 41.75 -11.73
CA ASP A 882 50.66 41.15 -10.46
C ASP A 882 49.35 41.69 -9.91
N MET A 883 48.40 40.79 -9.64
CA MET A 883 47.18 41.15 -8.92
C MET A 883 47.13 40.50 -7.54
N THR A 884 46.72 41.25 -6.54
CA THR A 884 46.49 40.68 -5.23
C THR A 884 45.05 40.94 -4.84
N PHE A 885 44.28 39.86 -4.77
CA PHE A 885 42.89 39.88 -4.32
C PHE A 885 42.78 39.60 -2.83
N GLU A 886 41.93 40.35 -2.12
CA GLU A 886 41.59 40.06 -0.73
C GLU A 886 40.10 39.64 -0.58
N VAL A 887 39.89 38.46 0.01
CA VAL A 887 38.56 37.89 0.10
C VAL A 887 38.25 37.50 1.53
N ASP A 888 36.96 37.39 1.84
CA ASP A 888 36.49 36.91 3.13
C ASP A 888 36.79 35.44 3.23
N PRO A 889 37.20 34.99 4.42
CA PRO A 889 37.54 33.59 4.59
C PRO A 889 36.31 32.70 4.47
N MET A 890 36.50 31.52 3.90
CA MET A 890 35.49 30.49 3.79
C MET A 890 36.02 29.10 4.22
N ASP A 891 35.24 28.41 5.04
CA ASP A 891 35.63 27.11 5.59
C ASP A 891 35.83 25.97 4.57
N GLU A 892 35.63 26.20 3.28
CA GLU A 892 36.01 25.20 2.27
C GLU A 892 36.88 25.81 1.17
N PRO A 893 37.55 24.98 0.37
CA PRO A 893 38.36 25.47 -0.74
C PRO A 893 37.57 26.14 -1.85
N THR A 894 38.12 27.23 -2.36
CA THR A 894 37.49 27.99 -3.41
C THR A 894 38.49 28.36 -4.51
N LEU A 895 37.96 28.89 -5.60
CA LEU A 895 38.70 29.28 -6.74
C LEU A 895 38.39 30.75 -7.05
N LEU A 896 39.45 31.55 -7.21
CA LEU A 896 39.37 32.85 -7.87
C LEU A 896 39.35 32.56 -9.35
N TYR A 897 38.42 33.21 -10.06
CA TYR A 897 38.17 32.94 -11.48
C TYR A 897 38.28 34.27 -12.16
N VAL A 898 39.38 34.50 -12.85
CA VAL A 898 39.66 35.81 -13.48
C VAL A 898 39.51 35.54 -14.96
N LEU A 899 38.69 36.35 -15.62
CA LEU A 899 38.58 36.38 -17.08
C LEU A 899 39.37 37.59 -17.64
N PHE A 900 40.48 37.30 -18.32
CA PHE A 900 41.27 38.36 -18.95
C PHE A 900 40.60 38.59 -20.25
N GLU A 901 40.03 39.77 -20.41
CA GLU A 901 39.18 40.04 -21.57
C GLU A 901 40.05 40.43 -22.79
N VAL A 902 39.82 39.75 -23.90
CA VAL A 902 40.69 39.88 -25.07
C VAL A 902 39.85 39.85 -26.34
N PHE A 903 40.50 39.78 -27.50
CA PHE A 903 39.85 39.45 -28.78
C PHE A 903 40.13 37.99 -29.11
N ASP A 904 39.06 37.21 -29.28
CA ASP A 904 39.13 35.77 -29.54
C ASP A 904 38.33 35.56 -30.81
N VAL A 905 39.07 35.53 -31.92
CA VAL A 905 38.51 35.67 -33.26
C VAL A 905 38.87 34.48 -34.14
N VAL A 906 37.98 34.20 -35.09
CA VAL A 906 38.26 33.27 -36.16
C VAL A 906 37.85 33.90 -37.48
N ARG A 907 38.69 33.69 -38.50
CA ARG A 907 38.37 34.06 -39.87
C ARG A 907 38.27 32.76 -40.65
N VAL A 908 37.18 32.59 -41.42
CA VAL A 908 36.90 31.32 -42.10
C VAL A 908 36.85 31.57 -43.57
N HIS A 909 37.60 30.73 -44.30
CA HIS A 909 37.85 30.82 -45.75
C HIS A 909 37.52 29.48 -46.40
N ARG A 910 36.87 29.51 -47.57
CA ARG A 910 36.36 28.30 -48.23
C ARG A 910 36.56 28.33 -49.78
N PRO A 911 37.81 28.07 -50.21
CA PRO A 911 38.18 28.31 -51.59
C PRO A 911 37.65 27.27 -52.57
N HIS A 912 37.38 26.04 -52.12
CA HIS A 912 36.86 24.97 -53.00
C HIS A 912 35.85 24.03 -52.29
N ARG A 913 34.88 23.50 -53.06
CA ARG A 913 34.02 22.38 -52.63
C ARG A 913 34.70 21.49 -51.61
N GLY A 914 34.09 21.37 -50.44
CA GLY A 914 34.58 20.46 -49.44
C GLY A 914 35.93 20.82 -48.85
N VAL A 915 36.32 22.10 -48.92
CA VAL A 915 37.58 22.59 -48.29
C VAL A 915 37.27 23.75 -47.40
N ILE A 916 37.89 23.74 -46.23
CA ILE A 916 37.62 24.76 -45.24
C ILE A 916 38.88 25.02 -44.42
N GLU A 917 39.35 26.26 -44.49
CA GLU A 917 40.61 26.72 -43.92
C GLU A 917 40.31 27.89 -43.03
N THR A 918 41.02 27.96 -41.90
CA THR A 918 40.70 28.92 -40.85
C THR A 918 41.92 29.58 -40.28
N VAL A 919 41.76 30.79 -39.78
CA VAL A 919 42.80 31.43 -39.02
C VAL A 919 42.19 31.83 -37.69
N TYR A 920 42.74 31.29 -36.62
CA TYR A 920 42.35 31.66 -35.27
C TYR A 920 43.42 32.57 -34.70
N LEU A 921 43.01 33.77 -34.32
CA LEU A 921 43.84 34.63 -33.49
C LEU A 921 43.08 35.00 -32.23
N ARG A 922 43.55 34.50 -31.09
CA ARG A 922 43.21 35.09 -29.83
C ARG A 922 44.35 36.04 -29.45
N THR A 923 44.01 37.30 -29.15
CA THR A 923 45.01 38.29 -28.79
C THR A 923 44.43 39.34 -27.85
N PRO A 924 45.06 39.69 -26.72
CA PRO A 924 46.31 39.13 -26.21
C PRO A 924 46.12 37.71 -25.73
N PHE A 925 47.10 37.17 -25.00
CA PHE A 925 47.07 35.77 -24.54
C PHE A 925 46.93 34.82 -25.71
N SER A 926 47.88 34.84 -26.63
CA SER A 926 47.76 34.06 -27.85
C SER A 926 47.94 32.57 -27.65
N ALA A 927 47.51 31.82 -28.67
CA ALA A 927 47.82 30.38 -28.89
C ALA A 927 47.38 29.46 -27.76
N ASN B 1 -11.79 -35.21 20.30
CA ASN B 1 -12.59 -35.19 19.04
C ASN B 1 -13.74 -34.24 18.99
N ILE B 2 -14.64 -34.22 19.97
CA ILE B 2 -14.45 -34.49 21.37
C ILE B 2 -15.25 -35.71 21.74
N VAL B 3 -14.60 -36.69 22.35
CA VAL B 3 -15.27 -37.94 22.74
C VAL B 3 -16.05 -37.76 24.04
N MET B 4 -17.33 -38.15 23.98
CA MET B 4 -18.26 -38.04 25.09
C MET B 4 -18.49 -39.45 25.64
N THR B 5 -17.81 -39.78 26.74
CA THR B 5 -17.90 -41.13 27.33
C THR B 5 -19.00 -41.26 28.39
N GLN B 6 -20.10 -41.90 27.97
CA GLN B 6 -21.34 -42.07 28.76
C GLN B 6 -21.43 -43.37 29.57
N THR B 7 -21.98 -43.25 30.77
CA THR B 7 -21.83 -44.29 31.79
C THR B 7 -22.93 -44.12 32.87
N PRO B 8 -23.70 -45.17 33.21
CA PRO B 8 -23.53 -46.54 32.73
C PRO B 8 -24.47 -46.86 31.57
N LYS B 9 -24.09 -47.85 30.76
CA LYS B 9 -24.87 -48.24 29.56
C LYS B 9 -26.32 -48.76 29.86
N PHE B 10 -26.52 -49.44 31.01
CA PHE B 10 -27.87 -49.84 31.50
C PHE B 10 -28.06 -49.41 32.96
N LEU B 11 -29.25 -48.87 33.25
CA LEU B 11 -29.76 -48.75 34.63
C LEU B 11 -31.10 -49.46 34.66
N LEU B 12 -31.36 -50.22 35.73
CA LEU B 12 -32.44 -51.23 35.70
C LEU B 12 -33.76 -50.79 36.37
N VAL B 13 -33.67 -50.06 37.48
CA VAL B 13 -34.80 -49.29 38.12
C VAL B 13 -36.27 -49.83 38.23
N SER B 14 -36.99 -49.28 39.22
CA SER B 14 -38.46 -49.38 39.30
C SER B 14 -39.03 -47.99 39.49
N ILE B 15 -40.36 -47.85 39.38
CA ILE B 15 -41.00 -46.52 39.44
C ILE B 15 -40.62 -45.81 40.77
N GLY B 16 -40.34 -44.51 40.70
CA GLY B 16 -40.05 -43.66 41.88
C GLY B 16 -38.60 -43.47 42.30
N ASP B 17 -37.67 -44.19 41.66
CA ASP B 17 -36.23 -44.12 42.00
C ASP B 17 -35.53 -42.84 41.52
N SER B 18 -34.49 -42.44 42.27
CA SER B 18 -33.62 -41.33 41.90
C SER B 18 -32.35 -41.87 41.24
N ILE B 19 -32.10 -41.45 39.99
CA ILE B 19 -31.01 -42.05 39.15
C ILE B 19 -30.19 -41.07 38.29
N THR B 20 -28.87 -41.06 38.52
CA THR B 20 -27.93 -40.18 37.83
C THR B 20 -27.17 -40.94 36.71
N ILE B 21 -27.12 -40.33 35.52
CA ILE B 21 -26.26 -40.76 34.41
C ILE B 21 -25.06 -39.80 34.40
N THR B 22 -23.95 -40.27 33.86
CA THR B 22 -22.72 -39.50 33.83
C THR B 22 -22.16 -39.45 32.40
N CYS B 23 -21.52 -38.33 32.09
CA CYS B 23 -20.85 -38.12 30.82
C CYS B 23 -19.52 -37.49 31.15
N LYS B 24 -18.47 -38.05 30.56
CA LYS B 24 -17.13 -37.53 30.67
C LYS B 24 -16.76 -37.08 29.24
N ALA B 25 -16.14 -35.92 29.14
CA ALA B 25 -15.69 -35.38 27.87
C ALA B 25 -14.17 -35.47 27.84
N SER B 26 -13.62 -35.79 26.68
CA SER B 26 -12.18 -35.82 26.53
C SER B 26 -11.50 -34.43 26.65
N GLN B 27 -12.24 -33.37 26.36
CA GLN B 27 -11.79 -31.98 26.47
C GLN B 27 -12.85 -31.25 27.23
N SER B 28 -12.43 -30.17 27.91
CA SER B 28 -13.34 -29.17 28.38
C SER B 28 -14.27 -28.73 27.25
N VAL B 29 -15.55 -28.73 27.59
CA VAL B 29 -16.64 -28.44 26.68
C VAL B 29 -17.30 -27.12 27.18
N THR B 30 -16.64 -26.48 28.15
CA THR B 30 -17.21 -25.41 29.01
C THR B 30 -18.44 -25.96 29.69
N ASN B 31 -19.62 -25.50 29.30
CA ASN B 31 -20.87 -25.96 29.88
C ASN B 31 -21.80 -26.41 28.79
N ASP B 32 -21.29 -26.71 27.59
CA ASP B 32 -22.14 -27.03 26.44
C ASP B 32 -22.44 -28.51 26.32
N ALA B 33 -22.88 -29.13 27.43
CA ALA B 33 -23.36 -30.51 27.43
C ALA B 33 -24.88 -30.48 27.47
N ALA B 34 -25.50 -31.32 26.67
CA ALA B 34 -26.95 -31.38 26.59
C ALA B 34 -27.39 -32.85 26.68
N TRP B 35 -28.65 -33.05 27.10
CA TRP B 35 -29.20 -34.38 27.33
C TRP B 35 -30.55 -34.59 26.67
N TYR B 36 -30.66 -35.72 25.98
CA TYR B 36 -31.81 -36.05 25.14
C TYR B 36 -32.51 -37.35 25.64
N GLN B 37 -33.73 -37.56 25.14
CA GLN B 37 -34.51 -38.79 25.36
C GLN B 37 -34.86 -39.41 24.03
N LYS B 38 -34.69 -40.72 23.93
CA LYS B 38 -35.02 -41.44 22.72
C LYS B 38 -36.03 -42.55 23.04
N LYS B 39 -37.25 -42.39 22.51
CA LYS B 39 -38.28 -43.42 22.48
C LYS B 39 -38.28 -43.95 21.04
N PRO B 40 -38.12 -45.27 20.83
CA PRO B 40 -37.96 -45.80 19.46
C PRO B 40 -39.16 -45.50 18.58
N GLY B 41 -38.92 -45.31 17.29
CA GLY B 41 -39.94 -44.77 16.39
C GLY B 41 -39.99 -43.24 16.42
N GLN B 42 -40.15 -42.64 17.60
CA GLN B 42 -40.13 -41.18 17.77
C GLN B 42 -38.73 -40.59 17.56
N SER B 43 -38.69 -39.30 17.23
CA SER B 43 -37.42 -38.59 17.06
C SER B 43 -36.95 -38.04 18.43
N PRO B 44 -35.63 -37.69 18.55
CA PRO B 44 -35.04 -37.31 19.85
C PRO B 44 -35.74 -36.12 20.47
N GLN B 45 -35.65 -36.02 21.77
CA GLN B 45 -36.41 -35.06 22.54
C GLN B 45 -35.44 -34.38 23.51
N LEU B 46 -35.19 -33.11 23.26
CA LEU B 46 -34.20 -32.35 24.02
C LEU B 46 -34.77 -32.05 25.41
N LEU B 47 -34.05 -32.47 26.45
CA LEU B 47 -34.52 -32.30 27.83
C LEU B 47 -33.76 -31.22 28.56
N ILE B 48 -32.46 -31.39 28.66
CA ILE B 48 -31.63 -30.40 29.34
C ILE B 48 -30.53 -29.93 28.40
N TYR B 49 -30.19 -28.64 28.48
CA TYR B 49 -29.08 -28.08 27.72
C TYR B 49 -28.27 -27.07 28.53
N GLN B 50 -27.08 -26.77 28.02
CA GLN B 50 -26.06 -26.08 28.80
C GLN B 50 -25.91 -26.65 30.21
N ALA B 51 -25.76 -27.99 30.27
CA ALA B 51 -25.58 -28.75 31.51
C ALA B 51 -26.84 -28.83 32.40
N SER B 52 -27.38 -27.67 32.80
CA SER B 52 -28.46 -27.57 33.78
C SER B 52 -29.76 -26.87 33.35
N THR B 53 -29.78 -26.11 32.25
CA THR B 53 -31.03 -25.45 31.82
C THR B 53 -32.01 -26.49 31.31
N ARG B 54 -33.30 -26.25 31.57
CA ARG B 54 -34.38 -27.19 31.25
C ARG B 54 -35.15 -26.67 30.04
N TYR B 55 -35.37 -27.51 29.02
CA TYR B 55 -36.01 -27.07 27.75
C TYR B 55 -37.54 -26.85 27.92
N THR B 56 -38.14 -26.17 26.94
CA THR B 56 -39.61 -26.06 26.77
C THR B 56 -40.40 -27.30 27.21
N GLY B 57 -41.16 -27.17 28.30
CA GLY B 57 -42.12 -28.19 28.71
C GLY B 57 -41.51 -29.50 29.17
N VAL B 58 -40.71 -29.40 30.25
CA VAL B 58 -39.99 -30.55 30.79
C VAL B 58 -40.06 -30.49 32.32
N PRO B 59 -40.58 -31.55 32.97
CA PRO B 59 -40.84 -31.48 34.42
C PRO B 59 -39.58 -31.50 35.26
N ASP B 60 -39.61 -30.82 36.41
CA ASP B 60 -38.39 -30.57 37.22
C ASP B 60 -37.76 -31.80 37.91
N ARG B 61 -38.34 -32.98 37.71
CA ARG B 61 -37.67 -34.28 38.01
C ARG B 61 -36.39 -34.52 37.17
N PHE B 62 -36.42 -34.12 35.90
CA PHE B 62 -35.20 -34.05 35.06
C PHE B 62 -34.38 -32.81 35.43
N SER B 63 -33.18 -33.02 35.96
CA SER B 63 -32.22 -31.94 36.18
C SER B 63 -30.85 -32.36 35.64
N GLY B 64 -29.89 -31.45 35.73
CA GLY B 64 -28.50 -31.79 35.43
C GLY B 64 -27.51 -30.84 36.07
N SER B 65 -26.23 -31.21 36.01
CA SER B 65 -25.15 -30.32 36.41
C SER B 65 -23.79 -30.77 35.84
N GLY B 66 -22.81 -29.86 36.00
CA GLY B 66 -21.43 -30.03 35.55
C GLY B 66 -20.87 -28.80 34.82
N TYR B 67 -19.54 -28.66 34.84
CA TYR B 67 -18.82 -27.72 33.99
C TYR B 67 -17.50 -28.41 33.62
N GLY B 68 -16.95 -28.03 32.46
CA GLY B 68 -15.64 -28.50 32.00
C GLY B 68 -15.77 -29.84 31.30
N THR B 69 -15.34 -30.90 31.96
CA THR B 69 -15.42 -32.27 31.43
C THR B 69 -16.43 -33.16 32.13
N ASP B 70 -16.73 -32.92 33.41
CA ASP B 70 -17.61 -33.83 34.18
C ASP B 70 -19.05 -33.32 34.23
N PHE B 71 -19.99 -34.10 33.68
CA PHE B 71 -21.42 -33.76 33.68
C PHE B 71 -22.31 -34.88 34.22
N THR B 72 -23.48 -34.47 34.73
CA THR B 72 -24.41 -35.31 35.52
C THR B 72 -25.83 -35.06 35.05
N PHE B 73 -26.62 -36.12 34.91
CA PHE B 73 -28.07 -36.01 34.57
C PHE B 73 -28.97 -36.84 35.50
N THR B 74 -29.63 -36.17 36.44
CA THR B 74 -30.51 -36.86 37.39
C THR B 74 -31.98 -36.94 36.93
N ILE B 75 -32.63 -38.05 37.29
CA ILE B 75 -34.11 -38.15 37.33
C ILE B 75 -34.50 -38.62 38.74
N SER B 76 -35.07 -37.73 39.58
CA SER B 76 -35.30 -38.03 41.01
C SER B 76 -36.53 -38.93 41.31
N ALA B 77 -37.48 -39.02 40.38
CA ALA B 77 -38.61 -39.97 40.43
C ALA B 77 -39.00 -40.45 39.01
N VAL B 78 -38.70 -41.71 38.68
CA VAL B 78 -38.97 -42.24 37.30
C VAL B 78 -40.46 -42.60 37.12
N GLN B 79 -40.88 -42.79 35.87
CA GLN B 79 -42.28 -43.11 35.52
C GLN B 79 -42.38 -44.01 34.26
N ALA B 80 -43.62 -44.29 33.83
CA ALA B 80 -43.88 -45.06 32.60
C ALA B 80 -43.23 -44.42 31.37
N GLU B 81 -43.39 -43.10 31.27
CA GLU B 81 -42.90 -42.31 30.12
C GLU B 81 -41.41 -41.92 30.19
N ASP B 82 -40.72 -42.31 31.26
CA ASP B 82 -39.27 -42.18 31.36
C ASP B 82 -38.55 -43.50 31.08
N LEU B 83 -39.16 -44.38 30.28
CA LEU B 83 -38.65 -45.74 30.09
C LEU B 83 -38.07 -45.90 28.67
N ALA B 84 -36.87 -45.36 28.49
CA ALA B 84 -36.31 -45.10 27.16
C ALA B 84 -34.79 -44.91 27.19
N VAL B 85 -34.19 -44.73 25.99
CA VAL B 85 -32.74 -44.45 25.85
C VAL B 85 -32.46 -42.99 26.22
N TYR B 86 -31.33 -42.72 26.85
CA TYR B 86 -30.92 -41.33 27.14
C TYR B 86 -29.43 -41.09 26.72
N PHE B 87 -29.11 -39.91 26.20
CA PHE B 87 -27.72 -39.62 25.76
C PHE B 87 -27.25 -38.19 25.91
N CYS B 88 -26.01 -38.01 26.35
CA CYS B 88 -25.35 -36.70 26.31
C CYS B 88 -24.94 -36.31 24.89
N HIS B 89 -24.83 -35.00 24.71
CA HIS B 89 -24.36 -34.39 23.47
C HIS B 89 -23.52 -33.14 23.80
N GLN B 90 -22.44 -32.96 23.05
CA GLN B 90 -21.65 -31.70 23.14
C GLN B 90 -21.67 -30.93 21.83
N ASP B 91 -21.98 -29.64 21.91
CA ASP B 91 -21.91 -28.73 20.71
C ASP B 91 -20.94 -27.56 20.93
N TYR B 92 -19.94 -27.80 21.78
CA TYR B 92 -18.89 -26.82 22.00
C TYR B 92 -18.05 -26.65 20.76
N SER B 93 -17.94 -27.72 19.97
CA SER B 93 -16.99 -27.78 18.88
C SER B 93 -17.40 -28.75 17.77
N SER B 94 -17.15 -28.41 16.53
CA SER B 94 -17.29 -29.36 15.42
C SER B 94 -16.03 -30.23 15.36
N PRO B 95 -16.11 -31.53 15.05
CA PRO B 95 -17.38 -32.27 14.84
C PRO B 95 -18.21 -32.42 16.12
N LEU B 96 -19.51 -32.24 16.00
CA LEU B 96 -20.47 -32.40 17.09
C LEU B 96 -20.46 -33.88 17.47
N THR B 97 -20.58 -34.19 18.76
CA THR B 97 -20.50 -35.58 19.21
C THR B 97 -21.45 -35.98 20.36
N PHE B 98 -21.75 -37.28 20.45
CA PHE B 98 -22.80 -37.79 21.34
C PHE B 98 -22.29 -38.88 22.26
N GLY B 99 -22.95 -39.05 23.41
CA GLY B 99 -22.78 -40.25 24.24
C GLY B 99 -23.32 -41.50 23.54
N ALA B 100 -22.91 -42.68 24.00
CA ALA B 100 -23.30 -43.95 23.30
C ALA B 100 -24.73 -44.47 23.67
N GLY B 101 -25.26 -44.02 24.80
CA GLY B 101 -26.62 -44.30 25.22
C GLY B 101 -26.60 -44.86 26.64
N THR B 102 -27.68 -44.56 27.37
CA THR B 102 -28.07 -45.29 28.60
C THR B 102 -29.52 -45.75 28.39
N LYS B 103 -29.70 -47.07 28.26
CA LYS B 103 -31.05 -47.68 28.19
C LYS B 103 -31.58 -47.87 29.62
N LEU B 104 -32.86 -47.51 29.82
CA LEU B 104 -33.54 -47.70 31.12
C LEU B 104 -34.47 -48.92 31.06
N GLU B 105 -34.22 -49.86 31.97
CA GLU B 105 -34.94 -51.13 32.05
C GLU B 105 -36.08 -50.94 33.08
N LEU B 106 -36.81 -51.99 33.38
CA LEU B 106 -37.77 -51.99 34.52
C LEU B 106 -37.75 -53.36 35.23
N LYS B 107 -37.85 -53.34 36.55
CA LYS B 107 -37.58 -54.52 37.40
C LYS B 107 -38.84 -55.35 37.77
N ARG B 108 -39.15 -56.39 36.98
CA ARG B 108 -40.22 -57.38 37.30
C ARG B 108 -39.58 -58.58 38.01
N ALA B 109 -39.16 -58.32 39.25
CA ALA B 109 -38.19 -59.14 40.02
C ALA B 109 -38.30 -60.67 39.89
N ASP B 110 -37.43 -61.25 39.05
CA ASP B 110 -37.39 -62.69 38.71
C ASP B 110 -38.61 -63.22 37.91
N ALA B 111 -38.35 -64.21 37.04
CA ALA B 111 -39.39 -64.92 36.28
C ALA B 111 -38.82 -66.17 35.60
N ALA B 112 -39.69 -67.14 35.30
CA ALA B 112 -39.29 -68.46 34.77
C ALA B 112 -39.31 -68.48 33.23
N PRO B 113 -38.27 -69.05 32.57
CA PRO B 113 -38.20 -69.02 31.09
C PRO B 113 -39.08 -70.05 30.36
N THR B 114 -40.12 -69.60 29.66
CA THR B 114 -41.03 -70.49 28.90
C THR B 114 -40.32 -71.09 27.68
N VAL B 115 -39.45 -72.09 27.94
CA VAL B 115 -38.68 -72.75 26.87
C VAL B 115 -39.60 -73.68 26.08
N SER B 116 -39.58 -73.54 24.75
CA SER B 116 -40.47 -74.31 23.85
C SER B 116 -39.64 -75.07 22.81
N ILE B 117 -39.01 -76.15 23.26
CA ILE B 117 -38.15 -77.03 22.43
C ILE B 117 -38.83 -77.50 21.11
N PHE B 118 -38.19 -77.20 19.96
CA PHE B 118 -38.77 -77.45 18.60
C PHE B 118 -37.91 -78.40 17.73
N PRO B 119 -38.55 -79.04 16.72
CA PRO B 119 -37.89 -79.61 15.54
C PRO B 119 -38.35 -78.93 14.22
N PRO B 120 -37.79 -79.36 13.06
CA PRO B 120 -38.25 -78.89 11.74
C PRO B 120 -39.60 -79.48 11.31
N SER B 121 -39.79 -79.74 10.02
CA SER B 121 -40.89 -80.57 9.51
C SER B 121 -40.55 -81.19 8.14
N SER B 122 -41.46 -82.00 7.60
CA SER B 122 -41.39 -82.40 6.18
C SER B 122 -41.76 -81.19 5.35
N GLU B 123 -42.68 -80.39 5.87
CA GLU B 123 -43.10 -79.15 5.24
C GLU B 123 -41.98 -78.12 5.11
N GLN B 124 -41.02 -78.13 6.04
CA GLN B 124 -39.75 -77.35 5.90
C GLN B 124 -38.91 -77.90 4.75
N LEU B 125 -38.54 -79.19 4.81
CA LEU B 125 -37.68 -79.79 3.79
C LEU B 125 -38.39 -79.88 2.43
N THR B 126 -38.52 -78.71 1.79
CA THR B 126 -39.09 -78.55 0.45
C THR B 126 -37.99 -78.13 -0.57
N SER B 127 -36.79 -77.84 -0.07
CA SER B 127 -35.64 -77.47 -0.91
C SER B 127 -34.36 -78.26 -0.55
N GLY B 128 -34.49 -79.34 0.24
CA GLY B 128 -33.34 -80.12 0.70
C GLY B 128 -32.48 -79.49 1.81
N GLY B 129 -33.08 -78.64 2.64
CA GLY B 129 -32.37 -77.95 3.73
C GLY B 129 -33.29 -77.48 4.85
N ALA B 130 -32.83 -77.58 6.10
CA ALA B 130 -33.69 -77.48 7.29
C ALA B 130 -33.14 -76.53 8.37
N SER B 131 -33.87 -76.41 9.49
CA SER B 131 -33.48 -75.58 10.63
C SER B 131 -34.24 -75.91 11.93
N VAL B 132 -33.49 -76.06 13.03
CA VAL B 132 -34.02 -76.48 14.36
C VAL B 132 -34.21 -75.30 15.33
N VAL B 133 -35.45 -74.79 15.42
CA VAL B 133 -35.76 -73.53 16.13
C VAL B 133 -35.83 -73.77 17.66
N CYS B 134 -35.74 -72.68 18.45
CA CYS B 134 -36.04 -72.71 19.90
C CYS B 134 -36.45 -71.33 20.44
N PHE B 135 -37.73 -71.19 20.80
CA PHE B 135 -38.26 -69.96 21.42
C PHE B 135 -38.15 -70.03 22.94
N LEU B 136 -38.01 -68.87 23.60
CA LEU B 136 -37.93 -68.77 25.07
C LEU B 136 -38.65 -67.51 25.57
N ASN B 137 -39.99 -67.53 25.51
CA ASN B 137 -40.80 -66.32 25.75
C ASN B 137 -40.91 -65.94 27.23
N ASN B 138 -40.53 -64.70 27.53
CA ASN B 138 -40.74 -64.06 28.85
C ASN B 138 -39.85 -64.61 29.97
N PHE B 139 -38.74 -63.90 30.22
CA PHE B 139 -37.82 -64.21 31.32
C PHE B 139 -37.15 -62.95 31.87
N TYR B 140 -36.46 -63.08 33.00
CA TYR B 140 -35.83 -61.95 33.69
C TYR B 140 -34.71 -62.41 34.66
N PRO B 141 -33.49 -61.82 34.61
CA PRO B 141 -33.04 -60.83 33.61
C PRO B 141 -32.60 -61.48 32.27
N LYS B 142 -31.98 -60.69 31.39
CA LYS B 142 -31.47 -61.22 30.10
C LYS B 142 -30.21 -62.13 30.21
N ASP B 143 -29.54 -62.14 31.37
CA ASP B 143 -28.40 -63.05 31.65
C ASP B 143 -28.76 -64.55 31.50
N ILE B 144 -28.55 -65.10 30.29
CA ILE B 144 -29.00 -66.47 29.95
C ILE B 144 -27.99 -67.22 29.06
N ASN B 145 -27.15 -68.07 29.67
CA ASN B 145 -26.18 -68.91 28.94
C ASN B 145 -26.89 -70.05 28.20
N VAL B 146 -27.48 -69.76 27.05
CA VAL B 146 -28.16 -70.78 26.22
C VAL B 146 -27.16 -71.40 25.26
N LYS B 147 -27.35 -72.69 24.94
CA LYS B 147 -26.54 -73.41 23.94
C LYS B 147 -27.33 -74.57 23.28
N TRP B 148 -27.26 -74.64 21.94
CA TRP B 148 -27.73 -75.81 21.15
C TRP B 148 -26.62 -76.87 21.09
N LYS B 149 -26.55 -77.67 22.15
CA LYS B 149 -25.50 -78.66 22.35
C LYS B 149 -25.90 -80.02 21.77
N ILE B 150 -24.91 -80.89 21.60
CA ILE B 150 -25.14 -82.27 21.14
C ILE B 150 -24.26 -83.23 21.94
N ASP B 151 -24.87 -83.91 22.92
CA ASP B 151 -24.21 -84.87 23.85
C ASP B 151 -23.25 -84.20 24.86
N GLY B 152 -23.55 -82.97 25.27
CA GLY B 152 -22.64 -82.17 26.11
C GLY B 152 -21.43 -81.67 25.34
N SER B 153 -21.67 -80.83 24.33
CA SER B 153 -20.65 -80.23 23.44
C SER B 153 -20.81 -78.69 23.27
N GLU B 154 -19.77 -78.06 22.72
CA GLU B 154 -19.81 -76.64 22.26
C GLU B 154 -19.24 -76.53 20.83
N ARG B 155 -19.92 -77.19 19.88
CA ARG B 155 -19.72 -76.97 18.44
C ARG B 155 -20.89 -76.07 17.96
N GLN B 156 -20.61 -74.77 17.83
CA GLN B 156 -21.68 -73.74 17.62
C GLN B 156 -21.92 -73.38 16.14
N ASN B 157 -21.64 -74.32 15.24
CA ASN B 157 -21.71 -74.07 13.79
C ASN B 157 -23.16 -74.00 13.34
N GLY B 158 -23.58 -72.82 12.89
CA GLY B 158 -24.97 -72.58 12.44
C GLY B 158 -25.92 -71.99 13.48
N VAL B 159 -25.42 -71.76 14.72
CA VAL B 159 -26.24 -71.16 15.80
C VAL B 159 -26.50 -69.68 15.47
N LEU B 160 -27.78 -69.27 15.53
CA LEU B 160 -28.25 -68.04 14.87
C LEU B 160 -29.31 -67.32 15.73
N ASN B 161 -28.84 -66.64 16.77
CA ASN B 161 -29.69 -66.10 17.84
C ASN B 161 -30.47 -64.82 17.48
N SER B 162 -31.31 -64.41 18.45
CA SER B 162 -32.04 -63.14 18.42
C SER B 162 -32.38 -62.74 19.87
N TRP B 163 -32.85 -61.51 20.05
CA TRP B 163 -33.32 -60.97 21.34
C TRP B 163 -34.40 -59.91 21.01
N THR B 164 -35.14 -59.43 22.01
CA THR B 164 -36.19 -58.41 21.78
C THR B 164 -36.13 -57.24 22.78
N ASP B 165 -36.79 -56.15 22.38
CA ASP B 165 -37.14 -55.06 23.29
C ASP B 165 -37.95 -55.60 24.46
N GLN B 166 -37.66 -55.09 25.65
CA GLN B 166 -38.46 -55.34 26.86
C GLN B 166 -39.90 -54.79 26.67
N ASP B 167 -40.84 -55.66 26.30
CA ASP B 167 -42.23 -55.24 25.99
C ASP B 167 -42.81 -54.44 27.13
N SER B 168 -43.30 -53.24 26.81
CA SER B 168 -43.71 -52.24 27.80
C SER B 168 -44.87 -52.69 28.70
N LYS B 169 -45.76 -53.55 28.20
CA LYS B 169 -46.92 -54.00 28.98
C LYS B 169 -46.53 -54.99 30.08
N ASP B 170 -45.88 -56.10 29.70
CA ASP B 170 -45.46 -57.13 30.67
C ASP B 170 -44.02 -56.99 31.20
N SER B 171 -43.22 -56.07 30.63
CA SER B 171 -41.85 -55.73 31.12
C SER B 171 -40.92 -56.94 31.34
N THR B 172 -40.86 -57.81 30.34
CA THR B 172 -39.94 -58.95 30.33
C THR B 172 -39.59 -59.34 28.90
N TYR B 173 -38.44 -59.98 28.77
CA TYR B 173 -37.80 -60.20 27.46
C TYR B 173 -38.37 -61.39 26.71
N SER B 174 -37.75 -61.72 25.59
CA SER B 174 -37.96 -63.00 24.89
C SER B 174 -36.67 -63.33 24.15
N MET B 175 -36.54 -64.58 23.71
CA MET B 175 -35.36 -65.01 22.94
C MET B 175 -35.78 -65.88 21.77
N SER B 176 -34.91 -65.99 20.76
CA SER B 176 -35.13 -66.86 19.62
C SER B 176 -33.81 -67.31 18.98
N SER B 177 -33.59 -68.63 18.88
CA SER B 177 -32.42 -69.22 18.21
C SER B 177 -32.81 -69.91 16.88
N THR B 178 -31.82 -70.33 16.08
CA THR B 178 -32.06 -71.10 14.83
C THR B 178 -30.81 -71.91 14.43
N LEU B 179 -30.69 -73.11 15.01
CA LEU B 179 -29.63 -74.07 14.67
C LEU B 179 -29.84 -74.67 13.27
N THR B 180 -29.31 -73.98 12.24
CA THR B 180 -29.42 -74.40 10.85
C THR B 180 -28.64 -75.72 10.60
N LEU B 181 -29.22 -76.60 9.78
CA LEU B 181 -28.59 -77.88 9.41
C LEU B 181 -28.99 -78.32 8.00
N THR B 182 -28.02 -78.85 7.23
CA THR B 182 -28.23 -79.31 5.84
C THR B 182 -28.96 -80.67 5.77
N LYS B 183 -29.18 -81.16 4.54
CA LYS B 183 -29.74 -82.49 4.26
C LYS B 183 -29.13 -83.63 5.10
N ASP B 184 -27.80 -83.80 5.00
CA ASP B 184 -27.05 -84.91 5.65
C ASP B 184 -26.54 -84.63 7.07
N GLU B 185 -26.30 -83.36 7.40
CA GLU B 185 -26.06 -82.93 8.79
C GLU B 185 -27.22 -83.31 9.72
N TYR B 186 -28.42 -83.44 9.15
CA TYR B 186 -29.64 -83.71 9.91
C TYR B 186 -29.75 -85.13 10.51
N GLU B 187 -28.90 -86.07 10.08
CA GLU B 187 -28.78 -87.40 10.73
C GLU B 187 -27.34 -87.67 11.20
N ARG B 188 -27.12 -87.57 12.52
CA ARG B 188 -25.82 -87.85 13.16
C ARG B 188 -25.96 -88.08 14.67
N HIS B 189 -26.31 -87.02 15.41
CA HIS B 189 -26.50 -87.08 16.86
C HIS B 189 -27.97 -87.33 17.19
N ASN B 190 -28.21 -88.23 18.16
CA ASN B 190 -29.54 -88.79 18.43
C ASN B 190 -30.50 -87.77 19.09
N SER B 191 -29.95 -86.81 19.83
CA SER B 191 -30.73 -85.74 20.47
C SER B 191 -29.93 -84.43 20.60
N TYR B 192 -30.61 -83.38 21.10
CA TYR B 192 -29.98 -82.07 21.34
C TYR B 192 -30.77 -81.21 22.38
N THR B 193 -30.09 -80.20 22.96
CA THR B 193 -30.58 -79.44 24.15
C THR B 193 -30.85 -77.96 23.89
N CYS B 194 -31.94 -77.43 24.44
CA CYS B 194 -32.13 -75.98 24.55
C CYS B 194 -31.94 -75.61 26.01
N GLU B 195 -30.79 -75.01 26.30
CA GLU B 195 -30.31 -74.80 27.67
C GLU B 195 -30.92 -73.54 28.30
N ALA B 196 -30.79 -73.41 29.62
CA ALA B 196 -31.03 -72.15 30.34
C ALA B 196 -30.21 -72.14 31.64
N THR B 197 -29.45 -71.07 31.87
CA THR B 197 -28.66 -70.89 33.11
C THR B 197 -29.22 -69.69 33.91
N HIS B 198 -30.45 -69.87 34.41
CA HIS B 198 -31.14 -68.87 35.23
C HIS B 198 -30.95 -69.16 36.70
N LYS B 199 -30.82 -68.12 37.51
CA LYS B 199 -30.83 -68.23 38.98
C LYS B 199 -32.19 -68.66 39.58
N THR B 200 -33.25 -68.76 38.76
CA THR B 200 -34.55 -69.35 39.17
C THR B 200 -34.44 -70.83 39.65
N SER B 201 -33.54 -71.62 39.06
CA SER B 201 -33.21 -72.98 39.53
C SER B 201 -31.74 -73.31 39.23
N THR B 202 -30.88 -73.22 40.25
CA THR B 202 -29.41 -73.33 40.09
C THR B 202 -28.94 -74.70 39.56
N SER B 203 -29.75 -75.75 39.75
CA SER B 203 -29.54 -76.98 39.00
C SER B 203 -30.02 -76.71 37.57
N PRO B 204 -29.10 -76.82 36.57
CA PRO B 204 -29.33 -76.28 35.20
C PRO B 204 -30.61 -76.76 34.51
N ILE B 205 -31.50 -75.83 34.14
CA ILE B 205 -32.87 -76.15 33.70
C ILE B 205 -32.92 -76.58 32.21
N VAL B 206 -32.39 -77.78 31.93
CA VAL B 206 -32.34 -78.33 30.56
C VAL B 206 -33.74 -78.86 30.12
N LYS B 207 -34.11 -78.66 28.85
CA LYS B 207 -35.45 -79.05 28.30
C LYS B 207 -35.36 -79.62 26.87
N SER B 208 -34.67 -80.76 26.74
CA SER B 208 -34.27 -81.33 25.45
C SER B 208 -35.41 -81.93 24.60
N PHE B 209 -35.09 -82.15 23.32
CA PHE B 209 -35.92 -82.91 22.36
C PHE B 209 -35.04 -83.96 21.68
N ASN B 210 -35.49 -85.21 21.69
CA ASN B 210 -34.76 -86.32 21.06
C ASN B 210 -35.44 -86.71 19.74
N ARG B 211 -34.74 -87.51 18.93
CA ARG B 211 -35.29 -88.04 17.68
C ARG B 211 -36.22 -89.26 17.90
N ASN B 212 -36.13 -89.91 19.07
CA ASN B 212 -36.93 -91.12 19.42
C ASN B 212 -38.05 -90.85 20.45
N GLU B 213 -37.74 -90.09 21.52
CA GLU B 213 -38.75 -89.59 22.48
C GLU B 213 -38.50 -88.11 22.84
N VAL C 1 -42.80 -25.53 10.81
CA VAL C 1 -41.95 -25.61 12.04
C VAL C 1 -40.83 -26.72 11.97
N GLN C 2 -40.88 -27.58 10.93
CA GLN C 2 -40.17 -28.89 10.84
C GLN C 2 -39.52 -29.25 9.46
N LEU C 3 -38.72 -30.31 9.43
CA LEU C 3 -37.93 -30.69 8.24
C LEU C 3 -38.31 -32.06 7.66
N LYS C 4 -38.23 -32.25 6.33
CA LYS C 4 -38.56 -33.54 5.67
C LYS C 4 -37.66 -34.00 4.50
N GLN C 5 -37.24 -35.27 4.59
CA GLN C 5 -36.22 -35.86 3.71
C GLN C 5 -36.73 -36.59 2.43
N SER C 6 -35.79 -37.14 1.66
CA SER C 6 -36.07 -38.05 0.53
C SER C 6 -35.52 -39.51 0.70
N GLY C 7 -35.80 -40.35 -0.30
CA GLY C 7 -35.02 -41.56 -0.58
C GLY C 7 -34.23 -41.16 -1.82
N PRO C 8 -33.63 -42.09 -2.55
CA PRO C 8 -33.73 -43.53 -2.33
C PRO C 8 -32.77 -44.02 -1.26
N GLY C 9 -33.16 -45.08 -0.56
CA GLY C 9 -32.40 -45.65 0.56
C GLY C 9 -31.44 -46.79 0.22
N LEU C 10 -31.86 -47.71 -0.66
CA LEU C 10 -31.14 -48.97 -0.91
C LEU C 10 -30.24 -48.85 -2.13
N LEU C 11 -28.93 -48.92 -1.92
CA LEU C 11 -27.95 -48.80 -3.02
C LEU C 11 -26.79 -49.74 -2.80
N GLN C 12 -25.96 -49.88 -3.84
CA GLN C 12 -24.80 -50.78 -3.84
C GLN C 12 -23.49 -50.03 -3.64
N PRO C 13 -22.37 -50.72 -3.30
CA PRO C 13 -21.04 -50.09 -3.21
C PRO C 13 -20.63 -49.16 -4.38
N SER C 14 -19.86 -48.11 -4.04
CA SER C 14 -19.39 -47.04 -4.96
C SER C 14 -20.49 -46.25 -5.72
N GLN C 15 -21.56 -45.92 -5.01
CA GLN C 15 -22.75 -45.25 -5.54
C GLN C 15 -23.08 -44.07 -4.58
N ARG C 16 -23.61 -42.96 -5.12
CA ARG C 16 -23.92 -41.73 -4.32
C ARG C 16 -25.26 -41.75 -3.57
N LEU C 17 -25.18 -41.69 -2.22
CA LEU C 17 -26.33 -41.35 -1.39
C LEU C 17 -26.69 -39.90 -1.71
N SER C 18 -27.96 -39.59 -2.03
CA SER C 18 -28.39 -38.21 -2.36
C SER C 18 -29.71 -37.84 -1.72
N ILE C 19 -29.67 -37.45 -0.45
CA ILE C 19 -30.87 -37.03 0.29
C ILE C 19 -31.15 -35.56 -0.05
N THR C 20 -32.40 -35.14 0.19
CA THR C 20 -32.80 -33.72 0.11
C THR C 20 -33.67 -33.42 1.34
N CYS C 21 -33.33 -32.35 2.05
CA CYS C 21 -34.06 -31.92 3.24
C CYS C 21 -34.86 -30.70 2.84
N THR C 22 -36.18 -30.85 2.87
CA THR C 22 -37.08 -29.76 2.60
C THR C 22 -37.63 -29.22 3.93
N VAL C 23 -37.59 -27.90 4.02
CA VAL C 23 -37.67 -27.19 5.28
C VAL C 23 -38.87 -26.27 5.23
N SER C 24 -39.51 -26.10 6.38
CA SER C 24 -40.59 -25.13 6.51
C SER C 24 -40.68 -24.55 7.93
N GLY C 25 -41.23 -23.34 8.03
CA GLY C 25 -41.43 -22.68 9.32
C GLY C 25 -40.20 -22.01 9.89
N PHE C 26 -39.17 -21.90 9.05
CA PHE C 26 -38.02 -21.09 9.36
C PHE C 26 -37.25 -20.97 8.07
N SER C 27 -36.49 -19.89 7.94
CA SER C 27 -35.62 -19.68 6.80
C SER C 27 -34.26 -20.41 6.92
N LEU C 28 -33.80 -20.98 5.81
CA LEU C 28 -32.41 -21.44 5.69
C LEU C 28 -31.39 -20.32 5.88
N GLY C 29 -31.80 -19.08 5.63
CA GLY C 29 -30.92 -17.94 5.83
C GLY C 29 -30.79 -17.45 7.26
N ARG C 30 -31.50 -18.10 8.19
CA ARG C 30 -31.45 -17.78 9.62
C ARG C 30 -30.82 -18.90 10.49
N TYR C 31 -30.71 -20.12 9.94
CA TYR C 31 -30.27 -21.34 10.68
C TYR C 31 -29.45 -22.29 9.81
N GLY C 32 -28.48 -22.98 10.41
CA GLY C 32 -27.83 -24.15 9.77
C GLY C 32 -28.69 -25.40 9.68
N VAL C 33 -28.38 -26.31 8.73
CA VAL C 33 -28.93 -27.69 8.75
C VAL C 33 -27.78 -28.66 8.87
N HIS C 34 -27.80 -29.46 9.94
CA HIS C 34 -26.80 -30.47 10.21
C HIS C 34 -27.25 -31.82 9.63
N TRP C 35 -26.30 -32.68 9.31
CA TRP C 35 -26.58 -34.01 8.86
C TRP C 35 -25.91 -35.02 9.74
N ILE C 36 -26.72 -35.86 10.38
CA ILE C 36 -26.29 -36.82 11.35
C ILE C 36 -26.76 -38.24 10.93
N ARG C 37 -26.04 -39.28 11.36
CA ARG C 37 -26.51 -40.67 11.16
C ARG C 37 -26.38 -41.52 12.42
N GLN C 38 -27.31 -42.49 12.57
CA GLN C 38 -27.20 -43.56 13.59
C GLN C 38 -26.98 -44.90 12.95
N SER C 39 -25.76 -45.38 13.11
CA SER C 39 -25.37 -46.72 12.70
C SER C 39 -25.90 -47.68 13.76
N PRO C 40 -26.27 -48.91 13.34
CA PRO C 40 -26.87 -49.86 14.26
C PRO C 40 -25.87 -50.27 15.35
N GLY C 41 -26.33 -50.30 16.60
CA GLY C 41 -25.46 -50.61 17.75
C GLY C 41 -24.41 -49.55 18.11
N LYS C 42 -24.59 -48.33 17.61
CA LYS C 42 -23.65 -47.22 17.80
C LYS C 42 -24.40 -45.99 18.28
N GLY C 43 -23.64 -45.02 18.80
CA GLY C 43 -24.14 -43.68 19.02
C GLY C 43 -24.46 -42.94 17.72
N LEU C 44 -24.95 -41.72 17.86
CA LEU C 44 -25.17 -40.88 16.70
C LEU C 44 -23.79 -40.40 16.22
N GLU C 45 -23.63 -40.19 14.91
CA GLU C 45 -22.39 -39.68 14.34
C GLU C 45 -22.67 -38.48 13.39
N TRP C 46 -22.12 -37.33 13.74
CA TRP C 46 -22.27 -36.08 12.97
C TRP C 46 -21.45 -36.14 11.71
N LEU C 47 -22.06 -35.77 10.58
CA LEU C 47 -21.34 -35.75 9.31
C LEU C 47 -20.90 -34.35 8.85
N GLY C 48 -21.76 -33.35 9.01
CA GLY C 48 -21.45 -32.01 8.53
C GLY C 48 -22.60 -31.02 8.70
N VAL C 49 -22.34 -29.76 8.33
CA VAL C 49 -23.34 -28.71 8.46
C VAL C 49 -23.17 -27.66 7.38
N ILE C 50 -24.27 -27.06 6.95
CA ILE C 50 -24.22 -25.86 6.14
C ILE C 50 -24.89 -24.79 6.99
N TRP C 51 -24.17 -23.71 7.28
CA TRP C 51 -24.70 -22.63 8.13
C TRP C 51 -25.41 -21.62 7.25
N ARG C 52 -26.09 -20.66 7.88
CA ARG C 52 -26.96 -19.70 7.18
C ARG C 52 -26.38 -18.98 5.96
N GLY C 53 -25.12 -18.57 6.06
CA GLY C 53 -24.51 -17.85 4.97
C GLY C 53 -23.97 -18.76 3.89
N GLY C 54 -23.89 -20.05 4.18
CA GLY C 54 -23.48 -21.05 3.20
C GLY C 54 -22.15 -21.71 3.47
N THR C 55 -21.64 -21.58 4.69
CA THR C 55 -20.24 -21.84 4.91
C THR C 55 -19.83 -23.29 4.92
N THR C 56 -20.53 -24.17 5.62
CA THR C 56 -20.17 -25.61 5.42
C THR C 56 -18.94 -26.05 6.20
N ASP C 57 -19.10 -27.13 6.92
CA ASP C 57 -18.08 -27.64 7.81
C ASP C 57 -18.34 -29.14 7.89
N TYR C 58 -17.41 -29.93 7.39
CA TYR C 58 -17.56 -31.37 7.31
C TYR C 58 -16.71 -32.01 8.39
N ASN C 59 -17.17 -33.15 8.87
CA ASN C 59 -16.37 -34.03 9.69
C ASN C 59 -15.22 -34.56 8.84
N ALA C 60 -14.00 -34.44 9.35
CA ALA C 60 -12.79 -34.75 8.61
C ALA C 60 -12.76 -36.16 7.99
N VAL C 61 -13.36 -37.11 8.72
CA VAL C 61 -13.36 -38.54 8.35
C VAL C 61 -14.23 -38.85 7.10
N PHE C 62 -15.15 -37.96 6.76
CA PHE C 62 -15.96 -38.05 5.55
C PHE C 62 -15.65 -36.92 4.57
N MET C 63 -14.58 -36.16 4.79
CA MET C 63 -14.35 -34.91 3.99
C MET C 63 -13.88 -35.20 2.56
N SER C 64 -13.30 -36.37 2.35
CA SER C 64 -12.88 -36.81 1.01
C SER C 64 -14.06 -37.01 0.05
N ARG C 65 -15.23 -37.32 0.61
CA ARG C 65 -16.36 -37.77 -0.15
C ARG C 65 -17.71 -37.28 0.43
N LEU C 66 -17.79 -36.00 0.81
CA LEU C 66 -19.03 -35.41 1.35
C LEU C 66 -19.24 -34.00 0.83
N SER C 67 -20.49 -33.68 0.56
CA SER C 67 -20.85 -32.38 0.03
C SER C 67 -22.26 -31.94 0.45
N ILE C 68 -22.38 -30.73 0.99
CA ILE C 68 -23.65 -30.14 1.34
C ILE C 68 -23.80 -28.83 0.56
N ASN C 69 -24.94 -28.70 -0.15
CA ASN C 69 -25.33 -27.49 -0.87
C ASN C 69 -26.70 -27.06 -0.39
N LYS C 70 -27.17 -25.89 -0.81
CA LYS C 70 -28.51 -25.41 -0.48
C LYS C 70 -29.07 -24.36 -1.44
N ASP C 71 -30.40 -24.19 -1.42
CA ASP C 71 -31.10 -23.10 -2.13
C ASP C 71 -32.08 -22.44 -1.14
N ASP C 72 -31.74 -21.25 -0.64
CA ASP C 72 -32.50 -20.61 0.48
C ASP C 72 -33.94 -20.29 0.10
N SER C 73 -34.13 -19.82 -1.12
CA SER C 73 -35.43 -19.50 -1.70
C SER C 73 -36.37 -20.72 -1.81
N LYS C 74 -35.83 -21.86 -2.27
CA LYS C 74 -36.60 -23.11 -2.35
C LYS C 74 -36.71 -23.86 -1.00
N SER C 75 -36.08 -23.38 0.06
CA SER C 75 -36.03 -24.07 1.37
C SER C 75 -35.53 -25.53 1.27
N GLN C 76 -34.48 -25.73 0.51
CA GLN C 76 -33.92 -27.05 0.30
C GLN C 76 -32.46 -27.12 0.63
N VAL C 77 -32.05 -28.21 1.26
CA VAL C 77 -30.65 -28.51 1.50
C VAL C 77 -30.39 -29.85 0.84
N PHE C 78 -29.27 -29.97 0.15
CA PHE C 78 -28.95 -31.16 -0.62
C PHE C 78 -27.69 -31.85 -0.08
N PHE C 79 -27.87 -32.99 0.56
CA PHE C 79 -26.76 -33.82 1.05
C PHE C 79 -26.31 -34.82 -0.01
N THR C 80 -25.02 -35.03 -0.15
CA THR C 80 -24.49 -36.10 -0.99
C THR C 80 -23.29 -36.76 -0.34
N MET C 81 -23.03 -38.01 -0.73
CA MET C 81 -21.92 -38.80 -0.18
C MET C 81 -21.42 -39.74 -1.26
N ASN C 82 -20.17 -39.57 -1.63
CA ASN C 82 -19.72 -39.80 -2.99
C ASN C 82 -19.27 -41.21 -3.36
N SER C 83 -19.00 -42.11 -2.40
CA SER C 83 -18.63 -43.50 -2.79
C SER C 83 -18.82 -44.51 -1.69
N LEU C 84 -20.02 -45.07 -1.64
CA LEU C 84 -20.50 -45.79 -0.49
C LEU C 84 -19.84 -47.12 -0.24
N ARG C 85 -20.01 -47.59 0.99
CA ARG C 85 -19.48 -48.87 1.47
C ARG C 85 -20.45 -49.39 2.54
N PRO C 86 -20.48 -50.71 2.72
CA PRO C 86 -21.30 -51.58 3.59
C PRO C 86 -21.51 -51.08 5.03
N ASP C 87 -20.52 -50.39 5.59
CA ASP C 87 -20.63 -49.74 6.92
C ASP C 87 -21.12 -48.27 6.89
N ASP C 88 -21.45 -47.73 5.70
CA ASP C 88 -22.26 -46.52 5.59
C ASP C 88 -23.78 -46.78 5.82
N THR C 89 -24.12 -47.94 6.38
CA THR C 89 -25.50 -48.34 6.61
C THR C 89 -26.00 -47.74 7.91
N ALA C 90 -27.04 -46.89 7.81
CA ALA C 90 -27.68 -46.24 8.98
C ALA C 90 -28.95 -45.49 8.60
N ILE C 91 -29.62 -44.94 9.60
CA ILE C 91 -30.61 -43.87 9.36
C ILE C 91 -29.85 -42.50 9.32
N TYR C 92 -29.89 -41.83 8.17
CA TYR C 92 -29.35 -40.47 7.94
C TYR C 92 -30.41 -39.42 8.22
N TYR C 93 -30.17 -38.53 9.18
CA TYR C 93 -31.04 -37.35 9.50
C TYR C 93 -30.51 -35.98 9.03
N CYS C 94 -31.41 -35.05 8.76
CA CYS C 94 -31.10 -33.64 8.75
C CYS C 94 -31.70 -33.11 10.05
N ALA C 95 -31.02 -32.18 10.72
CA ALA C 95 -31.53 -31.60 11.98
C ALA C 95 -31.13 -30.11 12.17
N ARG C 96 -31.71 -29.44 13.18
CA ARG C 96 -31.42 -28.04 13.38
C ARG C 96 -31.44 -27.60 14.82
N GLN C 97 -30.63 -26.56 15.08
CA GLN C 97 -30.35 -26.07 16.40
C GLN C 97 -31.25 -24.89 16.68
N GLY C 98 -31.40 -24.56 17.95
CA GLY C 98 -32.00 -23.28 18.34
C GLY C 98 -31.03 -22.14 18.17
N SER C 99 -31.34 -21.02 18.81
CA SER C 99 -30.65 -19.77 18.51
C SER C 99 -29.24 -19.60 19.03
N ASN C 100 -28.84 -19.85 20.29
CA ASN C 100 -29.51 -19.93 21.61
C ASN C 100 -29.30 -21.29 22.29
N PHE C 101 -29.72 -22.36 21.64
CA PHE C 101 -29.83 -23.68 22.29
C PHE C 101 -29.60 -24.83 21.28
N PRO C 102 -29.18 -26.04 21.73
CA PRO C 102 -28.74 -27.11 20.84
C PRO C 102 -29.79 -27.74 19.94
N LEU C 103 -29.35 -28.79 19.23
CA LEU C 103 -30.15 -29.52 18.23
C LEU C 103 -31.48 -29.86 18.83
N ALA C 104 -32.56 -29.45 18.20
CA ALA C 104 -33.88 -29.76 18.76
C ALA C 104 -35.03 -30.00 17.75
N TYR C 105 -34.70 -30.07 16.47
CA TYR C 105 -35.64 -30.30 15.41
C TYR C 105 -34.94 -31.29 14.47
N TRP C 106 -35.69 -32.34 14.09
CA TRP C 106 -35.14 -33.49 13.38
C TRP C 106 -35.97 -33.86 12.16
N GLY C 107 -35.29 -34.31 11.11
CA GLY C 107 -35.94 -34.86 9.94
C GLY C 107 -36.47 -36.22 10.32
N GLN C 108 -37.25 -36.80 9.42
CA GLN C 108 -38.02 -38.01 9.77
C GLN C 108 -37.13 -39.26 9.68
N GLY C 109 -36.19 -39.24 8.73
CA GLY C 109 -35.17 -40.27 8.61
C GLY C 109 -34.98 -40.66 7.16
N THR C 110 -33.87 -41.27 6.85
CA THR C 110 -33.73 -42.01 5.60
C THR C 110 -33.02 -43.31 5.95
N LEU C 111 -33.77 -44.42 5.92
CA LEU C 111 -33.21 -45.77 6.08
C LEU C 111 -32.39 -46.04 4.83
N VAL C 112 -31.10 -46.34 5.02
CA VAL C 112 -30.22 -46.68 3.90
C VAL C 112 -29.42 -47.94 4.26
N THR C 113 -29.27 -48.79 3.22
CA THR C 113 -28.60 -50.08 3.29
C THR C 113 -27.69 -50.16 2.08
N VAL C 114 -26.45 -50.60 2.29
CA VAL C 114 -25.45 -50.71 1.21
C VAL C 114 -25.07 -52.18 0.97
N SER C 115 -25.49 -52.71 -0.18
CA SER C 115 -25.33 -54.11 -0.56
C SER C 115 -25.77 -54.27 -2.03
N ALA C 116 -25.40 -55.39 -2.67
CA ALA C 116 -25.70 -55.65 -4.11
C ALA C 116 -26.50 -56.94 -4.31
N ALA C 117 -27.67 -57.00 -3.65
CA ALA C 117 -28.57 -58.16 -3.66
C ALA C 117 -29.88 -57.90 -4.40
N LYS C 118 -30.30 -58.86 -5.23
CA LYS C 118 -31.60 -58.78 -5.90
C LYS C 118 -32.71 -59.00 -4.86
N THR C 119 -33.88 -58.46 -5.15
CA THR C 119 -35.03 -58.58 -4.29
C THR C 119 -35.61 -60.01 -4.35
N THR C 120 -35.07 -60.92 -3.52
CA THR C 120 -35.57 -62.31 -3.40
C THR C 120 -36.58 -62.42 -2.23
N PRO C 121 -37.72 -63.14 -2.41
CA PRO C 121 -38.78 -63.22 -1.38
C PRO C 121 -38.52 -64.29 -0.30
N PRO C 122 -39.25 -64.24 0.84
CA PRO C 122 -39.08 -65.25 1.91
C PRO C 122 -39.65 -66.64 1.54
N SER C 123 -39.52 -67.60 2.46
CA SER C 123 -40.09 -68.93 2.27
C SER C 123 -40.65 -69.45 3.61
N VAL C 124 -41.97 -69.44 3.75
CA VAL C 124 -42.63 -69.62 5.04
C VAL C 124 -42.73 -71.11 5.38
N TYR C 125 -41.87 -71.54 6.29
CA TYR C 125 -41.86 -72.91 6.80
C TYR C 125 -42.48 -72.88 8.22
N PRO C 126 -43.74 -73.34 8.37
CA PRO C 126 -44.39 -73.31 9.71
C PRO C 126 -43.86 -74.35 10.72
N LEU C 127 -44.21 -74.18 12.00
CA LEU C 127 -43.72 -75.04 13.10
C LEU C 127 -44.85 -75.45 14.06
N ALA C 128 -44.84 -76.73 14.44
CA ALA C 128 -45.70 -77.29 15.50
C ALA C 128 -44.92 -78.39 16.24
N PRO C 129 -45.16 -78.58 17.56
CA PRO C 129 -44.25 -79.37 18.44
C PRO C 129 -43.98 -80.84 18.07
N GLY C 130 -43.06 -81.48 18.82
CA GLY C 130 -42.63 -82.88 18.58
C GLY C 130 -42.94 -83.86 19.71
N SER C 131 -44.23 -83.91 20.09
CA SER C 131 -44.78 -84.87 21.07
C SER C 131 -44.21 -84.71 22.49
N ALA C 132 -43.97 -85.81 23.21
CA ALA C 132 -43.55 -85.79 24.63
C ALA C 132 -44.66 -85.17 25.54
N ALA C 133 -44.29 -84.73 26.75
CA ALA C 133 -45.25 -84.23 27.77
C ALA C 133 -46.05 -82.99 27.33
N GLN C 134 -47.38 -83.06 27.48
CA GLN C 134 -48.33 -81.98 27.11
C GLN C 134 -49.11 -81.43 28.35
N THR C 135 -48.47 -81.41 29.54
CA THR C 135 -49.06 -80.80 30.75
C THR C 135 -48.89 -79.26 30.71
N ASN C 136 -49.48 -78.56 31.68
CA ASN C 136 -49.47 -77.07 31.81
C ASN C 136 -50.64 -76.36 31.07
N SER C 137 -51.24 -77.02 30.07
CA SER C 137 -52.42 -76.52 29.32
C SER C 137 -52.16 -75.26 28.43
N MET C 138 -50.88 -74.99 28.17
CA MET C 138 -50.43 -73.93 27.25
C MET C 138 -49.25 -74.53 26.46
N VAL C 139 -49.24 -74.38 25.14
CA VAL C 139 -48.06 -74.74 24.31
C VAL C 139 -47.87 -73.72 23.20
N THR C 140 -46.61 -73.31 23.00
CA THR C 140 -46.26 -72.27 22.03
C THR C 140 -45.95 -72.91 20.67
N LEU C 141 -46.51 -72.33 19.61
CA LEU C 141 -46.27 -72.76 18.23
C LEU C 141 -45.34 -71.77 17.54
N GLY C 142 -44.88 -72.10 16.33
CA GLY C 142 -43.95 -71.25 15.57
C GLY C 142 -44.30 -71.04 14.10
N CYS C 143 -43.60 -70.07 13.48
CA CYS C 143 -43.76 -69.76 12.05
C CYS C 143 -42.49 -69.08 11.49
N LEU C 144 -41.58 -69.91 10.96
CA LEU C 144 -40.21 -69.49 10.59
C LEU C 144 -40.14 -68.95 9.16
N VAL C 145 -39.54 -67.77 9.00
CA VAL C 145 -39.46 -67.07 7.70
C VAL C 145 -38.01 -66.81 7.31
N LYS C 146 -37.58 -67.39 6.19
CA LYS C 146 -36.18 -67.50 5.81
C LYS C 146 -35.91 -66.78 4.50
N GLY C 147 -34.69 -66.25 4.37
CA GLY C 147 -34.09 -65.94 3.07
C GLY C 147 -34.66 -64.80 2.24
N TYR C 148 -34.82 -63.62 2.84
CA TYR C 148 -35.38 -62.46 2.13
C TYR C 148 -34.47 -61.24 2.07
N PHE C 149 -34.82 -60.33 1.15
CA PHE C 149 -34.09 -59.08 0.91
C PHE C 149 -34.95 -58.22 -0.04
N PRO C 150 -35.12 -56.91 0.19
CA PRO C 150 -34.65 -56.16 1.38
C PRO C 150 -35.56 -56.35 2.60
N GLU C 151 -35.50 -55.43 3.56
CA GLU C 151 -36.43 -55.38 4.68
C GLU C 151 -37.48 -54.25 4.47
N PRO C 152 -38.52 -54.13 5.33
CA PRO C 152 -38.89 -55.10 6.38
C PRO C 152 -40.07 -56.01 5.98
N VAL C 153 -40.63 -56.74 6.95
CA VAL C 153 -41.79 -57.64 6.76
C VAL C 153 -42.72 -57.64 7.97
N THR C 154 -44.04 -57.82 7.73
CA THR C 154 -45.03 -57.97 8.80
C THR C 154 -45.37 -59.45 8.99
N VAL C 155 -45.15 -59.96 10.20
CA VAL C 155 -45.42 -61.36 10.52
C VAL C 155 -46.65 -61.41 11.44
N THR C 156 -47.82 -61.56 10.81
CA THR C 156 -49.10 -61.59 11.53
C THR C 156 -49.56 -63.03 11.82
N TRP C 157 -50.44 -63.14 12.82
CA TRP C 157 -51.03 -64.41 13.26
C TRP C 157 -52.56 -64.34 13.13
N ASN C 158 -53.09 -65.12 12.17
CA ASN C 158 -54.52 -65.20 11.90
C ASN C 158 -55.10 -63.85 11.42
N SER C 159 -54.46 -63.28 10.39
CA SER C 159 -54.92 -62.07 9.69
C SER C 159 -54.93 -60.78 10.53
N GLY C 160 -53.91 -60.62 11.38
CA GLY C 160 -53.71 -59.38 12.16
C GLY C 160 -54.65 -59.18 13.34
N SER C 161 -55.16 -60.30 13.88
CA SER C 161 -56.17 -60.30 14.95
C SER C 161 -55.61 -60.91 16.23
N LEU C 162 -55.13 -62.16 16.16
CA LEU C 162 -54.55 -62.84 17.32
C LEU C 162 -53.16 -62.23 17.62
N SER C 163 -53.09 -61.44 18.69
CA SER C 163 -51.83 -60.83 19.14
C SER C 163 -51.90 -60.46 20.62
N SER C 164 -51.86 -61.51 21.46
CA SER C 164 -51.86 -61.36 22.92
C SER C 164 -50.49 -61.73 23.54
N GLY C 165 -49.97 -62.89 23.14
CA GLY C 165 -48.59 -63.30 23.43
C GLY C 165 -47.82 -63.62 22.15
N VAL C 166 -47.94 -62.73 21.15
CA VAL C 166 -47.22 -62.85 19.87
C VAL C 166 -45.89 -62.10 20.00
N HIS C 167 -44.79 -62.84 19.97
CA HIS C 167 -43.45 -62.26 19.98
C HIS C 167 -42.77 -62.56 18.64
N THR C 168 -42.85 -61.61 17.70
CA THR C 168 -42.03 -61.64 16.47
C THR C 168 -40.67 -60.97 16.80
N PHE C 169 -39.58 -61.55 16.29
CA PHE C 169 -38.21 -61.14 16.69
C PHE C 169 -37.50 -60.28 15.62
N PRO C 170 -36.55 -59.39 16.04
CA PRO C 170 -35.57 -58.77 15.13
C PRO C 170 -34.79 -59.78 14.27
N ALA C 171 -34.71 -59.49 12.98
CA ALA C 171 -34.05 -60.37 12.00
C ALA C 171 -32.54 -60.54 12.24
N VAL C 172 -31.87 -61.32 11.39
CA VAL C 172 -30.40 -61.41 11.38
C VAL C 172 -29.91 -61.82 9.98
N LEU C 173 -28.77 -61.27 9.57
CA LEU C 173 -28.28 -61.37 8.19
C LEU C 173 -27.61 -62.75 8.01
N GLN C 174 -27.78 -63.32 6.81
CA GLN C 174 -27.30 -64.66 6.47
C GLN C 174 -26.76 -64.64 5.02
N SER C 175 -25.69 -63.88 4.82
CA SER C 175 -25.08 -63.57 3.50
C SER C 175 -26.12 -63.12 2.45
N ASP C 176 -26.30 -61.79 2.37
CA ASP C 176 -27.40 -61.10 1.63
C ASP C 176 -28.81 -61.77 1.66
N LEU C 177 -29.17 -62.25 2.84
CA LEU C 177 -30.46 -62.88 3.10
C LEU C 177 -30.78 -62.69 4.59
N TYR C 178 -32.00 -62.25 4.92
CA TYR C 178 -32.45 -62.15 6.32
C TYR C 178 -33.32 -63.34 6.71
N THR C 179 -33.20 -63.77 7.98
CA THR C 179 -34.06 -64.82 8.55
C THR C 179 -34.55 -64.31 9.91
N LEU C 180 -35.87 -64.26 10.10
CA LEU C 180 -36.49 -64.00 11.41
C LEU C 180 -37.57 -65.02 11.72
N SER C 181 -37.91 -65.11 13.00
CA SER C 181 -38.85 -66.09 13.53
C SER C 181 -39.98 -65.39 14.30
N SER C 182 -41.12 -66.08 14.40
CA SER C 182 -42.29 -65.59 15.12
C SER C 182 -42.89 -66.71 15.98
N SER C 183 -43.48 -66.33 17.11
CA SER C 183 -44.15 -67.26 18.03
C SER C 183 -45.51 -66.72 18.50
N VAL C 184 -46.37 -67.66 18.90
CA VAL C 184 -47.65 -67.35 19.56
C VAL C 184 -47.93 -68.45 20.61
N THR C 185 -48.28 -68.02 21.82
CA THR C 185 -48.60 -68.93 22.92
C THR C 185 -50.13 -68.99 23.07
N VAL C 186 -50.72 -70.16 22.77
CA VAL C 186 -52.17 -70.39 22.88
C VAL C 186 -52.44 -71.71 23.65
N PRO C 187 -53.52 -71.75 24.48
CA PRO C 187 -53.93 -72.96 25.22
C PRO C 187 -54.04 -74.28 24.42
N SER C 188 -53.87 -75.39 25.14
CA SER C 188 -53.73 -76.73 24.54
C SER C 188 -54.91 -77.20 23.72
N SER C 189 -56.09 -77.27 24.35
CA SER C 189 -57.23 -78.04 23.83
C SER C 189 -57.94 -77.49 22.57
N THR C 190 -57.84 -76.18 22.28
CA THR C 190 -58.43 -75.60 21.05
C THR C 190 -57.41 -75.27 19.93
N TRP C 191 -56.30 -76.03 19.86
CA TRP C 191 -55.27 -75.85 18.81
C TRP C 191 -54.14 -76.96 18.80
N PRO C 192 -54.41 -78.28 18.77
CA PRO C 192 -55.63 -79.00 18.36
C PRO C 192 -56.72 -78.37 17.43
N SER C 193 -57.95 -78.15 17.91
CA SER C 193 -59.11 -77.92 17.01
C SER C 193 -59.10 -76.61 16.21
N GLN C 194 -59.42 -75.47 16.86
CA GLN C 194 -59.39 -74.17 16.16
C GLN C 194 -57.94 -73.68 15.97
N THR C 195 -57.27 -74.28 14.98
CA THR C 195 -55.85 -74.01 14.67
C THR C 195 -55.65 -72.59 14.11
N VAL C 196 -54.42 -72.08 14.27
CA VAL C 196 -54.07 -70.72 13.86
C VAL C 196 -53.35 -70.76 12.51
N THR C 197 -53.78 -69.89 11.59
CA THR C 197 -53.19 -69.77 10.26
C THR C 197 -52.17 -68.62 10.26
N CYS C 198 -50.91 -68.92 9.93
CA CYS C 198 -49.85 -67.90 9.87
C CYS C 198 -49.75 -67.29 8.47
N ASN C 199 -49.39 -66.01 8.40
CA ASN C 199 -49.18 -65.31 7.13
C ASN C 199 -48.10 -64.22 7.25
N VAL C 200 -47.68 -63.69 6.10
CA VAL C 200 -46.59 -62.71 6.01
C VAL C 200 -46.87 -61.67 4.91
N ALA C 201 -46.25 -60.49 5.04
CA ALA C 201 -46.48 -59.36 4.10
C ALA C 201 -45.18 -58.62 3.78
N HIS C 202 -44.70 -58.77 2.54
CA HIS C 202 -43.47 -58.12 2.06
C HIS C 202 -43.80 -56.98 1.09
N PRO C 203 -43.37 -55.72 1.40
CA PRO C 203 -43.72 -54.57 0.56
C PRO C 203 -43.05 -54.52 -0.83
N ALA C 204 -41.71 -54.47 -0.87
CA ALA C 204 -40.98 -54.37 -2.14
C ALA C 204 -40.95 -55.66 -2.98
N SER C 205 -41.45 -56.77 -2.42
CA SER C 205 -41.50 -58.07 -3.09
C SER C 205 -42.93 -58.37 -3.57
N SER C 206 -43.89 -58.35 -2.63
CA SER C 206 -45.34 -58.57 -2.85
C SER C 206 -45.76 -60.04 -2.88
N THR C 207 -45.46 -60.77 -1.80
CA THR C 207 -46.01 -62.13 -1.57
C THR C 207 -46.67 -62.17 -0.19
N LYS C 208 -47.82 -62.85 -0.10
CA LYS C 208 -48.68 -62.82 1.08
C LYS C 208 -49.13 -64.23 1.51
N VAL C 209 -48.26 -65.22 1.31
CA VAL C 209 -48.65 -66.65 1.42
C VAL C 209 -49.01 -67.04 2.86
N ASP C 210 -50.08 -67.84 3.00
CA ASP C 210 -50.59 -68.31 4.30
C ASP C 210 -50.20 -69.77 4.53
N LYS C 211 -50.15 -70.17 5.81
CA LYS C 211 -49.92 -71.57 6.19
C LYS C 211 -50.69 -71.95 7.47
N LYS C 212 -51.36 -73.11 7.42
CA LYS C 212 -52.12 -73.67 8.54
C LYS C 212 -51.24 -74.70 9.30
N ILE C 213 -51.62 -75.06 10.52
CA ILE C 213 -50.83 -75.95 11.39
C ILE C 213 -51.44 -77.36 11.53
N VAL C 214 -50.58 -78.38 11.33
CA VAL C 214 -50.89 -79.80 11.62
C VAL C 214 -49.63 -80.49 12.16
N PRO C 215 -49.71 -81.19 13.32
CA PRO C 215 -48.53 -81.88 13.89
C PRO C 215 -48.17 -83.19 13.14
N ARG C 216 -47.33 -84.04 13.73
CA ARG C 216 -47.08 -85.41 13.23
C ARG C 216 -47.57 -86.47 14.25
N ASP C 217 -47.71 -87.72 13.80
CA ASP C 217 -48.60 -88.71 14.46
C ASP C 217 -47.93 -89.70 15.45
N CYS C 218 -47.11 -89.19 16.37
CA CYS C 218 -46.46 -90.02 17.41
C CYS C 218 -47.46 -90.33 18.53
#